data_8U2Z
#
_entry.id   8U2Z
#
_cell.length_a   1.00
_cell.length_b   1.00
_cell.length_c   1.00
_cell.angle_alpha   90.00
_cell.angle_beta   90.00
_cell.angle_gamma   90.00
#
_symmetry.space_group_name_H-M   'P 1'
#
loop_
_entity.id
_entity.type
_entity.pdbx_description
1 polymer 'Transient receptor potential cation channel subfamily V member 1'
2 non-polymer '[(2R)-2-octanoyloxy-3-[oxidanyl-[(1R,2R,3S,4R,5R,6S)-2,3,6-tris(oxidanyl)-4,5-diphosphonooxy-cyclohexyl]oxy-phosphoryl]oxy-propyl] octanoate'
3 non-polymer 1,2-DIOLEOYL-SN-GLYCERO-3-PHOSPHOCHOLINE
4 non-polymer CHOLESTEROL
5 non-polymer 'SODIUM ION'
6 water water
#
_entity_poly.entity_id   1
_entity_poly.type   'polypeptide(L)'
_entity_poly.pdbx_seq_one_letter_code
;MGSRLYDRRSIFDAVAQSNCQELESLLPFLQRSKKRLTDSEFKDPETGKTCLLKAMLNLHNGQNDTIALLLDVARKTDSL
KQFVNASYTDSYYKGQTALHIAIERRNMTLVTLLVENGADVQAAANGDFFKKTKGRPGFYFGELPLSLAACTNQLAIVKF
LLQNSWQPADISARDSVGNTVLHALVEVADNTVDNTKFVTSMYNEILILGAKLHPTLKLEEITNRKGLTPLALAASSGKI
GVLAYILQREIHEPECRHLSRKFTEWAYGPVHSSLYDLSCIDTCEKNSVLEVIAYSSSETPNRHDMLLVEPLNRLLQDKW
DRFVKRIFYFNFFVYCLYMIIFTAAAYYRPVEGLPPYKLKNTVGDYFRVTGEILSVSGGVYFFFRGIQYFLQRRPSLKSL
FVDSYSEILFFVQSLFMLVSVVLYFSQRKEYVASMVFSLAMGWTNMLYYTRGFQQMGIYAVMIEKMILRDLCRFMFVYLV
FLFGFSTAVVTLIEDGKYNSLYSTCLELFKFTIGMGDLEFTENYDFKAVFIILLLAYVILTYILLLNMLIALMGETVNKI
AQESKNIWKLQRAITILDTEKSFLKCMRKAFRSGKLLQVGFTPDGKDDYRWCFRVDEVNWTTWNTNVGIINEDPG
;
_entity_poly.pdbx_strand_id   A,D,B,C
#
# COMPACT_ATOMS: atom_id res chain seq x y z
N GLY A 95 28.04 -36.80 32.98
CA GLY A 95 28.25 -36.03 34.19
C GLY A 95 26.99 -35.88 35.02
N GLN A 96 25.86 -36.34 34.47
CA GLN A 96 24.59 -36.22 35.17
C GLN A 96 24.57 -37.12 36.40
N THR A 97 23.89 -36.64 37.44
CA THR A 97 23.77 -37.36 38.70
C THR A 97 22.30 -37.52 39.07
N ALA A 98 22.04 -38.49 39.95
CA ALA A 98 20.66 -38.89 40.25
C ALA A 98 19.79 -37.69 40.60
N LEU A 99 20.33 -36.74 41.36
CA LEU A 99 19.54 -35.58 41.74
C LEU A 99 19.11 -34.77 40.52
N HIS A 100 19.97 -34.70 39.50
CA HIS A 100 19.61 -33.99 38.28
C HIS A 100 18.41 -34.65 37.60
N ILE A 101 18.43 -35.98 37.50
CA ILE A 101 17.32 -36.69 36.89
C ILE A 101 16.05 -36.47 37.71
N ALA A 102 16.16 -36.57 39.04
CA ALA A 102 14.99 -36.37 39.89
C ALA A 102 14.40 -34.98 39.69
N ILE A 103 15.26 -33.97 39.60
CA ILE A 103 14.78 -32.63 39.28
C ILE A 103 14.06 -32.63 37.95
N GLU A 104 14.61 -33.34 36.96
CA GLU A 104 13.95 -33.45 35.67
C GLU A 104 12.63 -34.23 35.78
N ARG A 105 12.64 -35.34 36.53
CA ARG A 105 11.42 -36.13 36.69
C ARG A 105 10.42 -35.46 37.63
N ARG A 106 10.91 -34.64 38.57
CA ARG A 106 10.06 -33.89 39.48
C ARG A 106 9.34 -34.81 40.46
N ASN A 107 10.03 -35.85 40.93
CA ASN A 107 9.48 -36.71 41.98
C ASN A 107 10.02 -36.17 43.29
N MET A 108 9.32 -35.15 43.78
CA MET A 108 9.73 -34.42 44.96
C MET A 108 9.84 -35.33 46.17
N THR A 109 9.13 -36.46 46.16
CA THR A 109 9.37 -37.51 47.17
C THR A 109 10.79 -38.07 47.03
N LEU A 110 11.20 -38.40 45.80
CA LEU A 110 12.53 -38.95 45.61
C LEU A 110 13.60 -37.92 45.94
N VAL A 111 13.38 -36.65 45.57
CA VAL A 111 14.34 -35.62 45.90
C VAL A 111 14.45 -35.46 47.41
N THR A 112 13.31 -35.49 48.10
CA THR A 112 13.33 -35.41 49.56
C THR A 112 14.05 -36.59 50.17
N LEU A 113 13.93 -37.78 49.57
CA LEU A 113 14.63 -38.95 50.09
C LEU A 113 16.13 -38.86 49.84
N LEU A 114 16.51 -38.40 48.65
CA LEU A 114 17.92 -38.22 48.35
C LEU A 114 18.56 -37.20 49.29
N VAL A 115 17.84 -36.11 49.56
CA VAL A 115 18.35 -35.08 50.46
C VAL A 115 18.26 -35.49 51.92
N GLU A 116 17.36 -36.41 52.27
CA GLU A 116 17.25 -36.85 53.65
C GLU A 116 18.53 -37.51 54.13
N ASN A 117 19.13 -38.35 53.28
CA ASN A 117 20.45 -38.88 53.57
C ASN A 117 21.51 -37.80 53.53
N GLY A 118 21.26 -36.70 52.83
CA GLY A 118 22.23 -35.63 52.71
C GLY A 118 23.25 -35.92 51.62
N ALA A 119 22.76 -36.29 50.44
CA ALA A 119 23.65 -36.68 49.34
C ALA A 119 24.56 -35.54 48.92
N ASP A 120 23.98 -34.48 48.36
CA ASP A 120 24.73 -33.32 47.91
C ASP A 120 23.74 -32.31 47.36
N VAL A 121 24.15 -31.05 47.20
CA VAL A 121 23.24 -29.96 46.72
C VAL A 121 24.00 -29.03 45.75
N GLN A 122 25.22 -29.29 45.41
CA GLN A 122 25.98 -28.44 44.45
C GLN A 122 26.64 -29.33 43.39
N ALA A 123 27.86 -29.85 43.62
CA ALA A 123 28.61 -30.61 42.59
C ALA A 123 28.56 -29.80 41.29
N ALA A 124 28.44 -30.43 40.11
CA ALA A 124 28.25 -29.70 38.82
C ALA A 124 28.08 -30.76 37.74
N ALA A 125 27.39 -30.43 36.64
CA ALA A 125 27.33 -31.30 35.44
C ALA A 125 28.44 -30.76 34.54
N ASN A 126 29.09 -31.58 33.73
CA ASN A 126 30.12 -31.17 32.78
C ASN A 126 30.03 -31.94 31.46
N GLY A 127 28.85 -32.45 31.11
CA GLY A 127 28.72 -33.25 29.91
C GLY A 127 28.84 -32.38 28.66
N ASP A 128 29.40 -32.98 27.60
CA ASP A 128 29.45 -32.29 26.32
C ASP A 128 28.06 -31.88 25.85
N PHE A 129 27.06 -32.74 26.11
CA PHE A 129 25.69 -32.36 25.82
C PHE A 129 25.29 -31.12 26.63
N PHE A 130 25.68 -31.07 27.89
CA PHE A 130 25.30 -29.99 28.79
C PHE A 130 26.05 -28.71 28.42
N PRO A 137 22.89 -31.31 19.30
CA PRO A 137 22.04 -31.68 20.43
C PRO A 137 22.63 -31.27 21.77
N GLY A 138 21.87 -30.51 22.55
CA GLY A 138 22.34 -30.08 23.86
C GLY A 138 21.31 -29.25 24.56
N PHE A 139 21.64 -28.88 25.79
CA PHE A 139 20.77 -28.03 26.61
C PHE A 139 21.59 -27.47 27.75
N TYR A 140 21.58 -26.15 27.91
CA TYR A 140 22.36 -25.47 28.94
C TYR A 140 21.44 -24.89 29.99
N PHE A 141 21.79 -25.10 31.26
CA PHE A 141 20.99 -24.60 32.37
C PHE A 141 21.83 -24.04 33.51
N GLY A 142 23.16 -24.11 33.43
CA GLY A 142 24.03 -23.71 34.52
C GLY A 142 24.71 -24.84 35.26
N GLU A 143 24.56 -26.08 34.80
CA GLU A 143 25.21 -27.25 35.37
C GLU A 143 25.18 -27.22 36.90
N LEU A 144 23.97 -27.14 37.44
CA LEU A 144 23.74 -27.23 38.87
C LEU A 144 22.30 -27.67 39.10
N PRO A 145 22.02 -28.27 40.26
CA PRO A 145 20.61 -28.60 40.56
C PRO A 145 19.79 -27.38 40.90
N LEU A 146 20.41 -26.38 41.53
CA LEU A 146 19.71 -25.13 41.81
C LEU A 146 19.24 -24.46 40.53
N SER A 147 20.16 -24.27 39.57
CA SER A 147 19.79 -23.66 38.31
C SER A 147 18.82 -24.55 37.52
N LEU A 148 19.05 -25.86 37.54
CA LEU A 148 18.15 -26.77 36.84
C LEU A 148 16.72 -26.64 37.37
N ALA A 149 16.57 -26.60 38.68
CA ALA A 149 15.25 -26.42 39.27
C ALA A 149 14.67 -25.05 38.91
N ALA A 150 15.47 -24.00 39.01
CA ALA A 150 14.96 -22.67 38.72
C ALA A 150 14.52 -22.51 37.27
N CYS A 151 15.11 -23.30 36.36
CA CYS A 151 14.90 -23.10 34.93
C CYS A 151 13.81 -23.96 34.33
N THR A 152 13.21 -24.88 35.08
CA THR A 152 12.35 -25.90 34.50
C THR A 152 11.08 -26.12 35.33
N ASN A 153 10.45 -25.03 35.79
CA ASN A 153 9.20 -25.12 36.56
C ASN A 153 9.38 -25.94 37.83
N GLN A 154 10.23 -25.43 38.72
CA GLN A 154 10.38 -26.00 40.06
C GLN A 154 10.50 -24.85 41.06
N LEU A 155 9.42 -24.55 41.76
CA LEU A 155 9.46 -23.66 42.91
C LEU A 155 9.65 -24.43 44.21
N ALA A 156 8.92 -25.53 44.39
CA ALA A 156 9.05 -26.34 45.60
C ALA A 156 10.46 -26.91 45.73
N ILE A 157 10.99 -27.46 44.65
CA ILE A 157 12.30 -28.09 44.71
C ILE A 157 13.39 -27.06 44.98
N VAL A 158 13.30 -25.89 44.35
CA VAL A 158 14.31 -24.86 44.57
C VAL A 158 14.21 -24.33 46.00
N LYS A 159 12.99 -24.17 46.52
CA LYS A 159 12.83 -23.73 47.90
C LYS A 159 13.43 -24.75 48.86
N PHE A 160 13.22 -26.03 48.60
CA PHE A 160 13.81 -27.07 49.44
C PHE A 160 15.34 -27.10 49.31
N LEU A 161 15.85 -26.86 48.11
CA LEU A 161 17.29 -26.97 47.87
C LEU A 161 18.05 -25.80 48.52
N LEU A 162 17.54 -24.58 48.36
CA LEU A 162 18.28 -23.42 48.83
C LEU A 162 18.62 -23.51 50.30
N GLN A 163 17.72 -24.07 51.11
CA GLN A 163 17.96 -24.26 52.53
C GLN A 163 17.44 -25.62 52.96
N ASN A 164 18.23 -26.32 53.77
CA ASN A 164 17.86 -27.61 54.33
C ASN A 164 18.87 -27.99 55.37
N SER A 165 18.44 -28.82 56.33
CA SER A 165 19.29 -29.17 57.47
C SER A 165 20.56 -29.87 57.02
N TRP A 166 20.43 -30.82 56.09
CA TRP A 166 21.56 -31.68 55.74
C TRP A 166 22.64 -30.90 55.00
N GLN A 167 22.27 -30.13 53.98
CA GLN A 167 23.25 -29.38 53.21
C GLN A 167 22.59 -28.22 52.48
N PRO A 168 22.51 -27.03 53.09
CA PRO A 168 21.95 -25.88 52.37
C PRO A 168 22.70 -25.61 51.08
N ALA A 169 21.94 -25.25 50.04
CA ALA A 169 22.51 -25.01 48.72
C ALA A 169 22.94 -23.55 48.61
N ASP A 170 24.23 -23.32 48.45
CA ASP A 170 24.74 -21.97 48.32
C ASP A 170 24.19 -21.34 47.04
N ILE A 171 23.53 -20.18 47.18
CA ILE A 171 22.96 -19.49 46.04
C ILE A 171 23.97 -18.64 45.30
N SER A 172 25.13 -18.38 45.90
CA SER A 172 26.16 -17.55 45.29
C SER A 172 27.18 -18.35 44.49
N ALA A 173 26.96 -19.65 44.34
CA ALA A 173 27.92 -20.48 43.61
C ALA A 173 28.09 -19.98 42.19
N ARG A 174 29.34 -19.94 41.73
CA ARG A 174 29.69 -19.54 40.37
C ARG A 174 30.26 -20.74 39.63
N ASP A 175 29.78 -20.96 38.40
CA ASP A 175 30.14 -22.14 37.63
C ASP A 175 31.38 -21.85 36.79
N SER A 176 31.67 -22.72 35.83
CA SER A 176 32.83 -22.53 34.97
C SER A 176 32.76 -21.18 34.25
N VAL A 177 31.60 -20.88 33.66
CA VAL A 177 31.37 -19.56 33.07
C VAL A 177 30.99 -18.53 34.12
N GLY A 178 30.86 -18.93 35.38
CA GLY A 178 30.37 -18.05 36.42
C GLY A 178 28.87 -17.87 36.40
N ASN A 179 28.14 -18.80 35.80
CA ASN A 179 26.71 -18.63 35.60
C ASN A 179 25.97 -18.84 36.92
N THR A 180 25.65 -17.73 37.58
CA THR A 180 24.79 -17.77 38.75
C THR A 180 23.37 -18.13 38.33
N VAL A 181 22.55 -18.51 39.32
CA VAL A 181 21.19 -18.91 39.03
C VAL A 181 20.42 -17.77 38.34
N LEU A 182 20.66 -16.54 38.78
CA LEU A 182 20.02 -15.39 38.13
C LEU A 182 20.55 -15.21 36.71
N HIS A 183 21.87 -15.29 36.55
CA HIS A 183 22.45 -15.14 35.22
C HIS A 183 22.01 -16.27 34.30
N ALA A 184 21.91 -17.49 34.85
CA ALA A 184 21.40 -18.61 34.06
C ALA A 184 19.94 -18.38 33.65
N LEU A 185 19.11 -17.88 34.59
CA LEU A 185 17.73 -17.57 34.26
C LEU A 185 17.65 -16.56 33.13
N VAL A 186 18.52 -15.55 33.17
CA VAL A 186 18.58 -14.59 32.07
C VAL A 186 18.96 -15.30 30.78
N GLU A 187 19.93 -16.19 30.84
CA GLU A 187 20.40 -16.87 29.63
C GLU A 187 19.32 -17.75 29.01
N VAL A 188 18.44 -18.30 29.84
CA VAL A 188 17.44 -19.24 29.33
C VAL A 188 16.25 -18.55 28.67
N ALA A 189 16.07 -17.25 28.92
CA ALA A 189 14.90 -16.56 28.37
C ALA A 189 14.88 -16.65 26.85
N ASP A 190 13.68 -16.84 26.30
CA ASP A 190 13.50 -17.02 24.86
C ASP A 190 12.52 -16.02 24.25
N ASN A 191 12.05 -15.04 25.01
CA ASN A 191 11.19 -13.98 24.50
C ASN A 191 9.88 -14.54 23.96
N THR A 192 9.12 -15.19 24.85
CA THR A 192 7.77 -15.63 24.58
C THR A 192 6.88 -15.20 25.73
N VAL A 193 5.60 -14.97 25.43
CA VAL A 193 4.69 -14.41 26.44
C VAL A 193 4.66 -15.30 27.68
N ASP A 194 4.43 -16.60 27.48
CA ASP A 194 4.38 -17.51 28.62
C ASP A 194 5.76 -17.71 29.22
N ASN A 195 6.78 -17.91 28.37
CA ASN A 195 8.13 -18.07 28.87
C ASN A 195 8.60 -16.80 29.58
N THR A 196 8.31 -15.63 29.00
CA THR A 196 8.69 -14.38 29.63
C THR A 196 8.02 -14.23 30.99
N LYS A 197 6.71 -14.47 31.05
CA LYS A 197 5.99 -14.37 32.31
C LYS A 197 6.61 -15.28 33.36
N PHE A 198 6.85 -16.54 32.98
CA PHE A 198 7.37 -17.50 33.95
C PHE A 198 8.76 -17.12 34.43
N VAL A 199 9.64 -16.71 33.50
CA VAL A 199 11.01 -16.42 33.90
C VAL A 199 11.05 -15.18 34.77
N THR A 200 10.22 -14.17 34.48
CA THR A 200 10.16 -13.01 35.35
C THR A 200 9.66 -13.38 36.74
N SER A 201 8.62 -14.23 36.81
CA SER A 201 8.13 -14.66 38.11
C SER A 201 9.20 -15.42 38.88
N MET A 202 9.92 -16.30 38.20
CA MET A 202 10.98 -17.07 38.86
C MET A 202 12.08 -16.15 39.36
N TYR A 203 12.46 -15.16 38.55
CA TYR A 203 13.47 -14.20 38.98
C TYR A 203 13.03 -13.46 40.23
N ASN A 204 11.78 -12.97 40.24
CA ASN A 204 11.28 -12.27 41.41
C ASN A 204 11.31 -13.16 42.64
N GLU A 205 10.78 -14.38 42.52
CA GLU A 205 10.68 -15.27 43.67
C GLU A 205 12.05 -15.62 44.21
N ILE A 206 12.99 -15.96 43.32
CA ILE A 206 14.32 -16.36 43.77
C ILE A 206 15.02 -15.19 44.42
N LEU A 207 14.90 -13.98 43.85
CA LEU A 207 15.54 -12.83 44.44
C LEU A 207 15.02 -12.56 45.85
N ILE A 208 13.69 -12.55 46.01
CA ILE A 208 13.13 -12.26 47.32
C ILE A 208 13.51 -13.35 48.33
N LEU A 209 13.48 -14.61 47.91
CA LEU A 209 13.83 -15.69 48.83
C LEU A 209 15.29 -15.59 49.25
N GLY A 210 16.18 -15.36 48.29
CA GLY A 210 17.60 -15.24 48.63
C GLY A 210 17.85 -14.06 49.56
N ALA A 211 17.17 -12.94 49.33
CA ALA A 211 17.32 -11.81 50.23
C ALA A 211 16.83 -12.15 51.63
N LYS A 212 15.68 -12.81 51.73
CA LYS A 212 15.14 -13.14 53.04
C LYS A 212 16.06 -14.09 53.80
N LEU A 213 16.60 -15.11 53.11
CA LEU A 213 17.48 -16.05 53.78
C LEU A 213 18.83 -15.40 54.09
N HIS A 214 19.40 -14.66 53.14
CA HIS A 214 20.69 -14.00 53.30
C HIS A 214 20.51 -12.54 52.92
N PRO A 215 20.14 -11.67 53.88
CA PRO A 215 19.86 -10.27 53.53
C PRO A 215 21.12 -9.45 53.28
N THR A 216 22.22 -9.81 53.95
CA THR A 216 23.46 -9.06 53.78
C THR A 216 23.96 -9.15 52.35
N LEU A 217 23.90 -10.34 51.75
CA LEU A 217 24.42 -10.53 50.42
C LEU A 217 23.52 -9.89 49.38
N LYS A 218 24.12 -9.43 48.28
CA LYS A 218 23.41 -8.82 47.17
C LYS A 218 23.81 -9.56 45.89
N LEU A 219 22.89 -10.36 45.36
CA LEU A 219 23.19 -11.18 44.19
C LEU A 219 23.20 -10.40 42.89
N GLU A 220 22.60 -9.21 42.87
CA GLU A 220 22.51 -8.46 41.62
C GLU A 220 23.89 -8.08 41.09
N GLU A 221 24.77 -7.61 41.99
CA GLU A 221 26.10 -7.18 41.57
C GLU A 221 26.98 -8.33 41.11
N ILE A 222 26.59 -9.58 41.37
CA ILE A 222 27.39 -10.72 40.97
C ILE A 222 27.60 -10.68 39.46
N THR A 223 28.81 -10.99 39.03
CA THR A 223 29.19 -10.92 37.63
C THR A 223 29.89 -12.22 37.22
N ASN A 224 29.80 -12.54 35.94
CA ASN A 224 30.39 -13.75 35.41
C ASN A 224 31.89 -13.56 35.22
N ARG A 225 32.55 -14.60 34.70
CA ARG A 225 33.98 -14.51 34.42
C ARG A 225 34.26 -13.44 33.37
N LYS A 226 33.41 -13.35 32.34
CA LYS A 226 33.57 -12.32 31.33
C LYS A 226 33.47 -10.92 31.92
N GLY A 227 32.85 -10.77 33.08
CA GLY A 227 32.75 -9.47 33.72
C GLY A 227 31.48 -8.74 33.38
N LEU A 228 30.34 -9.45 33.38
CA LEU A 228 29.05 -8.89 33.04
C LEU A 228 28.03 -9.24 34.12
N THR A 229 27.21 -8.26 34.48
CA THR A 229 26.08 -8.48 35.37
C THR A 229 24.92 -9.10 34.59
N PRO A 230 23.99 -9.76 35.28
CA PRO A 230 22.88 -10.40 34.56
C PRO A 230 22.11 -9.44 33.67
N LEU A 231 21.88 -8.21 34.13
CA LEU A 231 21.22 -7.22 33.28
C LEU A 231 22.07 -6.91 32.05
N ALA A 232 23.39 -6.85 32.23
CA ALA A 232 24.26 -6.57 31.09
C ALA A 232 24.13 -7.64 30.02
N LEU A 233 24.09 -8.91 30.41
CA LEU A 233 23.90 -9.96 29.42
C LEU A 233 22.49 -9.93 28.83
N ALA A 234 21.48 -9.66 29.66
CA ALA A 234 20.13 -9.55 29.13
C ALA A 234 20.08 -8.51 28.01
N ALA A 235 20.81 -7.41 28.17
CA ALA A 235 20.85 -6.38 27.14
C ALA A 235 21.70 -6.82 25.95
N SER A 236 22.84 -7.46 26.21
CA SER A 236 23.74 -7.85 25.12
C SER A 236 23.10 -8.89 24.21
N SER A 237 22.47 -9.91 24.80
CA SER A 237 21.93 -11.02 24.02
C SER A 237 20.56 -10.72 23.43
N GLY A 238 19.96 -9.57 23.75
CA GLY A 238 18.69 -9.20 23.17
C GLY A 238 17.47 -9.77 23.88
N LYS A 239 17.54 -9.96 25.20
CA LYS A 239 16.41 -10.49 25.96
C LYS A 239 15.54 -9.33 26.40
N ILE A 240 14.52 -9.03 25.60
CA ILE A 240 13.69 -7.84 25.85
C ILE A 240 12.83 -8.02 27.09
N GLY A 241 12.22 -9.19 27.27
CA GLY A 241 11.28 -9.37 28.35
C GLY A 241 11.92 -9.25 29.73
N VAL A 242 13.06 -9.91 29.90
CA VAL A 242 13.76 -9.86 31.19
C VAL A 242 14.20 -8.44 31.49
N LEU A 243 14.75 -7.76 30.49
CA LEU A 243 15.18 -6.37 30.67
C LEU A 243 14.00 -5.49 31.06
N ALA A 244 12.88 -5.65 30.35
CA ALA A 244 11.71 -4.82 30.65
C ALA A 244 11.23 -5.07 32.07
N TYR A 245 11.21 -6.33 32.51
CA TYR A 245 10.80 -6.61 33.88
C TYR A 245 11.75 -5.97 34.89
N ILE A 246 13.05 -6.10 34.65
CA ILE A 246 14.02 -5.63 35.64
C ILE A 246 14.01 -4.11 35.74
N LEU A 247 13.97 -3.42 34.61
CA LEU A 247 14.16 -1.97 34.61
C LEU A 247 13.07 -1.27 35.41
N GLN A 248 11.87 -1.83 35.48
CA GLN A 248 10.75 -1.27 36.23
C GLN A 248 10.27 -2.26 37.28
N ARG A 249 11.21 -2.89 37.98
CA ARG A 249 10.88 -3.85 39.02
C ARG A 249 10.46 -3.13 40.30
N GLU A 250 9.60 -3.80 41.09
CA GLU A 250 9.11 -3.23 42.33
C GLU A 250 8.72 -4.37 43.28
N ILE A 251 8.98 -4.16 44.58
CA ILE A 251 8.65 -5.12 45.62
C ILE A 251 7.84 -4.42 46.70
N HIS A 252 6.69 -5.00 47.02
CA HIS A 252 5.70 -4.50 48.00
C HIS A 252 5.72 -5.27 49.31
N GLU A 253 6.90 -5.70 49.78
CA GLU A 253 6.99 -6.45 51.02
C GLU A 253 8.07 -5.85 51.92
N PRO A 254 7.77 -5.58 53.19
CA PRO A 254 8.82 -5.10 54.10
C PRO A 254 9.95 -6.09 54.23
N GLU A 255 11.12 -5.57 54.63
CA GLU A 255 12.37 -6.29 54.84
C GLU A 255 13.06 -6.61 53.51
N CYS A 256 12.43 -6.35 52.36
CA CYS A 256 13.09 -6.52 51.07
C CYS A 256 12.73 -5.39 50.10
N ARG A 257 12.19 -4.28 50.61
CA ARG A 257 11.82 -3.17 49.74
C ARG A 257 13.03 -2.58 49.03
N HIS A 258 14.22 -2.70 49.63
CA HIS A 258 15.41 -2.12 49.04
C HIS A 258 15.70 -2.70 47.66
N LEU A 259 15.29 -3.95 47.42
CA LEU A 259 15.57 -4.60 46.15
C LEU A 259 14.79 -3.97 44.99
N SER A 260 13.77 -3.18 45.30
CA SER A 260 12.97 -2.55 44.25
C SER A 260 13.79 -1.49 43.52
N ARG A 261 13.34 -1.15 42.31
CA ARG A 261 13.98 -0.13 41.50
C ARG A 261 13.08 1.06 41.19
N LYS A 262 11.77 0.84 41.06
CA LYS A 262 10.82 1.91 40.79
C LYS A 262 10.02 2.22 42.04
N PHE A 263 9.83 3.51 42.30
CA PHE A 263 9.10 3.95 43.50
C PHE A 263 8.05 4.99 43.14
N THR A 264 7.44 5.59 44.16
CA THR A 264 6.41 6.62 43.98
C THR A 264 6.64 7.67 45.06
N GLU A 265 7.42 8.72 44.70
CA GLU A 265 7.76 9.74 45.68
C GLU A 265 6.52 10.44 46.22
N TRP A 266 5.58 10.78 45.33
CA TRP A 266 4.35 11.42 45.75
C TRP A 266 3.29 11.19 44.68
N ALA A 267 2.08 10.85 45.14
CA ALA A 267 0.93 10.69 44.27
C ALA A 267 -0.08 11.78 44.59
N TYR A 268 -0.65 12.39 43.55
CA TYR A 268 -1.60 13.49 43.72
C TYR A 268 -2.76 13.20 42.79
N GLY A 269 -3.89 12.79 43.35
CA GLY A 269 -5.10 12.60 42.57
C GLY A 269 -4.83 11.87 41.26
N PRO A 270 -5.02 12.56 40.12
CA PRO A 270 -4.66 11.94 38.83
C PRO A 270 -3.17 11.74 38.67
N VAL A 271 -2.42 12.81 38.89
CA VAL A 271 -0.99 12.82 38.61
C VAL A 271 -0.23 12.16 39.76
N HIS A 272 0.74 11.34 39.42
CA HIS A 272 1.58 10.69 40.41
C HIS A 272 2.98 10.53 39.83
N SER A 273 3.99 10.84 40.64
CA SER A 273 5.37 10.87 40.20
C SER A 273 6.09 9.62 40.66
N SER A 274 6.80 8.98 39.72
CA SER A 274 7.54 7.75 39.99
C SER A 274 9.02 7.98 39.73
N LEU A 275 9.85 7.28 40.51
CA LEU A 275 11.30 7.41 40.42
C LEU A 275 11.88 6.11 39.88
N TYR A 276 12.92 6.25 39.05
CA TYR A 276 13.53 5.11 38.38
C TYR A 276 15.00 5.02 38.76
N ASP A 277 15.46 3.80 38.99
CA ASP A 277 16.87 3.55 39.28
C ASP A 277 17.70 3.66 38.01
N LEU A 278 18.61 4.63 37.98
CA LEU A 278 19.49 4.82 36.84
C LEU A 278 20.87 4.21 37.04
N SER A 279 21.12 3.59 38.19
CA SER A 279 22.39 2.93 38.40
C SER A 279 22.56 1.82 37.36
N CYS A 280 23.74 1.79 36.74
CA CYS A 280 24.09 0.85 35.68
C CYS A 280 23.29 1.10 34.41
N ILE A 281 22.64 2.25 34.27
CA ILE A 281 21.83 2.58 33.10
C ILE A 281 22.50 3.68 32.27
N ASP A 282 22.66 4.87 32.84
CA ASP A 282 23.22 5.98 32.09
C ASP A 282 24.75 5.87 32.02
N THR A 283 25.41 5.87 33.17
CA THR A 283 26.87 5.72 33.25
C THR A 283 27.18 4.62 34.27
N CYS A 284 27.14 3.38 33.81
CA CYS A 284 27.74 2.29 34.58
C CYS A 284 29.25 2.42 34.60
N GLU A 285 29.82 3.12 33.63
CA GLU A 285 31.26 3.34 33.50
C GLU A 285 31.99 2.06 33.12
N LYS A 286 31.30 0.93 33.10
CA LYS A 286 31.91 -0.34 32.73
C LYS A 286 31.26 -0.97 31.50
N ASN A 287 29.97 -1.30 31.56
CA ASN A 287 29.25 -1.92 30.45
C ASN A 287 27.82 -1.41 30.41
N SER A 288 27.64 -0.10 30.54
CA SER A 288 26.31 0.49 30.65
C SER A 288 25.34 -0.13 29.66
N VAL A 289 24.08 -0.29 30.08
CA VAL A 289 23.08 -0.97 29.26
C VAL A 289 22.89 -0.24 27.94
N LEU A 290 22.79 1.09 27.99
CA LEU A 290 22.64 1.86 26.75
C LEU A 290 23.81 1.61 25.83
N GLU A 291 25.02 1.62 26.38
CA GLU A 291 26.22 1.38 25.60
C GLU A 291 26.19 0.01 24.94
N VAL A 292 25.82 -1.02 25.71
CA VAL A 292 25.79 -2.37 25.17
C VAL A 292 24.75 -2.48 24.07
N ILE A 293 23.57 -1.89 24.28
CA ILE A 293 22.53 -1.93 23.26
C ILE A 293 23.00 -1.23 21.99
N ALA A 294 23.76 -0.14 22.14
CA ALA A 294 24.20 0.63 20.98
C ALA A 294 25.36 -0.05 20.27
N TYR A 295 26.46 -0.32 21.00
CA TYR A 295 27.60 -0.99 20.40
C TYR A 295 27.22 -2.25 19.66
N SER A 296 26.52 -3.15 20.35
CA SER A 296 26.32 -4.52 19.90
C SER A 296 26.07 -4.58 18.40
N SER A 297 26.81 -5.46 17.73
CA SER A 297 26.71 -5.63 16.29
C SER A 297 25.26 -5.89 15.89
N SER A 298 24.95 -5.72 14.60
CA SER A 298 23.57 -5.58 14.15
C SER A 298 22.80 -6.89 14.07
N GLU A 299 23.26 -7.98 14.68
CA GLU A 299 22.56 -9.25 14.56
C GLU A 299 21.60 -9.53 15.73
N THR A 300 21.65 -8.76 16.81
CA THR A 300 20.76 -9.02 17.92
C THR A 300 19.31 -8.81 17.49
N PRO A 301 18.37 -9.65 17.93
CA PRO A 301 17.02 -9.60 17.34
C PRO A 301 16.31 -8.26 17.49
N ASN A 302 16.38 -7.64 18.65
CA ASN A 302 15.50 -6.53 19.01
C ASN A 302 16.28 -5.37 19.63
N ARG A 303 17.37 -4.95 18.97
CA ARG A 303 18.08 -3.78 19.44
C ARG A 303 17.20 -2.55 19.46
N HIS A 304 16.33 -2.39 18.46
CA HIS A 304 15.43 -1.23 18.44
C HIS A 304 14.37 -1.36 19.53
N ASP A 305 13.76 -2.54 19.66
CA ASP A 305 12.67 -2.71 20.60
C ASP A 305 13.11 -2.56 22.05
N MET A 306 14.41 -2.64 22.31
CA MET A 306 14.93 -2.55 23.67
C MET A 306 15.28 -1.13 24.09
N LEU A 307 15.19 -0.15 23.18
CA LEU A 307 15.40 1.25 23.51
C LEU A 307 14.09 2.01 23.69
N LEU A 308 12.96 1.30 23.70
CA LEU A 308 11.66 1.90 23.97
C LEU A 308 11.17 1.63 25.38
N VAL A 309 11.90 0.82 26.16
CA VAL A 309 11.50 0.59 27.55
C VAL A 309 11.43 1.94 28.25
N GLU A 310 10.57 2.03 29.25
CA GLU A 310 10.09 3.30 29.78
C GLU A 310 11.23 4.28 30.10
N PRO A 311 12.15 3.94 31.01
CA PRO A 311 13.16 4.94 31.40
C PRO A 311 14.09 5.36 30.27
N LEU A 312 14.40 4.45 29.34
CA LEU A 312 15.51 4.69 28.40
C LEU A 312 15.21 5.84 27.44
N ASN A 313 14.03 5.83 26.81
CA ASN A 313 13.72 6.86 25.84
C ASN A 313 13.69 8.25 26.49
N ARG A 314 13.06 8.34 27.66
CA ARG A 314 13.03 9.62 28.37
C ARG A 314 14.42 10.06 28.77
N LEU A 315 15.27 9.12 29.19
CA LEU A 315 16.64 9.46 29.54
C LEU A 315 17.38 10.02 28.34
N LEU A 316 17.24 9.38 27.18
CA LEU A 316 17.91 9.86 25.97
C LEU A 316 17.42 11.26 25.59
N GLN A 317 16.09 11.48 25.65
CA GLN A 317 15.56 12.79 25.31
C GLN A 317 16.07 13.85 26.28
N ASP A 318 16.14 13.51 27.57
CA ASP A 318 16.64 14.46 28.56
C ASP A 318 18.10 14.81 28.28
N LYS A 319 18.92 13.80 28.01
CA LYS A 319 20.33 14.07 27.69
C LYS A 319 20.44 14.97 26.47
N TRP A 320 19.65 14.67 25.43
CA TRP A 320 19.66 15.45 24.21
C TRP A 320 19.38 16.90 24.54
N ASP A 321 18.17 17.17 25.03
CA ASP A 321 17.75 18.54 25.32
C ASP A 321 18.66 19.21 26.33
N ARG A 322 19.38 18.44 27.16
CA ARG A 322 20.32 19.04 28.09
C ARG A 322 21.50 19.64 27.36
N PHE A 323 22.27 18.81 26.66
CA PHE A 323 23.53 19.30 26.10
C PHE A 323 23.78 18.90 24.65
N VAL A 324 23.20 17.78 24.23
CA VAL A 324 23.66 17.18 22.98
C VAL A 324 23.26 18.04 21.79
N LYS A 325 22.13 18.74 21.86
CA LYS A 325 21.76 19.66 20.80
C LYS A 325 22.86 20.68 20.56
N ARG A 326 23.34 21.30 21.64
CA ARG A 326 24.39 22.30 21.53
C ARG A 326 25.68 21.68 21.02
N ILE A 327 26.04 20.50 21.53
CA ILE A 327 27.28 19.86 21.06
C ILE A 327 27.21 19.60 19.56
N PHE A 328 26.09 19.06 19.11
CA PHE A 328 25.90 18.73 17.70
C PHE A 328 25.98 19.98 16.83
N TYR A 329 25.29 21.05 17.25
CA TYR A 329 25.31 22.28 16.46
C TYR A 329 26.71 22.88 16.40
N PHE A 330 27.44 22.84 17.53
CA PHE A 330 28.81 23.34 17.53
C PHE A 330 29.68 22.55 16.58
N ASN A 331 29.57 21.22 16.59
CA ASN A 331 30.35 20.40 15.68
C ASN A 331 30.01 20.73 14.23
N PHE A 332 28.72 20.88 13.93
CA PHE A 332 28.29 21.21 12.57
C PHE A 332 28.90 22.54 12.13
N PHE A 333 28.83 23.56 12.99
CA PHE A 333 29.34 24.87 12.65
C PHE A 333 30.84 24.84 12.41
N VAL A 334 31.58 24.17 13.30
CA VAL A 334 33.03 24.13 13.14
C VAL A 334 33.41 23.37 11.88
N TYR A 335 32.69 22.30 11.56
CA TYR A 335 32.98 21.56 10.34
C TYR A 335 32.73 22.42 9.11
N CYS A 336 31.62 23.17 9.10
CA CYS A 336 31.36 24.06 7.98
C CYS A 336 32.47 25.10 7.83
N LEU A 337 32.91 25.66 8.96
CA LEU A 337 34.00 26.64 8.92
C LEU A 337 35.26 26.03 8.32
N TYR A 338 35.60 24.81 8.76
CA TYR A 338 36.80 24.14 8.25
C TYR A 338 36.69 23.90 6.75
N MET A 339 35.51 23.46 6.30
CA MET A 339 35.33 23.20 4.88
C MET A 339 35.44 24.47 4.05
N ILE A 340 34.87 25.57 4.55
CA ILE A 340 34.99 26.84 3.84
C ILE A 340 36.46 27.27 3.74
N ILE A 341 37.19 27.13 4.85
CA ILE A 341 38.61 27.50 4.84
C ILE A 341 39.37 26.64 3.83
N PHE A 342 39.10 25.33 3.83
CA PHE A 342 39.79 24.43 2.91
C PHE A 342 39.49 24.80 1.46
N THR A 343 38.22 25.07 1.15
CA THR A 343 37.87 25.44 -0.21
C THR A 343 38.55 26.74 -0.63
N ALA A 344 38.57 27.74 0.25
CA ALA A 344 39.23 29.00 -0.09
C ALA A 344 40.72 28.79 -0.32
N ALA A 345 41.37 27.99 0.53
CA ALA A 345 42.79 27.75 0.35
C ALA A 345 43.07 27.00 -0.93
N ALA A 346 42.22 26.03 -1.28
CA ALA A 346 42.46 25.23 -2.47
C ALA A 346 42.20 26.03 -3.74
N TYR A 347 41.25 26.97 -3.71
CA TYR A 347 40.96 27.77 -4.89
C TYR A 347 42.18 28.55 -5.35
N TYR A 348 42.91 29.13 -4.39
CA TYR A 348 44.03 30.03 -4.70
C TYR A 348 45.35 29.29 -4.88
N ARG A 349 45.32 28.02 -5.26
CA ARG A 349 46.55 27.27 -5.41
C ARG A 349 47.43 27.94 -6.47
N PRO A 350 48.72 28.14 -6.20
CA PRO A 350 49.59 28.72 -7.23
C PRO A 350 49.87 27.74 -8.36
N VAL A 351 50.25 28.31 -9.51
CA VAL A 351 50.45 27.56 -10.74
C VAL A 351 51.91 27.60 -11.19
N GLU A 352 52.83 27.99 -10.30
CA GLU A 352 54.23 28.12 -10.70
C GLU A 352 54.80 26.76 -11.13
N GLY A 353 54.87 25.81 -10.19
CA GLY A 353 55.37 24.49 -10.52
C GLY A 353 56.14 23.77 -9.43
N LEU A 354 55.88 22.46 -9.30
CA LEU A 354 56.70 21.55 -8.51
C LEU A 354 56.92 22.04 -7.09
N PRO A 355 55.92 21.91 -6.22
CA PRO A 355 56.09 22.33 -4.81
C PRO A 355 57.32 21.70 -4.20
N PRO A 356 57.71 22.13 -2.98
CA PRO A 356 57.02 23.14 -2.14
C PRO A 356 57.09 24.53 -2.74
N TYR A 357 56.22 25.42 -2.27
CA TYR A 357 56.12 26.78 -2.79
C TYR A 357 56.71 27.76 -1.78
N LYS A 358 57.64 28.57 -2.25
CA LYS A 358 58.35 29.51 -1.38
C LYS A 358 57.43 30.64 -0.96
N LEU A 359 57.54 31.05 0.30
CA LEU A 359 56.69 32.09 0.85
C LEU A 359 57.10 33.46 0.34
N LYS A 360 56.15 34.20 -0.22
CA LYS A 360 56.35 35.57 -0.66
C LYS A 360 55.70 36.51 0.33
N ASN A 361 56.43 37.55 0.75
CA ASN A 361 55.94 38.46 1.77
C ASN A 361 54.72 39.21 1.25
N THR A 362 53.55 38.83 1.75
CA THR A 362 52.29 39.49 1.39
C THR A 362 51.20 38.91 2.27
N VAL A 363 50.13 39.68 2.46
CA VAL A 363 49.02 39.23 3.30
C VAL A 363 48.38 37.98 2.71
N GLY A 364 48.19 37.96 1.39
CA GLY A 364 47.57 36.81 0.76
C GLY A 364 48.36 35.54 0.98
N ASP A 365 49.68 35.62 0.85
CA ASP A 365 50.51 34.43 1.06
C ASP A 365 50.42 33.94 2.50
N TYR A 366 50.44 34.86 3.46
CA TYR A 366 50.31 34.47 4.87
C TYR A 366 48.97 33.76 5.10
N PHE A 367 47.89 34.33 4.56
CA PHE A 367 46.57 33.71 4.72
C PHE A 367 46.54 32.33 4.07
N ARG A 368 47.14 32.20 2.89
CA ARG A 368 47.17 30.91 2.21
C ARG A 368 47.91 29.87 3.03
N VAL A 369 49.07 30.23 3.58
CA VAL A 369 49.82 29.29 4.40
C VAL A 369 49.01 28.90 5.64
N THR A 370 48.37 29.88 6.28
CA THR A 370 47.55 29.58 7.45
C THR A 370 46.44 28.60 7.10
N GLY A 371 45.75 28.84 5.98
CA GLY A 371 44.67 27.95 5.59
C GLY A 371 45.16 26.55 5.28
N GLU A 372 46.30 26.45 4.58
CA GLU A 372 46.86 25.13 4.28
C GLU A 372 47.19 24.38 5.56
N ILE A 373 47.81 25.07 6.52
CA ILE A 373 48.18 24.43 7.78
C ILE A 373 46.92 23.96 8.50
N LEU A 374 45.89 24.81 8.56
CA LEU A 374 44.66 24.43 9.24
C LEU A 374 44.00 23.22 8.59
N SER A 375 43.96 23.19 7.25
CA SER A 375 43.34 22.06 6.55
C SER A 375 44.10 20.78 6.82
N VAL A 376 45.44 20.83 6.77
CA VAL A 376 46.23 19.63 7.03
C VAL A 376 46.00 19.15 8.46
N SER A 377 45.97 20.09 9.42
CA SER A 377 45.73 19.71 10.80
C SER A 377 44.37 19.05 10.97
N GLY A 378 43.34 19.59 10.32
CA GLY A 378 42.03 18.97 10.41
C GLY A 378 41.98 17.57 9.83
N GLY A 379 42.62 17.38 8.66
CA GLY A 379 42.67 16.05 8.09
C GLY A 379 43.40 15.07 8.99
N VAL A 380 44.50 15.52 9.59
CA VAL A 380 45.26 14.68 10.49
C VAL A 380 44.41 14.29 11.70
N TYR A 381 43.67 15.27 12.26
CA TYR A 381 42.78 15.00 13.38
C TYR A 381 41.72 13.97 13.01
N PHE A 382 41.14 14.09 11.82
CA PHE A 382 40.13 13.11 11.39
C PHE A 382 40.74 11.72 11.28
N PHE A 383 41.95 11.62 10.72
CA PHE A 383 42.61 10.33 10.59
C PHE A 383 42.79 9.68 11.96
N PHE A 384 43.31 10.45 12.93
CA PHE A 384 43.50 9.92 14.28
C PHE A 384 42.18 9.53 14.94
N ARG A 385 41.16 10.38 14.81
CA ARG A 385 39.87 10.05 15.40
C ARG A 385 39.34 8.74 14.83
N GLY A 386 39.42 8.57 13.51
CA GLY A 386 38.90 7.35 12.91
C GLY A 386 39.69 6.12 13.32
N ILE A 387 41.03 6.21 13.33
CA ILE A 387 41.82 5.04 13.67
C ILE A 387 41.55 4.61 15.10
N GLN A 388 41.49 5.57 16.04
CA GLN A 388 41.25 5.18 17.42
C GLN A 388 39.80 4.76 17.67
N TYR A 389 38.86 5.30 16.89
CA TYR A 389 37.50 4.78 16.91
C TYR A 389 37.48 3.30 16.54
N PHE A 390 38.15 2.95 15.43
CA PHE A 390 38.21 1.56 15.03
C PHE A 390 38.88 0.71 16.10
N LEU A 391 39.95 1.24 16.70
CA LEU A 391 40.66 0.48 17.74
C LEU A 391 39.75 0.18 18.92
N GLN A 392 39.00 1.18 19.40
CA GLN A 392 38.24 0.98 20.63
C GLN A 392 36.90 0.28 20.39
N ARG A 393 36.35 0.35 19.18
CA ARG A 393 35.11 -0.36 18.91
C ARG A 393 35.35 -1.76 18.40
N ARG A 394 36.30 -1.92 17.48
CA ARG A 394 36.61 -3.22 16.88
C ARG A 394 35.35 -3.87 16.29
N PRO A 395 34.70 -3.21 15.34
CA PRO A 395 33.49 -3.78 14.74
C PRO A 395 33.82 -4.92 13.79
N SER A 396 32.82 -5.74 13.51
CA SER A 396 32.96 -6.82 12.55
C SER A 396 33.12 -6.27 11.14
N LEU A 397 33.91 -6.97 10.33
CA LEU A 397 34.08 -6.57 8.93
C LEU A 397 32.73 -6.52 8.21
N LYS A 398 31.80 -7.40 8.59
CA LYS A 398 30.48 -7.40 7.97
C LYS A 398 29.69 -6.15 8.35
N SER A 399 29.98 -5.57 9.51
CA SER A 399 29.25 -4.39 9.99
C SER A 399 29.89 -3.08 9.55
N LEU A 400 31.06 -3.12 8.90
CA LEU A 400 31.71 -1.88 8.49
C LEU A 400 30.87 -1.13 7.47
N PHE A 401 30.28 -1.84 6.51
CA PHE A 401 29.52 -1.20 5.45
C PHE A 401 28.05 -1.06 5.80
N VAL A 402 27.45 -2.09 6.40
CA VAL A 402 26.05 -2.00 6.82
C VAL A 402 25.88 -0.91 7.88
N ASP A 403 26.79 -0.88 8.85
CA ASP A 403 26.79 0.11 9.92
C ASP A 403 28.08 0.90 9.90
N SER A 404 28.04 2.11 10.46
CA SER A 404 29.21 2.97 10.50
C SER A 404 29.77 3.22 9.11
N TYR A 405 28.87 3.44 8.15
CA TYR A 405 29.28 3.66 6.76
C TYR A 405 29.68 5.10 6.49
N SER A 406 29.62 5.98 7.49
CA SER A 406 30.09 7.36 7.37
C SER A 406 31.48 7.56 7.93
N GLU A 407 31.81 6.85 9.02
CA GLU A 407 33.15 6.94 9.57
C GLU A 407 34.19 6.47 8.57
N ILE A 408 33.86 5.43 7.79
CA ILE A 408 34.79 4.96 6.76
C ILE A 408 35.02 6.04 5.72
N LEU A 409 33.96 6.76 5.33
CA LEU A 409 34.12 7.84 4.36
C LEU A 409 35.00 8.94 4.91
N PHE A 410 34.78 9.34 6.17
CA PHE A 410 35.64 10.36 6.77
C PHE A 410 37.09 9.90 6.82
N PHE A 411 37.32 8.63 7.18
CA PHE A 411 38.67 8.11 7.28
C PHE A 411 39.37 8.11 5.93
N VAL A 412 38.67 7.69 4.88
CA VAL A 412 39.29 7.68 3.55
C VAL A 412 39.53 9.11 3.05
N GLN A 413 38.66 10.06 3.41
CA GLN A 413 38.92 11.45 3.09
C GLN A 413 40.21 11.93 3.76
N SER A 414 40.40 11.58 5.03
CA SER A 414 41.64 11.92 5.72
C SER A 414 42.84 11.27 5.03
N LEU A 415 42.67 10.02 4.58
CA LEU A 415 43.74 9.34 3.86
C LEU A 415 44.11 10.10 2.60
N PHE A 416 43.10 10.57 1.86
CA PHE A 416 43.35 11.35 0.66
C PHE A 416 44.15 12.60 0.99
N MET A 417 43.76 13.30 2.07
CA MET A 417 44.47 14.52 2.44
C MET A 417 45.93 14.22 2.80
N LEU A 418 46.16 13.15 3.57
CA LEU A 418 47.53 12.81 3.96
C LEU A 418 48.37 12.45 2.74
N VAL A 419 47.80 11.68 1.83
CA VAL A 419 48.51 11.35 0.59
C VAL A 419 48.83 12.61 -0.19
N SER A 420 47.90 13.57 -0.19
CA SER A 420 48.16 14.84 -0.85
C SER A 420 49.36 15.54 -0.24
N VAL A 421 49.44 15.56 1.09
CA VAL A 421 50.59 16.18 1.74
C VAL A 421 51.88 15.47 1.35
N VAL A 422 51.85 14.13 1.38
CA VAL A 422 53.07 13.36 1.08
C VAL A 422 53.54 13.67 -0.33
N LEU A 423 52.63 13.68 -1.30
CA LEU A 423 53.02 13.99 -2.67
C LEU A 423 53.43 15.45 -2.82
N TYR A 424 52.88 16.33 -1.99
CA TYR A 424 53.27 17.74 -2.02
C TYR A 424 54.72 17.91 -1.62
N PHE A 425 55.17 17.18 -0.60
CA PHE A 425 56.55 17.28 -0.13
C PHE A 425 57.49 16.34 -0.88
N SER A 426 57.13 15.94 -2.11
CA SER A 426 57.98 15.08 -2.92
C SER A 426 58.16 15.63 -4.33
N GLN A 427 57.83 16.91 -4.56
CA GLN A 427 58.02 17.56 -5.85
C GLN A 427 57.22 16.85 -6.95
N ARG A 428 55.92 16.71 -6.72
CA ARG A 428 55.03 16.08 -7.67
C ARG A 428 53.81 16.99 -7.87
N LYS A 429 53.14 16.78 -9.01
CA LYS A 429 52.02 17.62 -9.43
C LYS A 429 50.67 16.97 -9.21
N GLU A 430 50.62 15.83 -8.53
CA GLU A 430 49.39 15.11 -8.25
C GLU A 430 48.82 15.44 -6.87
N TYR A 431 49.53 16.31 -6.12
CA TYR A 431 48.98 16.83 -4.88
C TYR A 431 47.66 17.55 -5.13
N VAL A 432 47.55 18.24 -6.27
CA VAL A 432 46.31 18.92 -6.61
C VAL A 432 45.18 17.92 -6.81
N ALA A 433 45.46 16.81 -7.50
CA ALA A 433 44.44 15.80 -7.72
C ALA A 433 43.95 15.22 -6.39
N SER A 434 44.89 14.87 -5.51
CA SER A 434 44.50 14.34 -4.21
C SER A 434 43.71 15.37 -3.41
N MET A 435 44.14 16.63 -3.47
CA MET A 435 43.45 17.68 -2.72
C MET A 435 42.03 17.87 -3.20
N VAL A 436 41.81 17.87 -4.52
CA VAL A 436 40.46 18.05 -5.04
C VAL A 436 39.61 16.84 -4.68
N PHE A 437 40.18 15.64 -4.73
CA PHE A 437 39.44 14.46 -4.30
C PHE A 437 38.95 14.63 -2.87
N SER A 438 39.85 15.00 -1.97
CA SER A 438 39.49 15.16 -0.56
C SER A 438 38.45 16.26 -0.39
N LEU A 439 38.60 17.37 -1.11
CA LEU A 439 37.67 18.48 -1.00
C LEU A 439 36.26 18.06 -1.41
N ALA A 440 36.14 17.43 -2.57
CA ALA A 440 34.84 16.98 -3.04
C ALA A 440 34.23 15.98 -2.07
N MET A 441 35.05 15.05 -1.56
CA MET A 441 34.50 14.03 -0.67
C MET A 441 34.05 14.62 0.65
N GLY A 442 34.74 15.65 1.14
CA GLY A 442 34.28 16.31 2.35
C GLY A 442 32.98 17.07 2.13
N TRP A 443 32.88 17.78 0.99
CA TRP A 443 31.63 18.45 0.66
C TRP A 443 30.49 17.44 0.61
N THR A 444 30.75 16.23 0.10
CA THR A 444 29.73 15.19 0.10
C THR A 444 29.42 14.73 1.52
N ASN A 445 30.45 14.47 2.32
CA ASN A 445 30.25 13.95 3.67
C ASN A 445 29.51 14.93 4.57
N MET A 446 29.46 16.21 4.18
CA MET A 446 28.68 17.17 4.95
C MET A 446 27.26 16.67 5.23
N LEU A 447 26.76 15.72 4.43
CA LEU A 447 25.40 15.22 4.61
C LEU A 447 25.19 14.53 5.95
N TYR A 448 26.27 14.14 6.63
CA TYR A 448 26.11 13.39 7.89
C TYR A 448 25.28 14.17 8.90
N TYR A 449 25.27 15.49 8.82
CA TYR A 449 24.55 16.32 9.77
C TYR A 449 23.10 16.54 9.36
N THR A 450 22.65 15.93 8.27
CA THR A 450 21.23 15.97 7.94
C THR A 450 20.40 15.41 9.08
N ARG A 451 20.91 14.38 9.75
CA ARG A 451 20.29 13.91 10.99
C ARG A 451 20.47 14.96 12.08
N GLY A 452 19.69 14.80 13.15
CA GLY A 452 19.57 15.85 14.14
C GLY A 452 18.69 17.00 13.70
N PHE A 453 18.10 16.92 12.50
CA PHE A 453 17.21 17.94 11.98
C PHE A 453 15.98 17.22 11.42
N GLN A 454 14.96 17.03 12.27
CA GLN A 454 13.68 16.49 11.81
C GLN A 454 13.27 17.05 10.45
N GLN A 455 13.40 18.38 10.27
CA GLN A 455 12.81 19.04 9.11
C GLN A 455 13.36 18.46 7.81
N MET A 456 14.63 18.06 7.81
CA MET A 456 15.27 17.57 6.59
C MET A 456 14.72 16.22 6.13
N GLY A 457 13.99 15.51 6.99
CA GLY A 457 13.42 14.24 6.60
C GLY A 457 13.36 13.23 7.74
N ILE A 458 12.20 12.58 7.88
CA ILE A 458 12.03 11.57 8.92
C ILE A 458 12.38 10.19 8.41
N TYR A 459 11.93 9.86 7.19
CA TYR A 459 12.24 8.58 6.57
C TYR A 459 13.41 8.73 5.61
N ALA A 460 14.61 8.83 6.20
CA ALA A 460 15.86 8.82 5.44
C ALA A 460 16.59 7.49 5.58
N VAL A 461 15.84 6.42 5.88
CA VAL A 461 16.43 5.09 5.99
C VAL A 461 16.58 4.42 4.63
N MET A 462 15.86 4.86 3.61
CA MET A 462 16.00 4.32 2.28
C MET A 462 17.40 4.52 1.73
N ILE A 463 18.17 5.46 2.28
CA ILE A 463 19.57 5.60 1.92
C ILE A 463 20.27 4.25 2.02
N GLU A 464 20.02 3.53 3.11
CA GLU A 464 20.69 2.25 3.32
C GLU A 464 20.09 1.15 2.46
N LYS A 465 18.78 1.18 2.25
CA LYS A 465 18.14 0.24 1.35
C LYS A 465 18.63 0.39 -0.07
N MET A 466 19.24 1.55 -0.43
CA MET A 466 19.51 1.86 -1.86
C MET A 466 20.96 2.16 -2.24
N ILE A 467 21.74 2.93 -1.49
CA ILE A 467 23.06 3.37 -1.95
C ILE A 467 23.99 2.18 -2.07
N LEU A 468 23.70 1.11 -1.34
CA LEU A 468 24.43 -0.14 -1.45
C LEU A 468 23.54 -1.22 -2.03
N ARG A 469 22.42 -1.52 -1.36
CA ARG A 469 21.66 -2.73 -1.62
C ARG A 469 21.21 -2.83 -3.07
N ASP A 470 21.02 -1.70 -3.74
CA ASP A 470 20.56 -1.73 -5.13
C ASP A 470 21.55 -1.08 -6.07
N LEU A 471 22.20 0.00 -5.65
CA LEU A 471 23.19 0.64 -6.50
C LEU A 471 24.32 -0.32 -6.87
N CYS A 472 24.87 -1.02 -5.87
CA CYS A 472 26.00 -1.90 -6.16
C CYS A 472 25.58 -3.06 -7.05
N ARG A 473 24.42 -3.66 -6.75
CA ARG A 473 23.90 -4.74 -7.58
C ARG A 473 23.75 -4.28 -9.03
N PHE A 474 23.08 -3.15 -9.24
CA PHE A 474 22.84 -2.68 -10.59
C PHE A 474 24.15 -2.38 -11.30
N MET A 475 25.09 -1.74 -10.61
CA MET A 475 26.37 -1.42 -11.26
C MET A 475 27.08 -2.70 -11.69
N PHE A 476 27.10 -3.70 -10.81
CA PHE A 476 27.75 -4.96 -11.14
C PHE A 476 27.14 -5.60 -12.37
N VAL A 477 25.81 -5.76 -12.37
CA VAL A 477 25.14 -6.44 -13.47
C VAL A 477 25.31 -5.64 -14.77
N TYR A 478 25.17 -4.32 -14.69
CA TYR A 478 25.28 -3.50 -15.88
C TYR A 478 26.69 -3.56 -16.46
N LEU A 479 27.71 -3.59 -15.60
CA LEU A 479 29.07 -3.69 -16.10
C LEU A 479 29.31 -5.04 -16.77
N VAL A 480 28.74 -6.11 -16.22
CA VAL A 480 28.88 -7.42 -16.86
C VAL A 480 28.23 -7.39 -18.25
N PHE A 481 27.00 -6.87 -18.33
CA PHE A 481 26.33 -6.75 -19.63
C PHE A 481 27.17 -5.92 -20.60
N LEU A 482 27.68 -4.79 -20.12
CA LEU A 482 28.50 -3.91 -20.94
C LEU A 482 29.67 -4.66 -21.53
N PHE A 483 30.42 -5.36 -20.68
CA PHE A 483 31.60 -6.07 -21.16
C PHE A 483 31.22 -7.11 -22.21
N GLY A 484 30.21 -7.93 -21.91
CA GLY A 484 29.86 -8.99 -22.85
C GLY A 484 29.42 -8.45 -24.19
N PHE A 485 28.47 -7.51 -24.18
CA PHE A 485 27.96 -6.98 -25.44
C PHE A 485 29.01 -6.19 -26.19
N SER A 486 29.87 -5.47 -25.49
CA SER A 486 30.94 -4.73 -26.16
C SER A 486 31.92 -5.68 -26.83
N THR A 487 32.26 -6.79 -26.16
CA THR A 487 33.12 -7.78 -26.79
C THR A 487 32.47 -8.34 -28.04
N ALA A 488 31.18 -8.68 -27.96
CA ALA A 488 30.48 -9.20 -29.14
C ALA A 488 30.53 -8.19 -30.29
N VAL A 489 30.21 -6.93 -29.99
CA VAL A 489 30.14 -5.91 -31.03
C VAL A 489 31.51 -5.71 -31.66
N VAL A 490 32.55 -5.56 -30.85
CA VAL A 490 33.88 -5.32 -31.39
C VAL A 490 34.35 -6.53 -32.20
N THR A 491 33.96 -7.74 -31.79
CA THR A 491 34.24 -8.91 -32.61
C THR A 491 33.56 -8.81 -33.96
N LEU A 492 32.32 -8.33 -33.98
CA LEU A 492 31.61 -8.19 -35.25
C LEU A 492 32.26 -7.15 -36.15
N ILE A 493 32.83 -6.10 -35.56
CA ILE A 493 33.38 -5.01 -36.36
C ILE A 493 34.54 -5.53 -37.22
N GLU A 494 34.69 -4.93 -38.40
CA GLU A 494 35.70 -5.34 -39.37
C GLU A 494 36.99 -4.55 -39.19
N ASP A 495 36.92 -3.23 -39.36
CA ASP A 495 38.09 -2.36 -39.22
C ASP A 495 37.58 -1.00 -38.74
N GLY A 496 38.48 -0.01 -38.71
CA GLY A 496 38.11 1.34 -38.38
C GLY A 496 38.44 1.73 -36.95
N LYS A 497 37.71 2.71 -36.42
CA LYS A 497 37.96 3.20 -35.07
C LYS A 497 37.46 2.23 -34.01
N TYR A 498 36.42 1.46 -34.32
CA TYR A 498 35.72 0.65 -33.33
C TYR A 498 36.06 -0.83 -33.41
N ASN A 499 37.22 -1.17 -33.98
CA ASN A 499 37.74 -2.52 -33.85
C ASN A 499 38.54 -2.70 -32.56
N SER A 500 38.41 -1.75 -31.63
CA SER A 500 39.03 -1.83 -30.32
C SER A 500 37.94 -1.81 -29.25
N LEU A 501 38.19 -2.54 -28.16
CA LEU A 501 37.16 -2.72 -27.14
C LEU A 501 36.77 -1.40 -26.49
N TYR A 502 37.75 -0.59 -26.11
CA TYR A 502 37.44 0.61 -25.33
C TYR A 502 36.57 1.57 -26.15
N SER A 503 36.91 1.76 -27.42
CA SER A 503 36.14 2.69 -28.24
C SER A 503 34.70 2.23 -28.38
N THR A 504 34.49 0.92 -28.51
CA THR A 504 33.13 0.39 -28.63
C THR A 504 32.35 0.48 -27.33
N CYS A 505 32.96 0.17 -26.19
CA CYS A 505 32.27 0.28 -24.92
C CYS A 505 31.95 1.72 -24.58
N LEU A 506 32.84 2.66 -24.88
CA LEU A 506 32.60 4.07 -24.60
C LEU A 506 31.40 4.62 -25.35
N GLU A 507 31.04 4.02 -26.48
CA GLU A 507 29.94 4.48 -27.32
C GLU A 507 28.66 3.71 -27.08
N LEU A 508 28.79 2.41 -26.80
CA LEU A 508 27.67 1.62 -26.32
C LEU A 508 27.19 2.13 -24.97
N PHE A 509 28.09 2.75 -24.19
CA PHE A 509 27.70 3.45 -22.98
C PHE A 509 26.90 4.71 -23.30
N LYS A 510 27.29 5.41 -24.36
CA LYS A 510 26.64 6.67 -24.70
C LYS A 510 25.23 6.44 -25.24
N PHE A 511 25.06 5.44 -26.11
CA PHE A 511 23.73 5.16 -26.64
C PHE A 511 22.72 4.97 -25.51
N THR A 512 23.11 4.24 -24.48
CA THR A 512 22.16 3.84 -23.44
C THR A 512 21.59 5.04 -22.72
N ILE A 513 22.43 6.03 -22.42
CA ILE A 513 22.04 7.11 -21.52
C ILE A 513 21.41 8.29 -22.25
N GLY A 514 21.22 8.22 -23.55
CA GLY A 514 20.57 9.27 -24.28
C GLY A 514 21.48 10.39 -24.75
N MET A 515 22.73 10.44 -24.26
CA MET A 515 23.73 11.27 -24.94
C MET A 515 23.83 10.90 -26.41
N GLY A 516 23.53 9.64 -26.75
CA GLY A 516 23.75 9.20 -28.10
C GLY A 516 25.22 9.45 -28.47
N ASP A 517 25.49 9.28 -29.75
CA ASP A 517 26.80 9.60 -30.29
C ASP A 517 26.71 9.68 -31.79
N LEU A 518 27.79 10.15 -32.41
CA LEU A 518 27.88 10.14 -33.85
C LEU A 518 27.52 8.76 -34.37
N GLU A 519 26.56 8.70 -35.28
CA GLU A 519 25.96 7.42 -35.65
C GLU A 519 26.98 6.58 -36.40
N PHE A 520 27.63 5.67 -35.68
CA PHE A 520 28.43 4.64 -36.31
C PHE A 520 27.61 3.39 -36.59
N THR A 521 26.29 3.48 -36.49
CA THR A 521 25.42 2.43 -36.97
C THR A 521 25.44 2.52 -38.49
N GLU A 522 26.59 2.19 -39.08
CA GLU A 522 26.83 2.40 -40.50
C GLU A 522 28.25 1.92 -40.80
N ASN A 523 28.53 1.76 -42.09
CA ASN A 523 29.89 1.50 -42.58
C ASN A 523 30.39 0.12 -42.17
N TYR A 524 29.56 -0.90 -42.31
CA TYR A 524 30.01 -2.28 -42.11
C TYR A 524 28.88 -3.23 -42.43
N ASP A 525 29.24 -4.49 -42.65
CA ASP A 525 28.30 -5.53 -43.00
C ASP A 525 27.56 -6.03 -41.76
N PHE A 526 26.57 -6.89 -41.99
CA PHE A 526 25.72 -7.40 -40.92
C PHE A 526 25.04 -6.26 -40.16
N LYS A 527 24.54 -5.28 -40.92
CA LYS A 527 23.89 -4.12 -40.33
C LYS A 527 22.77 -4.54 -39.37
N ALA A 528 21.89 -5.42 -39.84
CA ALA A 528 20.76 -5.86 -39.03
C ALA A 528 21.23 -6.52 -37.75
N VAL A 529 22.31 -7.32 -37.84
CA VAL A 529 22.83 -8.00 -36.65
C VAL A 529 23.27 -6.98 -35.62
N PHE A 530 24.01 -5.96 -36.04
CA PHE A 530 24.47 -4.94 -35.12
C PHE A 530 23.30 -4.21 -34.47
N ILE A 531 22.32 -3.81 -35.27
CA ILE A 531 21.18 -3.08 -34.73
C ILE A 531 20.43 -3.93 -33.73
N ILE A 532 20.30 -5.23 -34.02
CA ILE A 532 19.61 -6.14 -33.11
C ILE A 532 20.35 -6.23 -31.79
N LEU A 533 21.68 -6.40 -31.85
CA LEU A 533 22.47 -6.48 -30.63
C LEU A 533 22.36 -5.21 -29.81
N LEU A 534 22.42 -4.05 -30.48
CA LEU A 534 22.34 -2.77 -29.78
C LEU A 534 20.99 -2.63 -29.07
N LEU A 535 19.90 -2.95 -29.77
CA LEU A 535 18.58 -2.90 -29.17
C LEU A 535 18.51 -3.81 -27.95
N ALA A 536 19.02 -5.03 -28.09
CA ALA A 536 18.99 -5.98 -26.98
C ALA A 536 19.70 -5.42 -25.76
N TYR A 537 20.92 -4.90 -25.96
CA TYR A 537 21.69 -4.37 -24.83
C TYR A 537 20.93 -3.25 -24.13
N VAL A 538 20.49 -2.25 -24.90
CA VAL A 538 19.83 -1.09 -24.31
C VAL A 538 18.58 -1.52 -23.55
N ILE A 539 17.72 -2.30 -24.21
CA ILE A 539 16.51 -2.77 -23.57
C ILE A 539 16.86 -3.46 -22.26
N LEU A 540 17.65 -4.53 -22.33
CA LEU A 540 17.94 -5.33 -21.14
C LEU A 540 18.40 -4.46 -19.97
N THR A 541 19.33 -3.53 -20.21
CA THR A 541 19.81 -2.73 -19.10
C THR A 541 18.70 -1.88 -18.50
N TYR A 542 17.86 -1.28 -19.35
CA TYR A 542 16.79 -0.46 -18.79
C TYR A 542 15.72 -1.31 -18.09
N ILE A 543 15.48 -2.52 -18.58
CA ILE A 543 14.59 -3.46 -17.89
C ILE A 543 15.11 -3.71 -16.47
N LEU A 544 16.42 -3.97 -16.36
CA LEU A 544 17.02 -4.22 -15.06
C LEU A 544 16.84 -3.02 -14.12
N LEU A 545 17.11 -1.81 -14.63
CA LEU A 545 16.91 -0.63 -13.80
C LEU A 545 15.46 -0.51 -13.34
N LEU A 546 14.52 -0.72 -14.27
CA LEU A 546 13.11 -0.63 -13.95
C LEU A 546 12.76 -1.59 -12.83
N ASN A 547 13.34 -2.80 -12.84
CA ASN A 547 13.11 -3.73 -11.75
C ASN A 547 13.66 -3.24 -10.42
N MET A 548 14.89 -2.72 -10.42
CA MET A 548 15.43 -2.21 -9.17
C MET A 548 14.47 -1.19 -8.55
N LEU A 549 13.94 -0.29 -9.38
CA LEU A 549 13.06 0.75 -8.86
C LEU A 549 11.73 0.16 -8.37
N ILE A 550 11.17 -0.79 -9.10
CA ILE A 550 9.92 -1.42 -8.67
C ILE A 550 10.11 -2.09 -7.32
N ALA A 551 11.22 -2.80 -7.15
CA ALA A 551 11.49 -3.45 -5.87
C ALA A 551 11.62 -2.42 -4.76
N LEU A 552 12.31 -1.32 -5.04
CA LEU A 552 12.42 -0.26 -4.05
C LEU A 552 11.05 0.18 -3.54
N MET A 553 10.16 0.51 -4.48
CA MET A 553 8.85 1.03 -4.09
C MET A 553 8.04 -0.03 -3.34
N GLY A 554 8.03 -1.26 -3.84
CA GLY A 554 7.28 -2.31 -3.20
C GLY A 554 7.78 -2.63 -1.80
N GLU A 555 9.07 -2.47 -1.56
CA GLU A 555 9.60 -2.67 -0.22
C GLU A 555 9.24 -1.49 0.69
N THR A 556 9.35 -0.27 0.16
CA THR A 556 9.12 0.90 1.00
C THR A 556 7.67 1.03 1.44
N VAL A 557 6.71 0.56 0.65
CA VAL A 557 5.32 0.76 1.10
C VAL A 557 5.08 0.08 2.44
N ASN A 558 5.47 -1.19 2.58
CA ASN A 558 5.25 -1.89 3.84
C ASN A 558 6.36 -1.69 4.87
N LYS A 559 7.57 -1.34 4.47
CA LYS A 559 8.52 -0.89 5.47
C LYS A 559 8.02 0.35 6.18
N ILE A 560 7.06 1.06 5.58
CA ILE A 560 6.54 2.29 6.13
C ILE A 560 5.14 2.13 6.69
N ALA A 561 4.56 0.94 6.57
CA ALA A 561 3.23 0.61 7.11
C ALA A 561 3.41 -0.47 8.17
N GLN A 562 4.65 -0.81 8.52
CA GLN A 562 4.96 -1.87 9.52
C GLN A 562 5.63 -1.27 10.76
N GLU A 563 6.49 -0.25 10.57
CA GLU A 563 7.24 0.40 11.68
C GLU A 563 7.41 1.88 11.35
N LEU A 570 14.86 5.94 16.43
CA LEU A 570 16.09 5.29 16.97
C LEU A 570 17.32 5.87 16.29
N GLN A 571 17.18 6.60 15.18
CA GLN A 571 18.32 7.28 14.52
C GLN A 571 18.99 8.17 15.57
N ARG A 572 18.22 8.94 16.34
CA ARG A 572 18.70 9.81 17.40
C ARG A 572 19.22 9.05 18.59
N ALA A 573 18.68 7.83 18.84
CA ALA A 573 19.22 7.03 19.94
C ALA A 573 20.72 6.79 19.76
N ILE A 574 21.17 6.63 18.53
CA ILE A 574 22.62 6.48 18.30
C ILE A 574 23.33 7.83 18.22
N THR A 575 22.70 8.81 17.55
CA THR A 575 23.33 10.13 17.45
C THR A 575 23.67 10.68 18.83
N ILE A 576 22.74 10.56 19.77
CA ILE A 576 22.93 11.13 21.10
C ILE A 576 24.13 10.50 21.79
N LEU A 577 24.23 9.17 21.75
CA LEU A 577 25.33 8.50 22.41
C LEU A 577 26.67 8.87 21.77
N ASP A 578 26.72 8.89 20.43
CA ASP A 578 27.98 9.21 19.76
C ASP A 578 28.43 10.62 20.10
N THR A 579 27.50 11.58 20.10
CA THR A 579 27.88 12.95 20.44
C THR A 579 28.27 13.06 21.91
N GLU A 580 27.56 12.37 22.81
CA GLU A 580 27.96 12.33 24.21
C GLU A 580 29.41 11.91 24.34
N LYS A 581 29.80 10.91 23.58
CA LYS A 581 31.15 10.34 23.60
C LYS A 581 32.15 11.01 22.68
N SER A 582 31.78 12.06 21.96
CA SER A 582 32.77 12.93 21.33
C SER A 582 34.01 13.08 22.20
N ALA A 590 27.48 18.50 33.84
CA ALA A 590 26.21 18.62 33.15
C ALA A 590 25.90 17.37 32.34
N PHE A 591 26.41 16.22 32.82
CA PHE A 591 26.24 14.94 32.14
C PHE A 591 25.92 13.85 33.15
N ARG A 592 25.02 14.14 34.09
CA ARG A 592 24.68 13.20 35.16
C ARG A 592 23.32 12.55 34.96
N SER A 593 22.27 13.35 34.73
CA SER A 593 20.91 12.86 34.50
C SER A 593 20.28 12.26 35.75
N GLY A 594 20.69 12.71 36.93
CA GLY A 594 20.09 12.25 38.18
C GLY A 594 20.58 13.11 39.32
N LYS A 595 19.99 12.87 40.50
CA LYS A 595 20.23 13.78 41.62
C LYS A 595 20.43 13.11 42.98
N LEU A 596 20.62 11.78 43.04
CA LEU A 596 20.88 11.08 44.30
C LEU A 596 19.74 11.32 45.31
N LEU A 597 18.57 10.81 44.95
CA LEU A 597 17.44 10.91 45.85
C LEU A 597 17.56 9.88 46.97
N GLN A 598 16.62 9.92 47.91
CA GLN A 598 16.57 9.01 49.04
C GLN A 598 15.31 8.15 48.90
N VAL A 599 15.47 6.84 49.03
CA VAL A 599 14.37 5.92 48.79
C VAL A 599 14.19 4.98 49.97
N GLY A 600 14.61 5.43 51.15
CA GLY A 600 14.45 4.63 52.36
C GLY A 600 15.77 4.20 52.96
N PHE A 601 15.85 2.93 53.38
CA PHE A 601 17.07 2.38 53.94
C PHE A 601 17.22 0.93 53.49
N THR A 602 18.37 0.35 53.81
CA THR A 602 18.74 -1.02 53.46
C THR A 602 18.17 -1.96 54.51
N PRO A 603 18.43 -3.28 54.43
CA PRO A 603 18.09 -4.14 55.58
C PRO A 603 18.69 -3.59 56.87
N ASP A 604 19.85 -2.97 56.76
CA ASP A 604 20.41 -2.19 57.86
C ASP A 604 19.74 -0.82 57.86
N GLY A 605 20.17 0.07 58.76
CA GLY A 605 19.51 1.36 58.90
C GLY A 605 20.23 2.51 58.24
N LYS A 606 20.73 2.30 57.03
CA LYS A 606 21.55 3.28 56.32
C LYS A 606 20.79 3.88 55.15
N ASP A 607 20.94 5.19 54.97
CA ASP A 607 20.32 5.88 53.84
C ASP A 607 20.79 5.27 52.52
N ASP A 608 19.85 5.08 51.61
CA ASP A 608 20.12 4.44 50.32
C ASP A 608 19.98 5.46 49.20
N TYR A 609 21.00 5.53 48.34
CA TYR A 609 21.11 6.52 47.27
C TYR A 609 21.34 5.78 45.96
N ARG A 610 20.48 6.03 44.97
CA ARG A 610 20.53 5.23 43.75
C ARG A 610 20.27 6.04 42.48
N TRP A 611 20.54 7.35 42.49
CA TRP A 611 20.45 8.18 41.29
C TRP A 611 19.07 8.08 40.64
N CYS A 612 18.04 8.47 41.39
CA CYS A 612 16.68 8.39 40.87
C CYS A 612 16.47 9.41 39.76
N PHE A 613 15.69 8.99 38.75
CA PHE A 613 15.31 9.87 37.64
C PHE A 613 13.82 10.18 37.79
N ARG A 614 13.51 11.42 38.17
CA ARG A 614 12.12 11.81 38.39
C ARG A 614 11.33 11.68 37.10
N VAL A 615 10.16 11.04 37.18
CA VAL A 615 9.25 10.90 36.06
C VAL A 615 7.83 11.02 36.60
N ASP A 616 6.99 11.80 35.91
CA ASP A 616 5.61 12.02 36.31
C ASP A 616 4.71 11.75 35.13
N GLU A 617 3.67 10.94 35.34
CA GLU A 617 2.72 10.57 34.32
C GLU A 617 1.32 10.98 34.74
N VAL A 618 0.55 11.52 33.80
CA VAL A 618 -0.81 11.96 34.06
C VAL A 618 -1.75 10.81 33.73
N ASN A 619 -2.43 10.29 34.74
CA ASN A 619 -3.36 9.19 34.59
C ASN A 619 -4.71 9.57 35.19
N TRP A 620 -5.78 9.03 34.61
CA TRP A 620 -7.13 9.45 34.95
C TRP A 620 -8.06 8.25 35.18
N THR A 621 -7.52 7.15 35.69
CA THR A 621 -8.35 5.99 36.01
C THR A 621 -7.66 5.17 37.09
N THR A 622 -8.39 4.19 37.62
CA THR A 622 -7.90 3.31 38.68
C THR A 622 -7.49 4.13 39.90
N TRP A 623 -8.48 4.82 40.48
CA TRP A 623 -8.26 5.64 41.65
C TRP A 623 -8.75 4.93 42.90
N GLY B 95 -0.28 27.01 50.00
CA GLY B 95 -1.60 27.61 50.02
C GLY B 95 -2.71 26.61 50.29
N GLN B 96 -2.35 25.33 50.32
CA GLN B 96 -3.33 24.28 50.55
C GLN B 96 -3.87 24.35 51.97
N THR B 97 -5.16 24.03 52.12
CA THR B 97 -5.85 24.05 53.40
C THR B 97 -6.48 22.69 53.67
N ALA B 98 -6.78 22.45 54.95
CA ALA B 98 -7.20 21.11 55.39
C ALA B 98 -8.35 20.58 54.54
N LEU B 99 -9.30 21.44 54.18
CA LEU B 99 -10.43 20.99 53.38
C LEU B 99 -9.98 20.47 52.03
N HIS B 100 -8.94 21.09 51.45
CA HIS B 100 -8.42 20.61 50.18
C HIS B 100 -7.88 19.20 50.31
N ILE B 101 -7.10 18.94 51.36
CA ILE B 101 -6.56 17.60 51.58
C ILE B 101 -7.70 16.61 51.78
N ALA B 102 -8.69 16.98 52.59
CA ALA B 102 -9.81 16.07 52.85
C ALA B 102 -10.54 15.74 51.55
N ILE B 103 -10.74 16.74 50.68
CA ILE B 103 -11.31 16.47 49.37
C ILE B 103 -10.43 15.48 48.62
N GLU B 104 -9.11 15.66 48.70
CA GLU B 104 -8.19 14.71 48.06
C GLU B 104 -8.26 13.35 48.72
N ARG B 105 -8.30 13.30 50.05
CA ARG B 105 -8.37 12.02 50.75
C ARG B 105 -9.75 11.39 50.66
N ARG B 106 -10.79 12.23 50.51
CA ARG B 106 -12.17 11.75 50.34
C ARG B 106 -12.69 11.10 51.61
N ASN B 107 -12.34 11.65 52.77
CA ASN B 107 -12.90 11.20 54.03
C ASN B 107 -14.09 12.11 54.31
N MET B 108 -15.21 11.74 53.70
CA MET B 108 -16.42 12.52 53.74
C MET B 108 -16.91 12.71 55.18
N THR B 109 -16.52 11.82 56.09
CA THR B 109 -16.73 12.07 57.52
C THR B 109 -15.93 13.28 57.98
N LEU B 110 -14.65 13.35 57.61
CA LEU B 110 -13.82 14.48 58.01
C LEU B 110 -14.31 15.77 57.38
N VAL B 111 -14.73 15.72 56.11
CA VAL B 111 -15.26 16.91 55.46
C VAL B 111 -16.53 17.37 56.17
N THR B 112 -17.41 16.42 56.51
CA THR B 112 -18.61 16.77 57.24
C THR B 112 -18.29 17.37 58.61
N LEU B 113 -17.24 16.90 59.26
CA LEU B 113 -16.86 17.46 60.56
C LEU B 113 -16.27 18.85 60.40
N LEU B 114 -15.44 19.06 59.38
CA LEU B 114 -14.88 20.38 59.12
C LEU B 114 -15.98 21.38 58.82
N VAL B 115 -16.98 20.96 58.03
CA VAL B 115 -18.08 21.84 57.68
C VAL B 115 -19.08 22.00 58.81
N GLU B 116 -19.14 21.03 59.72
CA GLU B 116 -20.07 21.13 60.84
C GLU B 116 -19.75 22.34 61.71
N ASN B 117 -18.47 22.58 61.99
CA ASN B 117 -18.05 23.80 62.64
C ASN B 117 -18.28 25.02 61.76
N GLY B 118 -18.33 24.83 60.44
CA GLY B 118 -18.51 25.94 59.52
C GLY B 118 -17.19 26.62 59.21
N ALA B 119 -16.18 25.83 58.86
CA ALA B 119 -14.84 26.37 58.63
C ALA B 119 -14.83 27.36 57.48
N ASP B 120 -15.08 26.89 56.27
CA ASP B 120 -15.10 27.74 55.08
C ASP B 120 -15.45 26.85 53.89
N VAL B 121 -15.86 27.46 52.77
CA VAL B 121 -16.28 26.69 51.55
C VAL B 121 -15.76 27.36 50.28
N GLN B 122 -15.00 28.42 50.37
CA GLN B 122 -14.44 29.10 49.17
C GLN B 122 -12.93 29.33 49.36
N ALA B 123 -12.51 30.45 49.97
CA ALA B 123 -11.08 30.81 50.08
C ALA B 123 -10.45 30.63 48.70
N ALA B 124 -9.20 30.15 48.56
CA ALA B 124 -8.59 29.82 47.24
C ALA B 124 -7.22 29.21 47.53
N ALA B 125 -6.70 28.38 46.64
CA ALA B 125 -5.30 27.89 46.70
C ALA B 125 -4.53 28.86 45.80
N ASN B 126 -3.27 29.16 46.07
CA ASN B 126 -2.41 30.02 45.25
C ASN B 126 -0.98 29.50 45.18
N GLY B 127 -0.77 28.20 45.38
CA GLY B 127 0.58 27.66 45.37
C GLY B 127 1.19 27.67 43.97
N ASP B 128 2.50 27.86 43.91
CA ASP B 128 3.20 27.77 42.64
C ASP B 128 2.97 26.41 41.99
N PHE B 129 2.92 25.35 42.80
CA PHE B 129 2.56 24.04 42.27
C PHE B 129 1.16 24.07 41.66
N PHE B 130 0.23 24.72 42.33
CA PHE B 130 -1.16 24.76 41.89
C PHE B 130 -1.31 25.65 40.66
N PRO B 137 6.52 20.14 37.71
CA PRO B 137 5.54 19.50 38.60
C PRO B 137 4.42 20.44 39.02
N GLY B 138 3.18 20.04 38.78
CA GLY B 138 2.04 20.85 39.15
C GLY B 138 0.75 20.16 38.79
N PHE B 139 -0.36 20.81 39.17
CA PHE B 139 -1.70 20.32 38.87
C PHE B 139 -2.66 21.47 39.05
N TYR B 140 -3.48 21.74 38.03
CA TYR B 140 -4.44 22.84 38.06
C TYR B 140 -5.85 22.29 38.11
N PHE B 141 -6.67 22.86 39.00
CA PHE B 141 -8.05 22.44 39.14
C PHE B 141 -9.02 23.60 39.34
N GLY B 142 -8.55 24.83 39.41
CA GLY B 142 -9.39 25.97 39.70
C GLY B 142 -9.21 26.58 41.08
N GLU B 143 -8.24 26.09 41.86
CA GLU B 143 -7.92 26.62 43.18
C GLU B 143 -9.18 26.93 43.99
N LEU B 144 -10.00 25.90 44.17
CA LEU B 144 -11.18 25.99 45.00
C LEU B 144 -11.55 24.57 45.44
N PRO B 145 -12.27 24.43 46.56
CA PRO B 145 -12.73 23.09 46.94
C PRO B 145 -13.88 22.61 46.06
N LEU B 146 -14.73 23.53 45.60
CA LEU B 146 -15.80 23.16 44.68
C LEU B 146 -15.23 22.56 43.40
N SER B 147 -14.29 23.26 42.77
CA SER B 147 -13.68 22.76 41.54
C SER B 147 -12.87 21.49 41.81
N LEU B 148 -12.14 21.46 42.93
CA LEU B 148 -11.37 20.26 43.28
C LEU B 148 -12.27 19.05 43.39
N ALA B 149 -13.41 19.20 44.08
CA ALA B 149 -14.34 18.08 44.19
C ALA B 149 -14.91 17.71 42.82
N ALA B 150 -15.30 18.70 42.02
CA ALA B 150 -15.91 18.41 40.74
C ALA B 150 -14.94 17.70 39.80
N CYS B 151 -13.63 17.92 39.98
CA CYS B 151 -12.64 17.45 39.02
C CYS B 151 -12.01 16.11 39.38
N THR B 152 -12.33 15.52 40.52
CA THR B 152 -11.57 14.37 41.03
C THR B 152 -12.50 13.30 41.61
N ASN B 153 -13.60 13.00 40.92
CA ASN B 153 -14.54 11.95 41.35
C ASN B 153 -15.10 12.25 42.74
N GLN B 154 -15.84 13.35 42.84
CA GLN B 154 -16.60 13.68 44.05
C GLN B 154 -17.95 14.23 43.65
N LEU B 155 -18.98 13.40 43.74
CA LEU B 155 -20.36 13.86 43.62
C LEU B 155 -20.97 14.17 44.97
N ALA B 156 -20.74 13.31 45.96
CA ALA B 156 -21.29 13.55 47.30
C ALA B 156 -20.69 14.81 47.92
N ILE B 157 -19.38 14.98 47.81
CA ILE B 157 -18.73 16.13 48.43
C ILE B 157 -19.18 17.42 47.76
N VAL B 158 -19.28 17.42 46.43
CA VAL B 158 -19.71 18.63 45.73
C VAL B 158 -21.16 18.95 46.06
N LYS B 159 -22.01 17.92 46.16
CA LYS B 159 -23.40 18.16 46.54
C LYS B 159 -23.49 18.75 47.93
N PHE B 160 -22.68 18.25 48.86
CA PHE B 160 -22.66 18.80 50.22
C PHE B 160 -22.11 20.22 50.23
N LEU B 161 -21.10 20.50 49.40
CA LEU B 161 -20.45 21.80 49.42
C LEU B 161 -21.35 22.88 48.84
N LEU B 162 -22.00 22.60 47.71
CA LEU B 162 -22.76 23.64 47.01
C LEU B 162 -23.81 24.26 47.92
N GLN B 163 -24.43 23.47 48.78
CA GLN B 163 -25.41 23.98 49.73
C GLN B 163 -25.22 23.31 51.08
N ASN B 164 -25.29 24.12 52.13
CA ASN B 164 -25.18 23.62 53.50
C ASN B 164 -25.55 24.76 54.44
N SER B 165 -26.02 24.39 55.63
CA SER B 165 -26.52 25.38 56.58
C SER B 165 -25.43 26.37 56.98
N TRP B 166 -24.23 25.86 57.26
CA TRP B 166 -23.18 26.71 57.84
C TRP B 166 -22.68 27.73 56.83
N GLN B 167 -22.35 27.29 55.61
CA GLN B 167 -21.83 28.21 54.61
C GLN B 167 -22.02 27.64 53.21
N PRO B 168 -23.14 27.93 52.54
CA PRO B 168 -23.32 27.46 51.16
C PRO B 168 -22.19 27.94 50.26
N ALA B 169 -21.75 27.06 49.37
CA ALA B 169 -20.65 27.36 48.47
C ALA B 169 -21.19 28.01 47.20
N ASP B 170 -20.81 29.27 46.99
CA ASP B 170 -21.25 29.99 45.79
C ASP B 170 -20.69 29.31 44.55
N ILE B 171 -21.59 28.92 43.64
CA ILE B 171 -21.18 28.25 42.41
C ILE B 171 -20.72 29.22 41.33
N SER B 172 -21.01 30.51 41.50
CA SER B 172 -20.67 31.53 40.52
C SER B 172 -19.31 32.18 40.79
N ALA B 173 -18.58 31.70 41.79
CA ALA B 173 -17.30 32.29 42.12
C ALA B 173 -16.35 32.24 40.93
N ARG B 174 -15.64 33.34 40.71
CA ARG B 174 -14.65 33.45 39.64
C ARG B 174 -13.27 33.62 40.27
N ASP B 175 -12.31 32.85 39.77
CA ASP B 175 -10.97 32.81 40.35
C ASP B 175 -10.09 33.86 39.69
N SER B 176 -8.77 33.77 39.92
CA SER B 176 -7.84 34.73 39.33
C SER B 176 -7.97 34.76 37.82
N VAL B 177 -7.99 33.57 37.19
CA VAL B 177 -8.25 33.49 35.75
C VAL B 177 -9.74 33.55 35.44
N GLY B 178 -10.58 33.62 36.46
CA GLY B 178 -12.01 33.55 36.26
C GLY B 178 -12.52 32.13 36.04
N ASN B 179 -11.77 31.13 36.47
CA ASN B 179 -12.10 29.75 36.16
C ASN B 179 -13.27 29.28 37.02
N THR B 180 -14.47 29.33 36.44
CA THR B 180 -15.64 28.76 37.06
C THR B 180 -15.51 27.23 37.08
N VAL B 181 -16.36 26.60 37.91
CA VAL B 181 -16.31 25.15 38.02
C VAL B 181 -16.55 24.50 36.67
N LEU B 182 -17.47 25.04 35.88
CA LEU B 182 -17.72 24.51 34.54
C LEU B 182 -16.51 24.74 33.63
N HIS B 183 -15.96 25.96 33.66
CA HIS B 183 -14.79 26.25 32.84
C HIS B 183 -13.59 25.41 33.27
N ALA B 184 -13.43 25.21 34.59
CA ALA B 184 -12.37 24.32 35.07
C ALA B 184 -12.59 22.89 34.59
N LEU B 185 -13.83 22.41 34.65
CA LEU B 185 -14.12 21.06 34.16
C LEU B 185 -13.75 20.93 32.69
N VAL B 186 -14.05 21.96 31.89
CA VAL B 186 -13.64 21.97 30.49
C VAL B 186 -12.12 21.91 30.40
N GLU B 187 -11.42 22.69 31.23
CA GLU B 187 -9.97 22.75 31.15
C GLU B 187 -9.33 21.41 31.51
N VAL B 188 -9.96 20.63 32.38
CA VAL B 188 -9.35 19.39 32.85
C VAL B 188 -9.51 18.25 31.86
N ALA B 189 -10.43 18.36 30.90
CA ALA B 189 -10.68 17.27 29.97
C ALA B 189 -9.41 16.90 29.22
N ASP B 190 -9.20 15.59 29.03
CA ASP B 190 -8.00 15.07 28.39
C ASP B 190 -8.29 14.20 27.18
N ASN B 191 -9.56 14.10 26.75
CA ASN B 191 -9.92 13.36 25.54
C ASN B 191 -9.56 11.88 25.66
N THR B 192 -10.18 11.24 26.66
CA THR B 192 -10.12 9.80 26.83
C THR B 192 -11.53 9.27 27.06
N VAL B 193 -11.77 8.02 26.65
CA VAL B 193 -13.12 7.48 26.69
C VAL B 193 -13.68 7.55 28.11
N ASP B 194 -12.91 7.04 29.08
CA ASP B 194 -13.39 7.06 30.46
C ASP B 194 -13.38 8.48 31.01
N ASN B 195 -12.29 9.23 30.76
CA ASN B 195 -12.23 10.61 31.22
C ASN B 195 -13.32 11.45 30.56
N THR B 196 -13.54 11.26 29.26
CA THR B 196 -14.59 12.01 28.57
C THR B 196 -15.96 11.69 29.15
N LYS B 197 -16.24 10.40 29.34
CA LYS B 197 -17.53 10.00 29.91
C LYS B 197 -17.73 10.66 31.27
N PHE B 198 -16.72 10.56 32.13
CA PHE B 198 -16.86 11.08 33.48
C PHE B 198 -17.04 12.59 33.48
N VAL B 199 -16.25 13.31 32.67
CA VAL B 199 -16.33 14.76 32.70
C VAL B 199 -17.66 15.24 32.15
N THR B 200 -18.18 14.57 31.11
CA THR B 200 -19.50 14.92 30.60
C THR B 200 -20.57 14.67 31.66
N SER B 201 -20.49 13.53 32.36
CA SER B 201 -21.47 13.25 33.41
C SER B 201 -21.40 14.29 34.51
N MET B 202 -20.19 14.67 34.91
CA MET B 202 -20.02 15.69 35.95
C MET B 202 -20.60 17.02 35.50
N TYR B 203 -20.34 17.40 34.25
CA TYR B 203 -20.88 18.65 33.72
C TYR B 203 -22.40 18.63 33.77
N ASN B 204 -23.01 17.53 33.32
CA ASN B 204 -24.47 17.44 33.34
C ASN B 204 -25.00 17.56 34.76
N GLU B 205 -24.43 16.80 35.69
CA GLU B 205 -24.93 16.79 37.06
C GLU B 205 -24.79 18.15 37.70
N ILE B 206 -23.63 18.79 37.54
CA ILE B 206 -23.41 20.09 38.17
C ILE B 206 -24.33 21.13 37.58
N LEU B 207 -24.53 21.11 36.26
CA LEU B 207 -25.42 22.08 35.63
C LEU B 207 -26.84 21.92 36.16
N ILE B 208 -27.35 20.70 36.18
CA ILE B 208 -28.73 20.49 36.63
C ILE B 208 -28.88 20.87 38.10
N LEU B 209 -27.90 20.52 38.93
CA LEU B 209 -28.00 20.84 40.36
C LEU B 209 -27.96 22.35 40.56
N GLY B 210 -27.05 23.04 39.88
CA GLY B 210 -26.99 24.49 40.02
C GLY B 210 -28.26 25.16 39.56
N ALA B 211 -28.86 24.67 38.47
CA ALA B 211 -30.12 25.23 38.02
C ALA B 211 -31.21 25.00 39.05
N LYS B 212 -31.29 23.79 39.61
CA LYS B 212 -32.34 23.49 40.57
C LYS B 212 -32.20 24.37 41.82
N LEU B 213 -30.96 24.53 42.32
CA LEU B 213 -30.77 25.35 43.51
C LEU B 213 -30.98 26.83 43.20
N HIS B 214 -30.42 27.30 42.08
CA HIS B 214 -30.52 28.70 41.67
C HIS B 214 -31.02 28.73 40.23
N PRO B 215 -32.34 28.74 40.02
CA PRO B 215 -32.86 28.67 38.64
C PRO B 215 -32.72 29.98 37.88
N THR B 216 -32.77 31.11 38.59
CA THR B 216 -32.66 32.40 37.92
C THR B 216 -31.31 32.55 37.23
N LEU B 217 -30.23 32.14 37.90
CA LEU B 217 -28.90 32.30 37.35
C LEU B 217 -28.65 31.34 36.21
N LYS B 218 -27.82 31.77 35.26
CA LYS B 218 -27.44 30.96 34.10
C LYS B 218 -25.92 30.93 34.04
N LEU B 219 -25.33 29.78 34.38
CA LEU B 219 -23.88 29.65 34.46
C LEU B 219 -23.22 29.54 33.08
N GLU B 220 -23.98 29.18 32.05
CA GLU B 220 -23.38 28.96 30.74
C GLU B 220 -22.77 30.25 30.19
N GLU B 221 -23.47 31.38 30.32
CA GLU B 221 -22.98 32.63 29.79
C GLU B 221 -21.77 33.16 30.55
N ILE B 222 -21.46 32.60 31.72
CA ILE B 222 -20.32 33.07 32.48
C ILE B 222 -19.05 32.94 31.64
N THR B 223 -18.19 33.96 31.71
CA THR B 223 -16.99 34.03 30.91
C THR B 223 -15.80 34.36 31.80
N ASN B 224 -14.62 33.93 31.37
CA ASN B 224 -13.40 34.16 32.11
C ASN B 224 -12.91 35.58 31.92
N ARG B 225 -11.77 35.91 32.54
CA ARG B 225 -11.19 37.24 32.37
C ARG B 225 -10.80 37.49 30.91
N LYS B 226 -10.26 36.46 30.25
CA LYS B 226 -9.91 36.59 28.84
C LYS B 226 -11.14 36.90 27.98
N GLY B 227 -12.34 36.58 28.46
CA GLY B 227 -13.56 36.87 27.73
C GLY B 227 -14.02 35.70 26.87
N LEU B 228 -13.97 34.50 27.42
CA LEU B 228 -14.36 33.29 26.70
C LEU B 228 -15.34 32.47 27.54
N THR B 229 -16.37 31.96 26.87
CA THR B 229 -17.29 31.03 27.50
C THR B 229 -16.68 29.63 27.54
N PRO B 230 -17.17 28.76 28.44
CA PRO B 230 -16.56 27.42 28.52
C PRO B 230 -16.55 26.66 27.21
N LEU B 231 -17.63 26.78 26.42
CA LEU B 231 -17.64 26.16 25.10
C LEU B 231 -16.56 26.76 24.21
N ALA B 232 -16.35 28.07 24.30
CA ALA B 232 -15.33 28.72 23.49
C ALA B 232 -13.96 28.15 23.80
N LEU B 233 -13.63 27.95 25.08
CA LEU B 233 -12.35 27.36 25.41
C LEU B 233 -12.28 25.90 25.00
N ALA B 234 -13.38 25.16 25.18
CA ALA B 234 -13.40 23.77 24.73
C ALA B 234 -13.04 23.67 23.26
N ALA B 235 -13.53 24.63 22.46
CA ALA B 235 -13.20 24.63 21.04
C ALA B 235 -11.77 25.10 20.79
N SER B 236 -11.33 26.13 21.52
CA SER B 236 -9.99 26.69 21.29
C SER B 236 -8.90 25.68 21.63
N SER B 237 -9.04 25.01 22.78
CA SER B 237 -8.00 24.10 23.27
C SER B 237 -8.06 22.73 22.63
N GLY B 238 -9.07 22.44 21.82
CA GLY B 238 -9.16 21.16 21.15
C GLY B 238 -9.78 20.05 21.95
N LYS B 239 -10.73 20.36 22.83
CA LYS B 239 -11.40 19.35 23.65
C LYS B 239 -12.61 18.83 22.87
N ILE B 240 -12.41 17.73 22.14
CA ILE B 240 -13.45 17.22 21.26
C ILE B 240 -14.61 16.63 22.04
N GLY B 241 -14.32 15.86 23.09
CA GLY B 241 -15.39 15.16 23.79
C GLY B 241 -16.37 16.10 24.46
N VAL B 242 -15.85 17.11 25.17
CA VAL B 242 -16.72 18.06 25.85
C VAL B 242 -17.57 18.82 24.85
N LEU B 243 -16.95 19.26 23.75
CA LEU B 243 -17.69 19.97 22.71
C LEU B 243 -18.78 19.08 22.14
N ALA B 244 -18.46 17.83 21.83
CA ALA B 244 -19.45 16.92 21.26
C ALA B 244 -20.61 16.74 22.22
N TYR B 245 -20.33 16.57 23.50
CA TYR B 245 -21.41 16.42 24.47
C TYR B 245 -22.28 17.67 24.52
N ILE B 246 -21.66 18.85 24.56
CA ILE B 246 -22.42 20.08 24.75
C ILE B 246 -23.28 20.38 23.53
N LEU B 247 -22.72 20.22 22.33
CA LEU B 247 -23.43 20.68 21.14
C LEU B 247 -24.75 19.95 20.93
N GLN B 248 -24.85 18.70 21.39
CA GLN B 248 -26.06 17.91 21.29
C GLN B 248 -26.55 17.48 22.67
N ARG B 249 -26.53 18.42 23.62
CA ARG B 249 -26.97 18.15 24.97
C ARG B 249 -28.49 18.15 25.05
N GLU B 250 -29.03 17.37 26.00
CA GLU B 250 -30.46 17.28 26.19
C GLU B 250 -30.76 16.90 27.62
N ILE B 251 -31.84 17.46 28.17
CA ILE B 251 -32.28 17.20 29.53
C ILE B 251 -33.76 16.79 29.51
N HIS B 252 -34.05 15.64 30.12
CA HIS B 252 -35.37 15.01 30.19
C HIS B 252 -36.04 15.16 31.55
N GLU B 253 -35.87 16.31 32.21
CA GLU B 253 -36.46 16.52 33.52
C GLU B 253 -37.18 17.87 33.56
N PRO B 254 -38.44 17.91 34.01
CA PRO B 254 -39.12 19.20 34.14
C PRO B 254 -38.39 20.13 35.10
N GLU B 255 -38.65 21.43 34.94
CA GLU B 255 -38.09 22.53 35.70
C GLU B 255 -36.66 22.85 35.27
N CYS B 256 -36.05 22.05 34.40
CA CYS B 256 -34.72 22.37 33.87
C CYS B 256 -34.63 22.03 32.38
N ARG B 257 -35.75 21.83 31.71
CA ARG B 257 -35.73 21.50 30.28
C ARG B 257 -35.10 22.62 29.46
N HIS B 258 -35.20 23.86 29.93
CA HIS B 258 -34.67 24.99 29.17
C HIS B 258 -33.18 24.84 28.92
N LEU B 259 -32.45 24.17 29.82
CA LEU B 259 -31.01 24.03 29.68
C LEU B 259 -30.62 23.16 28.49
N SER B 260 -31.56 22.39 27.96
CA SER B 260 -31.27 21.53 26.82
C SER B 260 -30.99 22.35 25.57
N ARG B 261 -30.32 21.73 24.61
CA ARG B 261 -29.99 22.36 23.34
C ARG B 261 -30.60 21.65 22.14
N LYS B 262 -30.77 20.34 22.19
CA LYS B 262 -31.36 19.56 21.12
C LYS B 262 -32.77 19.12 21.50
N PHE B 263 -33.70 19.24 20.56
CA PHE B 263 -35.09 18.89 20.80
C PHE B 263 -35.64 18.01 19.70
N THR B 264 -36.95 17.76 19.72
CA THR B 264 -37.63 16.93 18.72
C THR B 264 -38.96 17.59 18.43
N GLU B 265 -39.00 18.44 17.40
CA GLU B 265 -40.21 19.18 17.10
C GLU B 265 -41.36 18.24 16.75
N TRP B 266 -41.09 17.22 15.93
CA TRP B 266 -42.11 16.25 15.58
C TRP B 266 -41.43 14.96 15.15
N ALA B 267 -41.96 13.84 15.62
CA ALA B 267 -41.51 12.51 15.23
C ALA B 267 -42.62 11.82 14.45
N TYR B 268 -42.25 11.17 13.34
CA TYR B 268 -43.21 10.51 12.48
C TYR B 268 -42.65 9.13 12.16
N GLY B 269 -43.21 8.10 12.77
CA GLY B 269 -42.83 6.73 12.45
C GLY B 269 -41.32 6.58 12.36
N PRO B 270 -40.80 6.27 11.15
CA PRO B 270 -39.34 6.22 10.98
C PRO B 270 -38.69 7.58 11.13
N VAL B 271 -39.20 8.55 10.39
CA VAL B 271 -38.56 9.86 10.29
C VAL B 271 -38.94 10.71 11.48
N HIS B 272 -37.96 11.41 12.04
CA HIS B 272 -38.19 12.31 13.15
C HIS B 272 -37.24 13.49 13.03
N SER B 273 -37.78 14.69 13.26
CA SER B 273 -37.04 15.93 13.05
C SER B 273 -36.56 16.47 14.39
N SER B 274 -35.27 16.83 14.44
CA SER B 274 -34.65 17.35 15.64
C SER B 274 -34.14 18.77 15.38
N LEU B 275 -34.17 19.60 16.41
CA LEU B 275 -33.76 20.98 16.33
C LEU B 275 -32.48 21.18 17.13
N TYR B 276 -31.58 22.02 16.62
CA TYR B 276 -30.28 22.24 17.22
C TYR B 276 -30.11 23.72 17.58
N ASP B 277 -29.55 23.97 18.75
CA ASP B 277 -29.27 25.33 19.17
C ASP B 277 -28.05 25.88 18.43
N LEU B 278 -28.26 26.92 17.63
CA LEU B 278 -27.18 27.56 16.88
C LEU B 278 -26.65 28.81 17.56
N SER B 279 -27.19 29.18 18.73
CA SER B 279 -26.65 30.31 19.45
C SER B 279 -25.20 30.05 19.81
N CYS B 280 -24.34 31.03 19.55
CA CYS B 280 -22.90 30.95 19.78
C CYS B 280 -22.22 29.97 18.84
N ILE B 281 -22.90 29.53 17.78
CA ILE B 281 -22.35 28.56 16.82
C ILE B 281 -22.04 29.24 15.49
N ASP B 282 -23.07 29.74 14.80
CA ASP B 282 -22.87 30.33 13.48
C ASP B 282 -22.32 31.75 13.61
N THR B 283 -23.07 32.64 14.26
CA THR B 283 -22.64 34.02 14.50
C THR B 283 -22.82 34.32 15.98
N CYS B 284 -21.81 33.95 16.77
CA CYS B 284 -21.71 34.48 18.12
C CYS B 284 -21.36 35.97 18.11
N GLU B 285 -20.77 36.43 17.00
CA GLU B 285 -20.37 37.83 16.81
C GLU B 285 -19.21 38.20 17.71
N LYS B 286 -18.80 37.31 18.62
CA LYS B 286 -17.66 37.58 19.50
C LYS B 286 -16.54 36.57 19.32
N ASN B 287 -16.78 35.29 19.59
CA ASN B 287 -15.77 34.24 19.46
C ASN B 287 -16.41 32.95 18.95
N SER B 288 -17.24 33.06 17.92
CA SER B 288 -18.02 31.92 17.42
C SER B 288 -17.16 30.65 17.36
N VAL B 289 -17.78 29.52 17.67
CA VAL B 289 -17.06 28.26 17.76
C VAL B 289 -16.42 27.92 16.41
N LEU B 290 -17.17 28.09 15.33
CA LEU B 290 -16.61 27.82 14.01
C LEU B 290 -15.39 28.70 13.76
N GLU B 291 -15.50 29.98 14.09
CA GLU B 291 -14.41 30.92 13.92
C GLU B 291 -13.18 30.48 14.72
N VAL B 292 -13.38 30.10 15.97
CA VAL B 292 -12.26 29.69 16.82
C VAL B 292 -11.61 28.44 16.26
N ILE B 293 -12.42 27.46 15.83
CA ILE B 293 -11.87 26.24 15.27
C ILE B 293 -11.06 26.55 14.01
N ALA B 294 -11.53 27.51 13.20
CA ALA B 294 -10.85 27.83 11.95
C ALA B 294 -9.59 28.67 12.18
N TYR B 295 -9.74 29.82 12.84
CA TYR B 295 -8.58 30.67 13.13
C TYR B 295 -7.44 29.88 13.77
N SER B 296 -7.74 29.20 14.87
CA SER B 296 -6.73 28.65 15.76
C SER B 296 -5.56 28.08 14.98
N SER B 297 -4.35 28.48 15.39
CA SER B 297 -3.12 28.03 14.74
C SER B 297 -3.08 26.51 14.67
N SER B 298 -2.21 25.96 13.82
CA SER B 298 -2.32 24.57 13.40
C SER B 298 -1.80 23.57 14.42
N GLU B 299 -1.61 23.94 15.68
CA GLU B 299 -1.06 22.99 16.65
C GLU B 299 -2.12 22.28 17.48
N THR B 300 -3.38 22.71 17.43
CA THR B 300 -4.41 22.04 18.21
C THR B 300 -4.58 20.59 17.73
N PRO B 301 -4.78 19.64 18.64
CA PRO B 301 -4.71 18.23 18.23
C PRO B 301 -5.71 17.83 17.16
N ASN B 302 -6.96 18.28 17.28
CA ASN B 302 -8.07 17.71 16.50
C ASN B 302 -8.94 18.82 15.90
N ARG B 303 -8.31 19.79 15.24
CA ARG B 303 -9.08 20.80 14.55
C ARG B 303 -9.99 20.19 13.48
N HIS B 304 -9.51 19.18 12.77
CA HIS B 304 -10.34 18.54 11.75
C HIS B 304 -11.46 17.73 12.40
N ASP B 305 -11.13 16.95 13.43
CA ASP B 305 -12.12 16.07 14.05
C ASP B 305 -13.24 16.84 14.73
N MET B 306 -13.05 18.13 14.99
CA MET B 306 -14.05 18.94 15.69
C MET B 306 -15.01 19.64 14.73
N LEU B 307 -14.80 19.54 13.42
CA LEU B 307 -15.73 20.08 12.44
C LEU B 307 -16.64 19.01 11.85
N LEU B 308 -16.60 17.79 12.40
CA LEU B 308 -17.50 16.72 11.98
C LEU B 308 -18.65 16.50 12.97
N VAL B 309 -18.66 17.21 14.09
CA VAL B 309 -19.77 17.09 15.01
C VAL B 309 -21.06 17.44 14.27
N GLU B 310 -22.15 16.83 14.70
CA GLU B 310 -23.37 16.74 13.92
C GLU B 310 -23.81 18.08 13.32
N PRO B 311 -24.12 19.10 14.13
CA PRO B 311 -24.65 20.34 13.55
C PRO B 311 -23.69 21.07 12.62
N LEU B 312 -22.37 20.98 12.88
CA LEU B 312 -21.43 21.89 12.23
C LEU B 312 -21.32 21.62 10.73
N ASN B 313 -21.15 20.35 10.35
CA ASN B 313 -20.97 20.04 8.93
C ASN B 313 -22.22 20.41 8.13
N ARG B 314 -23.39 20.09 8.66
CA ARG B 314 -24.63 20.44 7.98
C ARG B 314 -24.79 21.95 7.89
N LEU B 315 -24.41 22.68 8.95
CA LEU B 315 -24.47 24.13 8.91
C LEU B 315 -23.57 24.70 7.81
N LEU B 316 -22.35 24.17 7.71
CA LEU B 316 -21.43 24.64 6.68
C LEU B 316 -21.97 24.35 5.28
N GLN B 317 -22.50 23.15 5.08
CA GLN B 317 -23.06 22.81 3.77
C GLN B 317 -24.25 23.71 3.43
N ASP B 318 -25.10 23.99 4.41
CA ASP B 318 -26.24 24.87 4.18
C ASP B 318 -25.78 26.27 3.80
N LYS B 319 -24.80 26.81 4.52
CA LYS B 319 -24.28 28.13 4.19
C LYS B 319 -23.72 28.15 2.77
N TRP B 320 -22.95 27.11 2.43
CA TRP B 320 -22.36 27.01 1.12
C TRP B 320 -23.45 27.09 0.06
N ASP B 321 -24.33 26.08 0.06
CA ASP B 321 -25.38 26.01 -0.95
C ASP B 321 -26.30 27.22 -0.92
N ARG B 322 -26.36 27.94 0.20
CA ARG B 322 -27.16 29.15 0.25
C ARG B 322 -26.54 30.24 -0.60
N PHE B 323 -25.33 30.67 -0.25
CA PHE B 323 -24.77 31.85 -0.92
C PHE B 323 -23.33 31.70 -1.36
N VAL B 324 -22.56 30.84 -0.68
CA VAL B 324 -21.12 30.90 -0.84
C VAL B 324 -20.70 30.43 -2.23
N LYS B 325 -21.44 29.48 -2.81
CA LYS B 325 -21.15 29.07 -4.18
C LYS B 325 -21.18 30.27 -5.12
N ARG B 326 -22.25 31.08 -5.03
CA ARG B 326 -22.36 32.26 -5.88
C ARG B 326 -21.26 33.27 -5.58
N ILE B 327 -20.96 33.50 -4.31
CA ILE B 327 -19.91 34.47 -3.98
C ILE B 327 -18.57 34.01 -4.58
N PHE B 328 -18.25 32.73 -4.42
CA PHE B 328 -16.99 32.19 -4.92
C PHE B 328 -16.91 32.31 -6.44
N TYR B 329 -17.99 31.95 -7.13
CA TYR B 329 -17.98 32.03 -8.59
C TYR B 329 -17.85 33.48 -9.06
N PHE B 330 -18.52 34.41 -8.39
CA PHE B 330 -18.40 35.81 -8.75
C PHE B 330 -16.96 36.30 -8.57
N ASN B 331 -16.33 35.94 -7.45
CA ASN B 331 -14.95 36.33 -7.23
C ASN B 331 -14.04 35.75 -8.32
N PHE B 332 -14.24 34.48 -8.66
CA PHE B 332 -13.42 33.84 -9.69
C PHE B 332 -13.58 34.58 -11.02
N PHE B 333 -14.82 34.89 -11.40
CA PHE B 333 -15.08 35.55 -12.67
C PHE B 333 -14.44 36.93 -12.71
N VAL B 334 -14.59 37.70 -11.62
CA VAL B 334 -14.04 39.06 -11.62
C VAL B 334 -12.52 39.01 -11.65
N TYR B 335 -11.92 38.03 -10.97
CA TYR B 335 -10.47 37.92 -11.01
C TYR B 335 -9.98 37.57 -12.40
N CYS B 336 -10.67 36.65 -13.09
CA CYS B 336 -10.30 36.32 -14.45
C CYS B 336 -10.41 37.55 -15.35
N LEU B 337 -11.47 38.33 -15.19
CA LEU B 337 -11.62 39.54 -15.98
C LEU B 337 -10.47 40.51 -15.74
N TYR B 338 -10.10 40.70 -14.47
CA TYR B 338 -9.01 41.61 -14.14
C TYR B 338 -7.70 41.13 -14.75
N MET B 339 -7.45 39.82 -14.69
CA MET B 339 -6.21 39.29 -15.25
C MET B 339 -6.17 39.46 -16.76
N ILE B 340 -7.30 39.23 -17.44
CA ILE B 340 -7.33 39.43 -18.88
C ILE B 340 -7.05 40.89 -19.22
N ILE B 341 -7.68 41.81 -18.48
CA ILE B 341 -7.45 43.23 -18.74
C ILE B 341 -5.99 43.59 -18.53
N PHE B 342 -5.39 43.07 -17.45
CA PHE B 342 -3.99 43.36 -17.17
C PHE B 342 -3.08 42.83 -18.27
N THR B 343 -3.34 41.61 -18.73
CA THR B 343 -2.52 41.04 -19.80
C THR B 343 -2.65 41.85 -21.08
N ALA B 344 -3.88 42.24 -21.43
CA ALA B 344 -4.06 43.04 -22.65
C ALA B 344 -3.34 44.38 -22.53
N ALA B 345 -3.43 45.04 -21.38
CA ALA B 345 -2.76 46.31 -21.21
C ALA B 345 -1.24 46.17 -21.27
N ALA B 346 -0.71 45.09 -20.67
CA ALA B 346 0.73 44.91 -20.66
C ALA B 346 1.27 44.53 -22.03
N TYR B 347 0.49 43.81 -22.83
CA TYR B 347 0.96 43.43 -24.16
C TYR B 347 1.27 44.65 -25.01
N TYR B 348 0.42 45.67 -24.94
CA TYR B 348 0.51 46.84 -25.82
C TYR B 348 1.42 47.93 -25.23
N ARG B 349 2.36 47.57 -24.38
CA ARG B 349 3.23 48.58 -23.78
C ARG B 349 3.99 49.31 -24.88
N PRO B 350 4.05 50.64 -24.85
CA PRO B 350 4.83 51.37 -25.86
C PRO B 350 6.32 51.21 -25.65
N VAL B 351 7.06 51.43 -26.74
CA VAL B 351 8.51 51.20 -26.76
C VAL B 351 9.27 52.52 -26.99
N GLU B 352 8.61 53.66 -26.79
CA GLU B 352 9.28 54.94 -27.06
C GLU B 352 10.47 55.14 -26.12
N GLY B 353 10.22 55.23 -24.81
CA GLY B 353 11.31 55.39 -23.87
C GLY B 353 11.01 56.21 -22.64
N LEU B 354 11.50 55.75 -21.49
CA LEU B 354 11.57 56.53 -20.25
C LEU B 354 10.23 57.14 -19.88
N PRO B 355 9.30 56.36 -19.34
CA PRO B 355 8.00 56.89 -18.93
C PRO B 355 8.16 58.09 -18.00
N PRO B 356 7.07 58.80 -17.68
CA PRO B 356 5.70 58.52 -18.09
C PRO B 356 5.47 58.74 -19.59
N TYR B 357 4.39 58.17 -20.12
CA TYR B 357 4.09 58.21 -21.54
C TYR B 357 2.94 59.18 -21.78
N LYS B 358 3.16 60.13 -22.68
CA LYS B 358 2.18 61.17 -22.95
C LYS B 358 1.00 60.60 -23.72
N LEU B 359 -0.20 61.06 -23.37
CA LEU B 359 -1.43 60.55 -23.98
C LEU B 359 -1.60 61.10 -25.39
N LYS B 360 -1.78 60.21 -26.35
CA LYS B 360 -2.08 60.57 -27.73
C LYS B 360 -3.56 60.33 -28.00
N ASN B 361 -4.21 61.32 -28.61
CA ASN B 361 -5.65 61.25 -28.84
C ASN B 361 -5.96 60.11 -29.80
N THR B 362 -6.50 59.02 -29.27
CA THR B 362 -6.90 57.87 -30.06
C THR B 362 -7.64 56.90 -29.14
N VAL B 363 -8.49 56.07 -29.74
CA VAL B 363 -9.25 55.11 -28.94
C VAL B 363 -8.32 54.13 -28.25
N GLY B 364 -7.30 53.65 -28.96
CA GLY B 364 -6.37 52.70 -28.37
C GLY B 364 -5.66 53.26 -27.14
N ASP B 365 -5.23 54.52 -27.22
CA ASP B 365 -4.56 55.14 -26.08
C ASP B 365 -5.50 55.27 -24.90
N TYR B 366 -6.75 55.67 -25.13
CA TYR B 366 -7.71 55.76 -24.05
C TYR B 366 -7.92 54.41 -23.39
N PHE B 367 -8.08 53.35 -24.21
CA PHE B 367 -8.27 52.02 -23.65
C PHE B 367 -7.05 51.58 -22.86
N ARG B 368 -5.84 51.88 -23.37
CA ARG B 368 -4.63 51.51 -22.66
C ARG B 368 -4.54 52.20 -21.30
N VAL B 369 -4.85 53.49 -21.26
CA VAL B 369 -4.82 54.21 -19.99
C VAL B 369 -5.85 53.64 -19.02
N THR B 370 -7.05 53.35 -19.52
CA THR B 370 -8.08 52.77 -18.67
C THR B 370 -7.62 51.44 -18.08
N GLY B 371 -7.03 50.58 -18.92
CA GLY B 371 -6.56 49.29 -18.44
C GLY B 371 -5.44 49.42 -17.42
N GLU B 372 -4.51 50.34 -17.66
CA GLU B 372 -3.44 50.55 -16.71
C GLU B 372 -3.99 51.01 -15.36
N ILE B 373 -4.94 51.96 -15.39
CA ILE B 373 -5.53 52.45 -14.15
C ILE B 373 -6.23 51.31 -13.41
N LEU B 374 -7.00 50.50 -14.14
CA LEU B 374 -7.72 49.40 -13.50
C LEU B 374 -6.75 48.40 -12.87
N SER B 375 -5.68 48.07 -13.58
CA SER B 375 -4.71 47.11 -13.04
C SER B 375 -4.04 47.65 -11.79
N VAL B 376 -3.65 48.93 -11.80
CA VAL B 376 -3.02 49.51 -10.62
C VAL B 376 -4.00 49.51 -9.45
N SER B 377 -5.27 49.87 -9.72
CA SER B 377 -6.26 49.87 -8.65
C SER B 377 -6.44 48.47 -8.06
N GLY B 378 -6.48 47.46 -8.91
CA GLY B 378 -6.61 46.10 -8.41
C GLY B 378 -5.44 45.66 -7.56
N GLY B 379 -4.22 45.99 -8.00
CA GLY B 379 -3.05 45.65 -7.20
C GLY B 379 -3.07 46.36 -5.85
N VAL B 380 -3.47 47.63 -5.86
CA VAL B 380 -3.57 48.40 -4.62
C VAL B 380 -4.59 47.77 -3.68
N TYR B 381 -5.74 47.37 -4.23
CA TYR B 381 -6.77 46.70 -3.43
C TYR B 381 -6.24 45.42 -2.81
N PHE B 382 -5.51 44.63 -3.59
CA PHE B 382 -4.95 43.39 -3.04
C PHE B 382 -3.97 43.68 -1.92
N PHE B 383 -3.13 44.70 -2.09
CA PHE B 383 -2.17 45.07 -1.06
C PHE B 383 -2.89 45.40 0.24
N PHE B 384 -3.92 46.25 0.15
CA PHE B 384 -4.69 46.63 1.35
C PHE B 384 -5.40 45.44 1.97
N ARG B 385 -6.03 44.60 1.15
CA ARG B 385 -6.70 43.42 1.69
C ARG B 385 -5.73 42.54 2.45
N GLY B 386 -4.54 42.30 1.88
CA GLY B 386 -3.57 41.45 2.55
C GLY B 386 -3.05 42.05 3.84
N ILE B 387 -2.73 43.34 3.82
CA ILE B 387 -2.17 43.96 5.02
C ILE B 387 -3.19 43.93 6.15
N GLN B 388 -4.46 44.25 5.86
CA GLN B 388 -5.45 44.26 6.93
C GLN B 388 -5.84 42.84 7.35
N TYR B 389 -5.76 41.87 6.43
CA TYR B 389 -5.89 40.47 6.83
C TYR B 389 -4.83 40.10 7.86
N PHE B 390 -3.58 40.43 7.57
CA PHE B 390 -2.51 40.14 8.53
C PHE B 390 -2.76 40.86 9.85
N LEU B 391 -3.22 42.10 9.78
CA LEU B 391 -3.45 42.86 11.01
C LEU B 391 -4.53 42.20 11.87
N GLN B 392 -5.64 41.77 11.26
CA GLN B 392 -6.75 41.27 12.07
C GLN B 392 -6.58 39.81 12.47
N ARG B 393 -5.79 39.03 11.72
CA ARG B 393 -5.56 37.64 12.11
C ARG B 393 -4.35 37.49 13.03
N ARG B 394 -3.25 38.18 12.70
CA ARG B 394 -2.02 38.10 13.47
C ARG B 394 -1.57 36.64 13.63
N PRO B 395 -1.33 35.93 12.54
CA PRO B 395 -0.89 34.54 12.64
C PRO B 395 0.55 34.44 13.09
N SER B 396 0.91 33.25 13.57
CA SER B 396 2.29 32.98 13.96
C SER B 396 3.19 32.94 12.73
N LEU B 397 4.43 33.38 12.92
CA LEU B 397 5.41 33.31 11.84
C LEU B 397 5.59 31.88 11.35
N LYS B 398 5.46 30.90 12.24
CA LYS B 398 5.59 29.50 11.85
C LYS B 398 4.41 29.07 10.97
N SER B 399 3.26 29.70 11.13
CA SER B 399 2.06 29.33 10.38
C SER B 399 1.93 30.10 9.07
N LEU B 400 2.80 31.07 8.80
CA LEU B 400 2.70 31.85 7.56
C LEU B 400 2.88 30.96 6.34
N PHE B 401 3.86 30.05 6.40
CA PHE B 401 4.18 29.21 5.24
C PHE B 401 3.39 27.90 5.25
N VAL B 402 3.27 27.26 6.42
CA VAL B 402 2.48 26.04 6.51
C VAL B 402 1.03 26.31 6.17
N ASP B 403 0.48 27.40 6.70
CA ASP B 403 -0.89 27.80 6.46
C ASP B 403 -0.91 29.19 5.84
N SER B 404 -1.99 29.51 5.14
CA SER B 404 -2.15 30.80 4.49
C SER B 404 -0.99 31.08 3.55
N TYR B 405 -0.57 30.06 2.80
CA TYR B 405 0.54 30.19 1.88
C TYR B 405 0.15 30.79 0.54
N SER B 406 -1.13 31.12 0.35
CA SER B 406 -1.61 31.79 -0.85
C SER B 406 -1.77 33.29 -0.65
N GLU B 407 -2.19 33.71 0.54
CA GLU B 407 -2.30 35.14 0.83
C GLU B 407 -0.95 35.82 0.72
N ILE B 408 0.11 35.13 1.15
CA ILE B 408 1.46 35.70 1.02
C ILE B 408 1.81 35.92 -0.44
N LEU B 409 1.47 34.95 -1.30
CA LEU B 409 1.74 35.09 -2.72
C LEU B 409 0.97 36.27 -3.31
N PHE B 410 -0.30 36.41 -2.96
CA PHE B 410 -1.08 37.55 -3.45
C PHE B 410 -0.47 38.87 -2.98
N PHE B 411 -0.05 38.92 -1.71
CA PHE B 411 0.53 40.14 -1.16
C PHE B 411 1.82 40.51 -1.87
N VAL B 412 2.69 39.54 -2.13
CA VAL B 412 3.94 39.84 -2.82
C VAL B 412 3.69 40.23 -4.26
N GLN B 413 2.66 39.66 -4.90
CA GLN B 413 2.29 40.11 -6.23
C GLN B 413 1.87 41.58 -6.21
N SER B 414 1.07 41.96 -5.22
CA SER B 414 0.69 43.36 -5.08
C SER B 414 1.91 44.24 -4.85
N LEU B 415 2.88 43.75 -4.06
CA LEU B 415 4.11 44.48 -3.84
C LEU B 415 4.84 44.71 -5.16
N PHE B 416 4.92 43.67 -5.99
CA PHE B 416 5.56 43.81 -7.29
C PHE B 416 4.88 44.88 -8.12
N MET B 417 3.54 44.87 -8.13
CA MET B 417 2.82 45.87 -8.92
C MET B 417 3.09 47.28 -8.41
N LEU B 418 3.08 47.46 -7.09
CA LEU B 418 3.33 48.79 -6.54
C LEU B 418 4.74 49.27 -6.86
N VAL B 419 5.73 48.38 -6.74
CA VAL B 419 7.10 48.73 -7.10
C VAL B 419 7.17 49.10 -8.57
N SER B 420 6.41 48.39 -9.41
CA SER B 420 6.37 48.74 -10.82
C SER B 420 5.86 50.17 -11.02
N VAL B 421 4.80 50.53 -10.32
CA VAL B 421 4.27 51.89 -10.43
C VAL B 421 5.32 52.90 -9.99
N VAL B 422 5.97 52.64 -8.86
CA VAL B 422 6.97 53.57 -8.33
C VAL B 422 8.08 53.79 -9.34
N LEU B 423 8.60 52.70 -9.91
CA LEU B 423 9.66 52.84 -10.91
C LEU B 423 9.15 53.48 -12.19
N TYR B 424 7.86 53.30 -12.49
CA TYR B 424 7.29 53.93 -13.67
C TYR B 424 7.29 55.45 -13.53
N PHE B 425 6.96 55.96 -12.34
CA PHE B 425 6.93 57.40 -12.12
C PHE B 425 8.29 57.96 -11.70
N SER B 426 9.38 57.27 -12.05
CA SER B 426 10.72 57.74 -11.73
C SER B 426 11.63 57.71 -12.96
N GLN B 427 11.06 57.59 -14.16
CA GLN B 427 11.83 57.61 -15.41
C GLN B 427 12.87 56.48 -15.45
N ARG B 428 12.37 55.26 -15.26
CA ARG B 428 13.20 54.07 -15.29
C ARG B 428 12.57 53.03 -16.21
N LYS B 429 13.40 52.11 -16.68
CA LYS B 429 12.99 51.11 -17.66
C LYS B 429 12.76 49.74 -17.05
N GLU B 430 12.78 49.62 -15.73
CA GLU B 430 12.57 48.37 -15.04
C GLU B 430 11.12 48.19 -14.59
N TYR B 431 10.28 49.18 -14.88
CA TYR B 431 8.84 49.03 -14.66
C TYR B 431 8.31 47.85 -15.45
N VAL B 432 8.84 47.63 -16.65
CA VAL B 432 8.41 46.50 -17.46
C VAL B 432 8.77 45.19 -16.78
N ALA B 433 9.97 45.09 -16.22
CA ALA B 433 10.38 43.87 -15.53
C ALA B 433 9.46 43.59 -14.36
N SER B 434 9.20 44.61 -13.53
CA SER B 434 8.31 44.41 -12.40
C SER B 434 6.91 44.03 -12.86
N MET B 435 6.42 44.66 -13.92
CA MET B 435 5.08 44.38 -14.43
C MET B 435 4.98 42.93 -14.91
N VAL B 436 5.98 42.45 -15.65
CA VAL B 436 5.92 41.07 -16.12
C VAL B 436 6.01 40.10 -14.97
N PHE B 437 6.82 40.42 -13.96
CA PHE B 437 6.87 39.57 -12.76
C PHE B 437 5.49 39.44 -12.14
N SER B 438 4.82 40.58 -11.92
CA SER B 438 3.50 40.56 -11.30
C SER B 438 2.50 39.80 -12.17
N LEU B 439 2.56 40.02 -13.49
CA LEU B 439 1.62 39.36 -14.40
C LEU B 439 1.78 37.85 -14.33
N ALA B 440 3.01 37.35 -14.44
CA ALA B 440 3.25 35.92 -14.38
C ALA B 440 2.80 35.37 -13.04
N MET B 441 3.10 36.07 -11.95
CA MET B 441 2.75 35.56 -10.64
C MET B 441 1.24 35.51 -10.43
N GLY B 442 0.51 36.49 -10.98
CA GLY B 442 -0.94 36.43 -10.91
C GLY B 442 -1.51 35.27 -11.71
N TRP B 443 -0.99 35.07 -12.93
CA TRP B 443 -1.42 33.93 -13.72
C TRP B 443 -1.18 32.63 -12.97
N THR B 444 -0.08 32.55 -12.22
CA THR B 444 0.17 31.38 -11.39
C THR B 444 -0.84 31.29 -10.24
N ASN B 445 -1.06 32.40 -9.55
CA ASN B 445 -1.94 32.41 -8.38
C ASN B 445 -3.38 32.08 -8.75
N MET B 446 -3.74 32.19 -10.03
CA MET B 446 -5.08 31.79 -10.44
C MET B 446 -5.45 30.39 -9.94
N LEU B 447 -4.46 29.56 -9.60
CA LEU B 447 -4.73 28.21 -9.14
C LEU B 447 -5.53 28.17 -7.84
N TYR B 448 -5.58 29.26 -7.09
CA TYR B 448 -6.24 29.25 -5.79
C TYR B 448 -7.70 28.82 -5.93
N TYR B 449 -8.32 29.05 -7.07
CA TYR B 449 -9.72 28.72 -7.28
C TYR B 449 -9.92 27.29 -7.75
N THR B 450 -8.85 26.50 -7.86
CA THR B 450 -9.01 25.08 -8.13
C THR B 450 -9.89 24.42 -7.08
N ARG B 451 -9.76 24.86 -5.83
CA ARG B 451 -10.69 24.44 -4.79
C ARG B 451 -12.06 25.05 -5.05
N GLY B 452 -13.06 24.51 -4.38
CA GLY B 452 -14.43 24.81 -4.72
C GLY B 452 -14.93 24.09 -5.96
N PHE B 453 -14.09 23.25 -6.56
CA PHE B 453 -14.44 22.47 -7.75
C PHE B 453 -13.96 21.04 -7.50
N GLN B 454 -14.85 20.22 -6.92
CA GLN B 454 -14.56 18.79 -6.78
C GLN B 454 -13.87 18.21 -8.00
N GLN B 455 -14.36 18.54 -9.21
CA GLN B 455 -13.93 17.86 -10.42
C GLN B 455 -12.42 17.98 -10.63
N MET B 456 -11.86 19.12 -10.24
CA MET B 456 -10.44 19.37 -10.46
C MET B 456 -9.54 18.51 -9.60
N GLY B 457 -10.07 17.85 -8.57
CA GLY B 457 -9.26 16.97 -7.74
C GLY B 457 -9.68 16.98 -6.29
N ILE B 458 -9.79 15.78 -5.71
CA ILE B 458 -10.17 15.65 -4.31
C ILE B 458 -8.95 15.60 -3.41
N TYR B 459 -7.92 14.86 -3.82
CA TYR B 459 -6.67 14.76 -3.07
C TYR B 459 -5.64 15.72 -3.67
N ALA B 460 -5.84 17.00 -3.39
CA ALA B 460 -4.85 18.03 -3.73
C ALA B 460 -4.07 18.50 -2.51
N VAL B 461 -3.98 17.66 -1.49
CA VAL B 461 -3.22 17.99 -0.29
C VAL B 461 -1.72 17.72 -0.45
N MET B 462 -1.34 16.88 -1.42
CA MET B 462 0.06 16.62 -1.68
C MET B 462 0.81 17.89 -2.10
N ILE B 463 0.09 18.91 -2.54
CA ILE B 463 0.72 20.21 -2.81
C ILE B 463 1.52 20.65 -1.59
N GLU B 464 0.93 20.52 -0.40
CA GLU B 464 1.62 20.95 0.82
C GLU B 464 2.70 19.99 1.24
N LYS B 465 2.47 18.68 1.04
CA LYS B 465 3.52 17.70 1.32
C LYS B 465 4.72 17.89 0.43
N MET B 466 4.60 18.60 -0.71
CA MET B 466 5.67 18.62 -1.74
C MET B 466 6.24 19.99 -2.13
N ILE B 467 5.46 21.04 -2.33
CA ILE B 467 5.98 22.29 -2.89
C ILE B 467 6.96 22.93 -1.92
N LEU B 468 6.83 22.61 -0.65
CA LEU B 468 7.76 23.04 0.38
C LEU B 468 8.54 21.85 0.93
N ARG B 469 7.82 20.87 1.49
CA ARG B 469 8.45 19.86 2.34
C ARG B 469 9.54 19.09 1.61
N ASP B 470 9.45 18.98 0.29
CA ASP B 470 10.45 18.24 -0.47
C ASP B 470 11.17 19.10 -1.49
N LEU B 471 10.46 20.03 -2.12
CA LEU B 471 11.11 20.91 -3.09
C LEU B 471 12.20 21.73 -2.43
N CYS B 472 11.93 22.34 -1.28
CA CYS B 472 12.93 23.19 -0.66
C CYS B 472 14.13 22.37 -0.17
N ARG B 473 13.86 21.21 0.43
CA ARG B 473 14.94 20.33 0.86
C ARG B 473 15.84 19.96 -0.32
N PHE B 474 15.23 19.50 -1.41
CA PHE B 474 16.01 19.06 -2.55
C PHE B 474 16.83 20.21 -3.14
N MET B 475 16.20 21.39 -3.26
CA MET B 475 16.92 22.52 -3.82
C MET B 475 18.13 22.87 -2.96
N PHE B 476 17.94 22.90 -1.64
CA PHE B 476 19.04 23.22 -0.73
C PHE B 476 20.19 22.22 -0.89
N VAL B 477 19.89 20.93 -0.81
CA VAL B 477 20.93 19.91 -0.88
C VAL B 477 21.62 19.95 -2.24
N TYR B 478 20.84 20.08 -3.31
CA TYR B 478 21.41 20.09 -4.65
C TYR B 478 22.32 21.29 -4.85
N LEU B 479 21.93 22.45 -4.31
CA LEU B 479 22.78 23.63 -4.44
C LEU B 479 24.08 23.46 -3.68
N VAL B 480 24.02 22.83 -2.49
CA VAL B 480 25.25 22.58 -1.74
C VAL B 480 26.18 21.67 -2.55
N PHE B 481 25.63 20.57 -3.09
CA PHE B 481 26.42 19.67 -3.92
C PHE B 481 27.02 20.41 -5.11
N LEU B 482 26.19 21.23 -5.77
CA LEU B 482 26.64 21.99 -6.92
C LEU B 482 27.84 22.85 -6.57
N PHE B 483 27.73 23.62 -5.49
CA PHE B 483 28.81 24.50 -5.10
C PHE B 483 30.09 23.73 -4.82
N GLY B 484 29.99 22.67 -4.01
CA GLY B 484 31.19 21.92 -3.65
C GLY B 484 31.87 21.31 -4.86
N PHE B 485 31.11 20.59 -5.68
CA PHE B 485 31.71 19.91 -6.83
C PHE B 485 32.22 20.92 -7.86
N SER B 486 31.51 22.03 -8.05
CA SER B 486 31.99 23.05 -8.98
C SER B 486 33.30 23.66 -8.51
N THR B 487 33.42 23.92 -7.20
CA THR B 487 34.68 24.42 -6.67
C THR B 487 35.80 23.41 -6.91
N ALA B 488 35.54 22.13 -6.65
CA ALA B 488 36.56 21.12 -6.88
C ALA B 488 36.99 21.10 -8.35
N VAL B 489 36.00 21.10 -9.25
CA VAL B 489 36.31 21.00 -10.68
C VAL B 489 37.11 22.21 -11.13
N VAL B 490 36.67 23.42 -10.77
CA VAL B 490 37.37 24.62 -11.20
C VAL B 490 38.77 24.65 -10.62
N THR B 491 38.94 24.14 -9.40
CA THR B 491 40.29 24.02 -8.85
C THR B 491 41.14 23.09 -9.71
N LEU B 492 40.56 21.98 -10.17
CA LEU B 492 41.32 21.06 -11.01
C LEU B 492 41.69 21.68 -12.35
N ILE B 493 40.84 22.56 -12.88
CA ILE B 493 41.09 23.12 -14.21
C ILE B 493 42.37 23.93 -14.19
N GLU B 494 43.06 23.94 -15.33
CA GLU B 494 44.35 24.62 -15.47
C GLU B 494 44.17 26.05 -15.98
N ASP B 495 43.62 26.21 -17.17
CA ASP B 495 43.38 27.50 -17.78
C ASP B 495 42.15 27.39 -18.67
N GLY B 496 41.89 28.44 -19.44
CA GLY B 496 40.81 28.41 -20.42
C GLY B 496 39.55 29.11 -19.95
N LYS B 497 38.41 28.71 -20.52
CA LYS B 497 37.14 29.35 -20.18
C LYS B 497 36.63 28.91 -18.81
N TYR B 498 36.99 27.70 -18.38
CA TYR B 498 36.40 27.09 -17.20
C TYR B 498 37.31 27.12 -15.98
N ASN B 499 38.29 28.03 -15.95
CA ASN B 499 39.02 28.31 -14.73
C ASN B 499 38.29 29.32 -13.84
N SER B 500 37.02 29.58 -14.14
CA SER B 500 36.17 30.44 -13.33
C SER B 500 34.99 29.63 -12.81
N LEU B 501 34.55 29.97 -11.60
CA LEU B 501 33.53 29.16 -10.93
C LEU B 501 32.21 29.18 -11.70
N TYR B 502 31.76 30.36 -12.13
CA TYR B 502 30.44 30.46 -12.72
C TYR B 502 30.36 29.63 -13.99
N SER B 503 31.39 29.72 -14.84
CA SER B 503 31.35 28.98 -16.10
C SER B 503 31.28 27.48 -15.85
N THR B 504 32.01 27.00 -14.84
CA THR B 504 31.98 25.58 -14.52
C THR B 504 30.66 25.13 -13.93
N CYS B 505 30.08 25.90 -13.01
CA CYS B 505 28.80 25.55 -12.44
C CYS B 505 27.69 25.59 -13.47
N LEU B 506 27.71 26.55 -14.39
CA LEU B 506 26.69 26.65 -15.42
C LEU B 506 26.66 25.44 -16.35
N GLU B 507 27.79 24.73 -16.48
CA GLU B 507 27.92 23.59 -17.37
C GLU B 507 27.75 22.26 -16.63
N LEU B 508 28.23 22.21 -15.39
CA LEU B 508 27.92 21.09 -14.52
C LEU B 508 26.43 21.02 -14.24
N PHE B 509 25.75 22.17 -14.29
CA PHE B 509 24.30 22.19 -14.23
C PHE B 509 23.69 21.59 -15.49
N LYS B 510 24.29 21.87 -16.65
CA LYS B 510 23.73 21.41 -17.91
C LYS B 510 23.89 19.90 -18.07
N PHE B 511 25.06 19.36 -17.71
CA PHE B 511 25.24 17.91 -17.83
C PHE B 511 24.14 17.16 -17.10
N THR B 512 23.79 17.63 -15.90
CA THR B 512 22.89 16.86 -15.04
C THR B 512 21.52 16.70 -15.68
N ILE B 513 21.02 17.75 -16.32
CA ILE B 513 19.62 17.78 -16.74
C ILE B 513 19.42 17.25 -18.16
N GLY B 514 20.47 16.77 -18.81
CA GLY B 514 20.33 16.19 -20.12
C GLY B 514 20.39 17.17 -21.27
N MET B 515 20.34 18.48 -21.00
CA MET B 515 20.74 19.45 -22.01
C MET B 515 22.15 19.15 -22.50
N GLY B 516 22.99 18.56 -21.65
CA GLY B 516 24.37 18.39 -22.00
C GLY B 516 24.95 19.75 -22.35
N ASP B 517 26.16 19.71 -22.90
CA ASP B 517 26.79 20.91 -23.41
C ASP B 517 27.95 20.50 -24.30
N LEU B 518 28.52 21.50 -24.98
CA LEU B 518 29.73 21.27 -25.76
C LEU B 518 30.74 20.55 -24.89
N GLU B 519 31.24 19.41 -25.38
CA GLU B 519 32.02 18.52 -24.54
C GLU B 519 33.34 19.19 -24.20
N PHE B 520 33.42 19.79 -23.02
CA PHE B 520 34.69 20.23 -22.46
C PHE B 520 35.32 19.14 -21.60
N THR B 521 34.81 17.92 -21.68
CA THR B 521 35.49 16.77 -21.11
C THR B 521 36.67 16.49 -22.01
N GLU B 522 37.66 17.39 -22.01
CA GLU B 522 38.77 17.36 -22.94
C GLU B 522 39.66 18.56 -22.65
N ASN B 523 40.88 18.52 -23.20
CA ASN B 523 41.79 19.66 -23.19
C ASN B 523 42.31 19.97 -21.79
N TYR B 524 42.71 18.95 -21.05
CA TYR B 524 43.38 19.17 -19.77
C TYR B 524 43.80 17.83 -19.19
N ASP B 525 44.74 17.90 -18.25
CA ASP B 525 45.29 16.71 -17.60
C ASP B 525 44.33 16.18 -16.54
N PHE B 526 44.67 15.01 -16.00
CA PHE B 526 43.82 14.34 -15.01
C PHE B 526 42.43 14.07 -15.58
N LYS B 527 42.40 13.62 -16.84
CA LYS B 527 41.13 13.34 -17.51
C LYS B 527 40.26 12.39 -16.69
N ALA B 528 40.84 11.28 -16.24
CA ALA B 528 40.07 10.29 -15.49
C ALA B 528 39.52 10.90 -14.21
N VAL B 529 40.31 11.75 -13.54
CA VAL B 529 39.86 12.38 -12.31
C VAL B 529 38.60 13.22 -12.58
N PHE B 530 38.65 14.03 -13.64
CA PHE B 530 37.50 14.87 -13.97
C PHE B 530 36.27 14.02 -14.28
N ILE B 531 36.44 12.99 -15.10
CA ILE B 531 35.30 12.16 -15.45
C ILE B 531 34.71 11.50 -14.22
N ILE B 532 35.57 11.06 -13.31
CA ILE B 532 35.11 10.42 -12.08
C ILE B 532 34.30 11.41 -11.24
N LEU B 533 34.81 12.63 -11.09
CA LEU B 533 34.10 13.64 -10.32
C LEU B 533 32.73 13.95 -10.94
N LEU B 534 32.71 14.08 -12.27
CA LEU B 534 31.46 14.39 -12.96
C LEU B 534 30.43 13.30 -12.74
N LEU B 535 30.86 12.04 -12.91
CA LEU B 535 29.97 10.91 -12.68
C LEU B 535 29.43 10.93 -11.26
N ALA B 536 30.31 11.16 -10.29
CA ALA B 536 29.88 11.18 -8.89
C ALA B 536 28.81 12.24 -8.67
N TYR B 537 29.05 13.46 -9.15
CA TYR B 537 28.09 14.54 -8.95
C TYR B 537 26.73 14.18 -9.54
N VAL B 538 26.72 13.78 -10.81
CA VAL B 538 25.46 13.50 -11.49
C VAL B 538 24.70 12.39 -10.77
N ILE B 539 25.40 11.28 -10.51
CA ILE B 539 24.77 10.16 -9.82
C ILE B 539 24.16 10.65 -8.51
N LEU B 540 24.99 11.20 -7.62
CA LEU B 540 24.53 11.57 -6.29
C LEU B 540 23.26 12.43 -6.37
N THR B 541 23.26 13.44 -7.24
CA THR B 541 22.07 14.31 -7.28
C THR B 541 20.84 13.53 -7.71
N TYR B 542 20.97 12.65 -8.71
CA TYR B 542 19.79 11.91 -9.14
C TYR B 542 19.35 10.88 -8.10
N ILE B 543 20.31 10.31 -7.35
CA ILE B 543 19.98 9.44 -6.23
C ILE B 543 19.11 10.18 -5.23
N LEU B 544 19.52 11.40 -4.90
CA LEU B 544 18.76 12.22 -3.94
C LEU B 544 17.35 12.48 -4.45
N LEU B 545 17.21 12.85 -5.72
CA LEU B 545 15.88 13.06 -6.28
C LEU B 545 15.03 11.80 -6.19
N LEU B 546 15.62 10.67 -6.55
CA LEU B 546 14.91 9.39 -6.51
C LEU B 546 14.40 9.12 -5.10
N ASN B 547 15.20 9.45 -4.09
CA ASN B 547 14.72 9.29 -2.71
C ASN B 547 13.56 10.19 -2.39
N MET B 548 13.63 11.47 -2.76
CA MET B 548 12.51 12.35 -2.48
C MET B 548 11.22 11.77 -3.04
N LEU B 549 11.28 11.26 -4.27
CA LEU B 549 10.07 10.72 -4.89
C LEU B 549 9.59 9.44 -4.19
N ILE B 550 10.52 8.57 -3.82
CA ILE B 550 10.13 7.35 -3.11
C ILE B 550 9.43 7.69 -1.81
N ALA B 551 9.99 8.65 -1.06
CA ALA B 551 9.36 9.07 0.19
C ALA B 551 7.97 9.63 -0.07
N LEU B 552 7.82 10.44 -1.11
CA LEU B 552 6.50 10.96 -1.45
C LEU B 552 5.49 9.84 -1.62
N MET B 553 5.82 8.84 -2.43
CA MET B 553 4.86 7.77 -2.70
C MET B 553 4.56 6.96 -1.45
N GLY B 554 5.60 6.62 -0.69
CA GLY B 554 5.41 5.83 0.50
C GLY B 554 4.58 6.54 1.55
N GLU B 555 4.68 7.87 1.61
CA GLU B 555 3.83 8.63 2.54
C GLU B 555 2.40 8.71 2.02
N THR B 556 2.22 8.92 0.72
CA THR B 556 0.89 9.11 0.18
C THR B 556 0.05 7.85 0.26
N VAL B 557 0.65 6.66 0.18
CA VAL B 557 -0.20 5.47 0.20
C VAL B 557 -1.02 5.40 1.48
N ASN B 558 -0.37 5.57 2.64
CA ASN B 558 -1.08 5.49 3.92
C ASN B 558 -1.71 6.81 4.35
N LYS B 559 -1.21 7.96 3.88
CA LYS B 559 -1.99 9.17 4.10
C LYS B 559 -3.34 9.08 3.42
N ILE B 560 -3.49 8.17 2.46
CA ILE B 560 -4.72 8.02 1.70
C ILE B 560 -5.50 6.77 2.09
N ALA B 561 -4.94 5.96 3.00
CA ALA B 561 -5.59 4.75 3.51
C ALA B 561 -5.85 4.94 5.00
N GLN B 562 -5.61 6.14 5.53
CA GLN B 562 -5.79 6.45 6.97
C GLN B 562 -6.90 7.47 7.17
N GLU B 563 -7.03 8.45 6.26
CA GLU B 563 -8.03 9.53 6.35
C GLU B 563 -8.50 9.90 4.93
N LEU B 570 -12.55 18.91 4.62
CA LEU B 570 -12.30 20.08 5.52
C LEU B 570 -11.70 21.23 4.70
N GLN B 571 -11.21 20.98 3.48
CA GLN B 571 -10.71 22.08 2.60
C GLN B 571 -11.82 23.11 2.46
N ARG B 572 -13.06 22.68 2.20
CA ARG B 572 -14.23 23.54 2.07
C ARG B 572 -14.66 24.14 3.40
N ALA B 573 -14.39 23.46 4.51
CA ALA B 573 -14.70 24.06 5.81
C ALA B 573 -14.02 25.41 5.98
N ILE B 574 -12.80 25.54 5.46
CA ILE B 574 -12.13 26.85 5.53
C ILE B 574 -12.56 27.76 4.37
N THR B 575 -12.71 27.21 3.17
CA THR B 575 -13.11 28.03 2.03
C THR B 575 -14.41 28.77 2.34
N ILE B 576 -15.38 28.06 2.92
CA ILE B 576 -16.70 28.63 3.17
C ILE B 576 -16.59 29.82 4.13
N LEU B 577 -15.85 29.65 5.22
CA LEU B 577 -15.71 30.73 6.19
C LEU B 577 -15.01 31.93 5.58
N ASP B 578 -13.93 31.69 4.84
CA ASP B 578 -13.19 32.81 4.26
C ASP B 578 -14.06 33.59 3.28
N THR B 579 -14.81 32.89 2.44
CA THR B 579 -15.69 33.58 1.50
C THR B 579 -16.82 34.30 2.22
N GLU B 580 -17.40 33.67 3.26
CA GLU B 580 -18.40 34.35 4.06
C GLU B 580 -17.87 35.69 4.56
N LYS B 581 -16.63 35.70 5.01
CA LYS B 581 -15.97 36.89 5.54
C LYS B 581 -15.29 37.79 4.53
N SER B 582 -15.35 37.47 3.24
CA SER B 582 -15.00 38.45 2.21
C SER B 582 -15.44 39.86 2.61
N ALA B 590 -29.48 37.16 4.14
CA ALA B 590 -29.36 35.81 3.60
C ALA B 590 -28.14 35.11 4.21
N PHE B 591 -27.81 35.48 5.44
CA PHE B 591 -26.65 34.92 6.14
C PHE B 591 -26.99 34.62 7.59
N ARG B 592 -28.16 34.03 7.82
CA ARG B 592 -28.65 33.76 9.18
C ARG B 592 -28.54 32.28 9.55
N SER B 593 -29.05 31.39 8.72
CA SER B 593 -29.00 29.94 8.95
C SER B 593 -29.89 29.49 10.10
N GLY B 594 -30.96 30.23 10.38
CA GLY B 594 -31.90 29.84 11.43
C GLY B 594 -33.14 30.72 11.35
N LYS B 595 -34.14 30.36 12.16
CA LYS B 595 -35.45 31.01 12.03
C LYS B 595 -36.14 31.37 13.34
N LEU B 596 -35.46 31.31 14.49
CA LEU B 596 -36.04 31.70 15.77
C LEU B 596 -37.31 30.87 16.07
N LEU B 597 -37.09 29.58 16.25
CA LEU B 597 -38.19 28.70 16.62
C LEU B 597 -38.54 28.87 18.10
N GLN B 598 -39.59 28.19 18.52
CA GLN B 598 -40.05 28.20 19.91
C GLN B 598 -39.86 26.81 20.49
N VAL B 599 -39.24 26.73 21.67
CA VAL B 599 -38.88 25.45 22.27
C VAL B 599 -39.41 25.37 23.69
N GLY B 600 -40.48 26.10 23.98
CA GLY B 600 -41.10 26.07 25.29
C GLY B 600 -40.97 27.37 26.04
N PHE B 601 -40.65 27.30 27.33
CA PHE B 601 -40.48 28.49 28.16
C PHE B 601 -39.32 28.25 29.13
N THR B 602 -38.96 29.32 29.83
CA THR B 602 -37.87 29.34 30.80
C THR B 602 -38.40 28.83 32.15
N PRO B 603 -37.58 28.82 33.21
CA PRO B 603 -38.17 28.58 34.54
C PRO B 603 -39.32 29.54 34.82
N ASP B 604 -39.22 30.75 34.29
CA ASP B 604 -40.35 31.67 34.26
C ASP B 604 -41.24 31.30 33.08
N GLY B 605 -42.31 32.05 32.84
CA GLY B 605 -43.27 31.70 31.82
C GLY B 605 -43.12 32.47 30.53
N LYS B 606 -41.89 32.64 30.06
CA LYS B 606 -41.59 33.46 28.89
C LYS B 606 -41.17 32.59 27.72
N ASP B 607 -41.64 32.95 26.53
CA ASP B 607 -41.26 32.25 25.31
C ASP B 607 -39.75 32.28 25.13
N ASP B 608 -39.17 31.15 24.74
CA ASP B 608 -37.73 31.01 24.58
C ASP B 608 -37.38 30.84 23.10
N TYR B 609 -36.43 31.64 22.63
CA TYR B 609 -36.04 31.70 21.23
C TYR B 609 -34.54 31.49 21.14
N ARG B 610 -34.11 30.50 20.35
CA ARG B 610 -32.70 30.13 20.35
C ARG B 610 -32.16 29.76 18.97
N TRP B 611 -32.77 30.27 17.90
CA TRP B 611 -32.24 30.08 16.55
C TRP B 611 -32.05 28.60 16.22
N CYS B 612 -33.16 27.85 16.25
CA CYS B 612 -33.08 26.43 15.98
C CYS B 612 -32.76 26.17 14.51
N PHE B 613 -31.96 25.14 14.27
CA PHE B 613 -31.62 24.69 12.91
C PHE B 613 -32.33 23.35 12.68
N ARG B 614 -33.35 23.38 11.84
CA ARG B 614 -34.12 22.16 11.57
C ARG B 614 -33.23 21.10 10.93
N VAL B 615 -33.31 19.88 11.47
CA VAL B 615 -32.60 18.74 10.93
C VAL B 615 -33.50 17.52 11.07
N ASP B 616 -33.57 16.72 10.01
CA ASP B 616 -34.41 15.52 9.99
C ASP B 616 -33.57 14.35 9.52
N GLU B 617 -33.62 13.25 10.28
CA GLU B 617 -32.88 12.05 9.98
C GLU B 617 -33.84 10.88 9.81
N VAL B 618 -33.56 10.04 8.82
CA VAL B 618 -34.39 8.87 8.53
C VAL B 618 -33.80 7.69 9.27
N ASN B 619 -34.56 7.16 10.23
CA ASN B 619 -34.13 6.02 11.03
C ASN B 619 -35.19 4.94 10.98
N TRP B 620 -34.75 3.68 11.07
CA TRP B 620 -35.62 2.53 10.84
C TRP B 620 -35.45 1.48 11.93
N THR B 621 -35.16 1.89 13.17
CA THR B 621 -35.05 0.95 14.27
C THR B 621 -35.31 1.69 15.57
N THR B 622 -35.45 0.91 16.66
CA THR B 622 -35.72 1.44 17.99
C THR B 622 -37.01 2.25 17.98
N TRP B 623 -38.10 1.57 17.67
CA TRP B 623 -39.42 2.19 17.63
C TRP B 623 -40.20 1.87 18.90
N GLY C 95 -26.31 -48.68 -12.57
CA GLY C 95 -25.46 -49.67 -11.93
C GLY C 95 -25.62 -49.71 -10.42
N GLN C 96 -26.39 -48.76 -9.88
CA GLN C 96 -26.59 -48.68 -8.44
C GLN C 96 -27.41 -49.86 -7.95
N THR C 97 -27.09 -50.33 -6.74
CA THR C 97 -27.76 -51.46 -6.13
C THR C 97 -28.29 -51.06 -4.75
N ALA C 98 -29.26 -51.84 -4.26
CA ALA C 98 -29.99 -51.46 -3.06
C ALA C 98 -29.07 -51.11 -1.91
N LEU C 99 -27.97 -51.86 -1.75
CA LEU C 99 -27.05 -51.57 -0.66
C LEU C 99 -26.45 -50.18 -0.80
N HIS C 100 -26.18 -49.75 -2.03
CA HIS C 100 -25.65 -48.41 -2.24
C HIS C 100 -26.63 -47.35 -1.75
N ILE C 101 -27.91 -47.51 -2.10
CA ILE C 101 -28.92 -46.55 -1.65
C ILE C 101 -29.02 -46.57 -0.13
N ALA C 102 -29.02 -47.76 0.46
CA ALA C 102 -29.12 -47.85 1.92
C ALA C 102 -27.95 -47.15 2.59
N ILE C 103 -26.74 -47.33 2.04
CA ILE C 103 -25.59 -46.57 2.54
C ILE C 103 -25.84 -45.08 2.42
N GLU C 104 -26.42 -44.66 1.29
CA GLU C 104 -26.76 -43.24 1.13
C GLU C 104 -27.86 -42.82 2.10
N ARG C 105 -28.88 -43.65 2.28
CA ARG C 105 -29.97 -43.31 3.19
C ARG C 105 -29.55 -43.48 4.64
N ARG C 106 -28.60 -44.38 4.92
CA ARG C 106 -28.06 -44.59 6.25
C ARG C 106 -29.10 -45.21 7.19
N ASN C 107 -29.90 -46.14 6.65
CA ASN C 107 -30.83 -46.90 7.49
C ASN C 107 -30.11 -48.19 7.85
N MET C 108 -29.29 -48.07 8.90
CA MET C 108 -28.43 -49.13 9.34
C MET C 108 -29.22 -50.38 9.72
N THR C 109 -30.51 -50.22 10.06
CA THR C 109 -31.41 -51.37 10.18
C THR C 109 -31.58 -52.07 8.84
N LEU C 110 -31.84 -51.29 7.77
CA LEU C 110 -32.01 -51.90 6.46
C LEU C 110 -30.73 -52.54 5.97
N VAL C 111 -29.59 -51.88 6.21
CA VAL C 111 -28.31 -52.47 5.81
C VAL C 111 -28.08 -53.78 6.56
N THR C 112 -28.37 -53.79 7.86
CA THR C 112 -28.23 -55.02 8.63
C THR C 112 -29.16 -56.11 8.13
N LEU C 113 -30.36 -55.74 7.66
CA LEU C 113 -31.28 -56.75 7.13
C LEU C 113 -30.80 -57.28 5.78
N LEU C 114 -30.30 -56.38 4.92
CA LEU C 114 -29.75 -56.81 3.63
C LEU C 114 -28.57 -57.74 3.83
N VAL C 115 -27.70 -57.43 4.80
CA VAL C 115 -26.54 -58.26 5.06
C VAL C 115 -26.89 -59.52 5.83
N GLU C 116 -28.01 -59.52 6.56
CA GLU C 116 -28.41 -60.71 7.31
C GLU C 116 -28.67 -61.87 6.37
N ASN C 117 -29.36 -61.61 5.26
CA ASN C 117 -29.51 -62.62 4.22
C ASN C 117 -28.18 -62.93 3.54
N GLY C 118 -27.22 -62.01 3.61
CA GLY C 118 -25.94 -62.21 2.97
C GLY C 118 -25.98 -61.86 1.50
N ALA C 119 -26.52 -60.68 1.17
CA ALA C 119 -26.71 -60.27 -0.21
C ALA C 119 -25.38 -60.18 -0.94
N ASP C 120 -24.54 -59.23 -0.56
CA ASP C 120 -23.24 -59.01 -1.17
C ASP C 120 -22.56 -57.86 -0.44
N VAL C 121 -21.23 -57.72 -0.60
CA VAL C 121 -20.44 -56.66 0.10
C VAL C 121 -19.40 -56.05 -0.84
N GLN C 122 -19.34 -56.44 -2.08
CA GLN C 122 -18.36 -55.86 -3.04
C GLN C 122 -19.07 -55.45 -4.33
N ALA C 123 -19.23 -56.34 -5.31
CA ALA C 123 -19.81 -56.00 -6.63
C ALA C 123 -19.10 -54.74 -7.12
N ALA C 124 -19.77 -53.78 -7.78
CA ALA C 124 -19.19 -52.47 -8.16
C ALA C 124 -20.30 -51.66 -8.82
N ALA C 125 -20.21 -50.32 -8.77
CA ALA C 125 -21.11 -49.43 -9.53
C ALA C 125 -20.33 -49.13 -10.83
N ASN C 126 -20.97 -48.92 -11.95
CA ASN C 126 -20.35 -48.56 -13.22
C ASN C 126 -21.18 -47.54 -14.01
N GLY C 127 -21.99 -46.75 -13.32
CA GLY C 127 -22.84 -45.80 -14.02
C GLY C 127 -22.03 -44.65 -14.62
N ASP C 128 -22.50 -44.15 -15.76
CA ASP C 128 -21.86 -42.97 -16.35
C ASP C 128 -21.87 -41.80 -15.37
N PHE C 129 -22.94 -41.67 -14.59
CA PHE C 129 -22.96 -40.66 -13.53
C PHE C 129 -21.85 -40.92 -12.52
N PHE C 130 -21.65 -42.18 -12.16
CA PHE C 130 -20.67 -42.56 -11.15
C PHE C 130 -19.25 -42.40 -11.70
N PRO C 137 -22.98 -33.55 -14.50
CA PRO C 137 -23.51 -34.14 -13.27
C PRO C 137 -22.90 -35.51 -12.96
N GLY C 138 -22.33 -35.65 -11.77
CA GLY C 138 -21.74 -36.92 -11.37
C GLY C 138 -21.19 -36.83 -9.97
N PHE C 139 -20.70 -37.98 -9.51
CA PHE C 139 -20.08 -38.07 -8.18
C PHE C 139 -19.27 -39.36 -8.15
N TYR C 140 -17.99 -39.25 -7.78
CA TYR C 140 -17.09 -40.40 -7.73
C TYR C 140 -16.74 -40.72 -6.29
N PHE C 141 -16.80 -42.00 -5.94
CA PHE C 141 -16.48 -42.45 -4.59
C PHE C 141 -15.67 -43.75 -4.57
N GLY C 142 -15.38 -44.36 -5.71
CA GLY C 142 -14.72 -45.64 -5.75
C GLY C 142 -15.59 -46.81 -6.16
N GLU C 143 -16.85 -46.56 -6.53
CA GLU C 143 -17.78 -47.58 -7.00
C GLU C 143 -17.70 -48.86 -6.16
N LEU C 144 -17.92 -48.69 -4.86
CA LEU C 144 -18.02 -49.80 -3.93
C LEU C 144 -18.81 -49.34 -2.72
N PRO C 145 -19.42 -50.28 -1.98
CA PRO C 145 -20.10 -49.88 -0.74
C PRO C 145 -19.13 -49.54 0.37
N LEU C 146 -17.97 -50.21 0.40
CA LEU C 146 -16.95 -49.88 1.38
C LEU C 146 -16.49 -48.44 1.22
N SER C 147 -16.09 -48.06 0.00
CA SER C 147 -15.65 -46.69 -0.26
C SER C 147 -16.79 -45.70 -0.06
N LEU C 148 -18.00 -46.06 -0.51
CA LEU C 148 -19.15 -45.18 -0.32
C LEU C 148 -19.38 -44.88 1.15
N ALA C 149 -19.33 -45.92 2.00
CA ALA C 149 -19.49 -45.70 3.42
C ALA C 149 -18.35 -44.86 3.98
N ALA C 150 -17.11 -45.16 3.59
CA ALA C 150 -15.98 -44.43 4.14
C ALA C 150 -16.00 -42.96 3.76
N CYS C 151 -16.64 -42.63 2.63
CA CYS C 151 -16.55 -41.28 2.08
C CYS C 151 -17.72 -40.37 2.47
N THR C 152 -18.72 -40.86 3.18
CA THR C 152 -19.96 -40.12 3.37
C THR C 152 -20.48 -40.22 4.80
N ASN C 153 -19.58 -40.10 5.78
CA ASN C 153 -19.97 -40.13 7.20
C ASN C 153 -20.66 -41.44 7.57
N GLN C 154 -19.90 -42.53 7.45
CA GLN C 154 -20.34 -43.84 7.92
C GLN C 154 -19.17 -44.55 8.59
N LEU C 155 -19.15 -44.54 9.93
CA LEU C 155 -18.23 -45.37 10.69
C LEU C 155 -18.87 -46.70 11.07
N ALA C 156 -20.12 -46.68 11.53
CA ALA C 156 -20.80 -47.92 11.90
C ALA C 156 -20.97 -48.84 10.70
N ILE C 157 -21.40 -48.28 9.56
CA ILE C 157 -21.66 -49.11 8.39
C ILE C 157 -20.36 -49.70 7.86
N VAL C 158 -19.29 -48.92 7.84
CA VAL C 158 -18.02 -49.44 7.34
C VAL C 158 -17.48 -50.50 8.29
N LYS C 159 -17.63 -50.29 9.61
CA LYS C 159 -17.19 -51.31 10.55
C LYS C 159 -17.97 -52.60 10.37
N PHE C 160 -19.28 -52.50 10.14
CA PHE C 160 -20.08 -53.69 9.88
C PHE C 160 -19.71 -54.35 8.57
N LEU C 161 -19.39 -53.56 7.55
CA LEU C 161 -19.11 -54.10 6.22
C LEU C 161 -17.77 -54.83 6.18
N LEU C 162 -16.74 -54.23 6.77
CA LEU C 162 -15.39 -54.79 6.64
C LEU C 162 -15.33 -56.22 7.13
N GLN C 163 -16.08 -56.54 8.19
CA GLN C 163 -16.14 -57.90 8.70
C GLN C 163 -17.57 -58.25 9.08
N ASN C 164 -17.99 -59.45 8.73
CA ASN C 164 -19.32 -59.95 9.07
C ASN C 164 -19.37 -61.42 8.70
N SER C 165 -20.24 -62.16 9.41
CA SER C 165 -20.30 -63.60 9.25
C SER C 165 -20.66 -63.99 7.81
N TRP C 166 -21.64 -63.31 7.24
CA TRP C 166 -22.18 -63.74 5.95
C TRP C 166 -21.17 -63.52 4.82
N GLN C 167 -20.58 -62.33 4.75
CA GLN C 167 -19.63 -62.04 3.68
C GLN C 167 -18.71 -60.89 4.07
N PRO C 168 -17.56 -61.16 4.70
CA PRO C 168 -16.64 -60.07 5.01
C PRO C 168 -16.23 -59.30 3.77
N ALA C 169 -16.13 -57.97 3.90
CA ALA C 169 -15.80 -57.10 2.79
C ALA C 169 -14.28 -56.97 2.69
N ASP C 170 -13.73 -57.46 1.58
CA ASP C 170 -12.29 -57.36 1.37
C ASP C 170 -11.88 -55.89 1.26
N ILE C 171 -10.94 -55.48 2.13
CA ILE C 171 -10.48 -54.10 2.13
C ILE C 171 -9.42 -53.83 1.08
N SER C 172 -8.84 -54.88 0.49
CA SER C 172 -7.77 -54.74 -0.50
C SER C 172 -8.31 -54.72 -1.92
N ALA C 173 -9.63 -54.71 -2.10
CA ALA C 173 -10.20 -54.72 -3.44
C ALA C 173 -9.72 -53.52 -4.24
N ARG C 174 -9.38 -53.75 -5.50
CA ARG C 174 -8.96 -52.70 -6.43
C ARG C 174 -9.99 -52.58 -7.54
N ASP C 175 -10.38 -51.35 -7.85
CA ASP C 175 -11.45 -51.09 -8.79
C ASP C 175 -10.87 -50.95 -10.20
N SER C 176 -11.67 -50.44 -11.13
CA SER C 176 -11.21 -50.26 -12.50
C SER C 176 -9.97 -49.38 -12.55
N VAL C 177 -10.01 -48.24 -11.85
CA VAL C 177 -8.82 -47.40 -11.71
C VAL C 177 -7.88 -47.91 -10.62
N GLY C 178 -8.26 -48.98 -9.93
CA GLY C 178 -7.50 -49.45 -8.79
C GLY C 178 -7.73 -48.66 -7.53
N ASN C 179 -8.85 -47.94 -7.44
CA ASN C 179 -9.08 -47.02 -6.33
C ASN C 179 -9.42 -47.80 -5.07
N THR C 180 -8.42 -48.00 -4.23
CA THR C 180 -8.63 -48.55 -2.91
C THR C 180 -9.37 -47.54 -2.04
N VAL C 181 -9.91 -48.03 -0.93
CA VAL C 181 -10.68 -47.17 -0.04
C VAL C 181 -9.82 -46.01 0.45
N LEU C 182 -8.54 -46.28 0.75
CA LEU C 182 -7.64 -45.21 1.17
C LEU C 182 -7.39 -44.25 0.01
N HIS C 183 -7.11 -44.77 -1.17
CA HIS C 183 -6.87 -43.92 -2.33
C HIS C 183 -8.12 -43.13 -2.70
N ALA C 184 -9.29 -43.76 -2.58
CA ALA C 184 -10.54 -43.03 -2.80
C ALA C 184 -10.72 -41.91 -1.77
N LEU C 185 -10.42 -42.20 -0.50
CA LEU C 185 -10.51 -41.17 0.53
C LEU C 185 -9.61 -39.99 0.20
N VAL C 186 -8.40 -40.28 -0.28
CA VAL C 186 -7.50 -39.22 -0.72
C VAL C 186 -8.13 -38.43 -1.86
N GLU C 187 -8.73 -39.14 -2.82
CA GLU C 187 -9.31 -38.47 -3.99
C GLU C 187 -10.47 -37.57 -3.60
N VAL C 188 -11.21 -37.91 -2.55
CA VAL C 188 -12.40 -37.15 -2.20
C VAL C 188 -12.08 -35.87 -1.43
N ALA C 189 -10.88 -35.75 -0.89
CA ALA C 189 -10.53 -34.58 -0.08
C ALA C 189 -10.69 -33.30 -0.89
N ASP C 190 -11.22 -32.26 -0.24
CA ASP C 190 -11.50 -30.99 -0.89
C ASP C 190 -10.83 -29.81 -0.22
N ASN C 191 -9.97 -30.04 0.78
CA ASN C 191 -9.20 -28.98 1.43
C ASN C 191 -10.12 -27.96 2.11
N THR C 192 -10.90 -28.46 3.07
CA THR C 192 -11.71 -27.62 3.95
C THR C 192 -11.49 -28.07 5.38
N VAL C 193 -11.63 -27.12 6.32
CA VAL C 193 -11.28 -27.42 7.71
C VAL C 193 -12.10 -28.61 8.21
N ASP C 194 -13.41 -28.55 8.03
CA ASP C 194 -14.26 -29.65 8.49
C ASP C 194 -14.05 -30.89 7.64
N ASN C 195 -14.02 -30.72 6.31
CA ASN C 195 -13.78 -31.85 5.43
C ASN C 195 -12.41 -32.46 5.68
N THR C 196 -11.38 -31.62 5.86
CA THR C 196 -10.05 -32.13 6.14
C THR C 196 -10.03 -32.90 7.45
N LYS C 197 -10.61 -32.34 8.50
CA LYS C 197 -10.65 -33.02 9.78
C LYS C 197 -11.32 -34.39 9.64
N PHE C 198 -12.49 -34.42 8.99
CA PHE C 198 -13.23 -35.66 8.88
C PHE C 198 -12.47 -36.70 8.06
N VAL C 199 -11.88 -36.29 6.94
CA VAL C 199 -11.22 -37.26 6.09
C VAL C 199 -9.97 -37.81 6.77
N THR C 200 -9.24 -36.95 7.51
CA THR C 200 -8.10 -37.45 8.26
C THR C 200 -8.55 -38.45 9.34
N SER C 201 -9.62 -38.13 10.06
CA SER C 201 -10.12 -39.06 11.07
C SER C 201 -10.53 -40.38 10.45
N MET C 202 -11.22 -40.32 9.30
CA MET C 202 -11.64 -41.55 8.63
C MET C 202 -10.44 -42.36 8.19
N TYR C 203 -9.42 -41.71 7.64
CA TYR C 203 -8.21 -42.41 7.23
C TYR C 203 -7.57 -43.11 8.42
N ASN C 204 -7.44 -42.40 9.54
CA ASN C 204 -6.84 -43.01 10.73
C ASN C 204 -7.64 -44.23 11.18
N GLU C 205 -8.96 -44.07 11.30
CA GLU C 205 -9.80 -45.15 11.81
C GLU C 205 -9.74 -46.36 10.89
N ILE C 206 -9.87 -46.14 9.59
CA ILE C 206 -9.87 -47.26 8.65
C ILE C 206 -8.53 -47.96 8.66
N LEU C 207 -7.42 -47.21 8.71
CA LEU C 207 -6.10 -47.83 8.73
C LEU C 207 -5.93 -48.70 9.96
N ILE C 208 -6.28 -48.17 11.14
CA ILE C 208 -6.09 -48.94 12.36
C ILE C 208 -6.99 -50.17 12.36
N LEU C 209 -8.24 -50.03 11.91
CA LEU C 209 -9.15 -51.17 11.89
C LEU C 209 -8.65 -52.25 10.94
N GLY C 210 -8.22 -51.85 9.74
CA GLY C 210 -7.71 -52.82 8.79
C GLY C 210 -6.48 -53.53 9.30
N ALA C 211 -5.59 -52.79 9.97
CA ALA C 211 -4.42 -53.43 10.57
C ALA C 211 -4.82 -54.43 11.64
N LYS C 212 -5.76 -54.05 12.51
CA LYS C 212 -6.17 -54.95 13.58
C LYS C 212 -6.81 -56.21 13.04
N LEU C 213 -7.67 -56.08 12.02
CA LEU C 213 -8.31 -57.26 11.45
C LEU C 213 -7.32 -58.09 10.64
N HIS C 214 -6.49 -57.44 9.83
CA HIS C 214 -5.50 -58.11 8.99
C HIS C 214 -4.14 -57.45 9.23
N PRO C 215 -3.38 -57.92 10.22
CA PRO C 215 -2.13 -57.24 10.56
C PRO C 215 -1.01 -57.53 9.57
N THR C 216 -1.04 -58.70 8.95
CA THR C 216 0.02 -59.04 7.99
C THR C 216 0.00 -58.10 6.79
N LEU C 217 -1.18 -57.78 6.28
CA LEU C 217 -1.28 -56.95 5.09
C LEU C 217 -0.95 -55.49 5.42
N LYS C 218 -0.40 -54.80 4.43
CA LYS C 218 -0.04 -53.39 4.55
C LYS C 218 -0.69 -52.64 3.39
N LEU C 219 -1.73 -51.87 3.69
CA LEU C 219 -2.50 -51.19 2.66
C LEU C 219 -1.80 -49.95 2.11
N GLU C 220 -0.81 -49.42 2.84
CA GLU C 220 -0.16 -48.18 2.40
C GLU C 220 0.56 -48.38 1.07
N GLU C 221 1.28 -49.49 0.92
CA GLU C 221 2.03 -49.73 -0.30
C GLU C 221 1.14 -50.00 -1.51
N ILE C 222 -0.16 -50.24 -1.30
CA ILE C 222 -1.04 -50.50 -2.41
C ILE C 222 -1.03 -49.33 -3.37
N THR C 223 -1.01 -49.63 -4.68
CA THR C 223 -0.91 -48.62 -5.71
C THR C 223 -1.98 -48.86 -6.76
N ASN C 224 -2.37 -47.79 -7.44
CA ASN C 224 -3.40 -47.85 -8.46
C ASN C 224 -2.82 -48.41 -9.76
N ARG C 225 -3.67 -48.49 -10.78
CA ARG C 225 -3.21 -48.96 -12.09
C ARG C 225 -2.15 -48.03 -12.66
N LYS C 226 -2.34 -46.71 -12.49
CA LYS C 226 -1.33 -45.76 -12.95
C LYS C 226 0.01 -45.96 -12.27
N GLY C 227 0.04 -46.60 -11.11
CA GLY C 227 1.28 -46.86 -10.42
C GLY C 227 1.63 -45.79 -9.40
N LEU C 228 0.64 -45.36 -8.63
CA LEU C 228 0.82 -44.32 -7.62
C LEU C 228 0.26 -44.77 -6.28
N THR C 229 1.00 -44.50 -5.22
CA THR C 229 0.52 -44.72 -3.87
C THR C 229 -0.42 -43.58 -3.46
N PRO C 230 -1.27 -43.80 -2.45
CA PRO C 230 -2.21 -42.75 -2.06
C PRO C 230 -1.54 -41.44 -1.71
N LEU C 231 -0.39 -41.49 -1.02
CA LEU C 231 0.35 -40.27 -0.73
C LEU C 231 0.82 -39.60 -2.01
N ALA C 232 1.24 -40.41 -3.00
CA ALA C 232 1.70 -39.84 -4.26
C ALA C 232 0.59 -39.05 -4.94
N LEU C 233 -0.63 -39.59 -4.95
CA LEU C 233 -1.74 -38.85 -5.54
C LEU C 233 -2.11 -37.63 -4.70
N ALA C 234 -2.08 -37.77 -3.38
CA ALA C 234 -2.35 -36.62 -2.52
C ALA C 234 -1.41 -35.48 -2.86
N ALA C 235 -0.15 -35.79 -3.15
CA ALA C 235 0.80 -34.74 -3.53
C ALA C 235 0.56 -34.25 -4.95
N SER C 236 0.25 -35.16 -5.88
CA SER C 236 0.09 -34.77 -7.27
C SER C 236 -1.13 -33.85 -7.46
N SER C 237 -2.25 -34.21 -6.84
CA SER C 237 -3.50 -33.48 -7.01
C SER C 237 -3.60 -32.23 -6.16
N GLY C 238 -2.65 -32.00 -5.26
CA GLY C 238 -2.65 -30.80 -4.45
C GLY C 238 -3.50 -30.88 -3.19
N LYS C 239 -3.61 -32.06 -2.58
CA LYS C 239 -4.39 -32.23 -1.36
C LYS C 239 -3.48 -31.96 -0.17
N ILE C 240 -3.50 -30.72 0.31
CA ILE C 240 -2.58 -30.31 1.35
C ILE C 240 -2.93 -30.95 2.69
N GLY C 241 -4.21 -31.00 3.04
CA GLY C 241 -4.59 -31.47 4.37
C GLY C 241 -4.24 -32.92 4.59
N VAL C 242 -4.57 -33.77 3.61
CA VAL C 242 -4.27 -35.20 3.74
C VAL C 242 -2.78 -35.43 3.83
N LEU C 243 -2.02 -34.74 2.98
CA LEU C 243 -0.56 -34.87 3.02
C LEU C 243 -0.01 -34.45 4.37
N ALA C 244 -0.49 -33.31 4.88
CA ALA C 244 -0.01 -32.83 6.17
C ALA C 244 -0.31 -33.82 7.27
N TYR C 245 -1.51 -34.41 7.26
CA TYR C 245 -1.84 -35.41 8.27
C TYR C 245 -0.92 -36.62 8.16
N ILE C 246 -0.70 -37.11 6.94
CA ILE C 246 0.05 -38.35 6.76
C ILE C 246 1.51 -38.17 7.13
N LEU C 247 2.12 -37.05 6.71
CA LEU C 247 3.56 -36.90 6.86
C LEU C 247 3.98 -36.90 8.32
N GLN C 248 3.12 -36.46 9.22
CA GLN C 248 3.39 -36.43 10.65
C GLN C 248 2.35 -37.26 11.41
N ARG C 249 2.03 -38.43 10.88
CA ARG C 249 1.06 -39.31 11.51
C ARG C 249 1.69 -40.05 12.68
N GLU C 250 0.85 -40.39 13.67
CA GLU C 250 1.31 -41.11 14.85
C GLU C 250 0.16 -41.90 15.45
N ILE C 251 0.48 -43.09 15.97
CA ILE C 251 -0.49 -43.98 16.59
C ILE C 251 0.02 -44.36 17.98
N HIS C 252 -0.84 -44.16 18.98
CA HIS C 252 -0.58 -44.39 20.41
C HIS C 252 -1.27 -45.66 20.94
N GLU C 253 -1.34 -46.72 20.14
CA GLU C 253 -2.00 -47.94 20.57
C GLU C 253 -1.09 -49.14 20.28
N PRO C 254 -0.85 -50.02 21.26
CA PRO C 254 -0.07 -51.23 20.99
C PRO C 254 -0.73 -52.09 19.92
N GLU C 255 0.11 -52.92 19.29
CA GLU C 255 -0.24 -53.85 18.22
C GLU C 255 -0.41 -53.14 16.88
N CYS C 256 -0.38 -51.80 16.84
CA CYS C 256 -0.42 -51.07 15.57
C CYS C 256 0.53 -49.88 15.59
N ARG C 257 1.48 -49.83 16.53
CA ARG C 257 2.41 -48.73 16.60
C ARG C 257 3.26 -48.63 15.33
N HIS C 258 3.50 -49.76 14.67
CA HIS C 258 4.35 -49.75 13.49
C HIS C 258 3.81 -48.84 12.40
N LEU C 259 2.49 -48.64 12.35
CA LEU C 259 1.89 -47.83 11.31
C LEU C 259 2.24 -46.35 11.46
N SER C 260 2.74 -45.95 12.62
CA SER C 260 3.08 -44.56 12.85
C SER C 260 4.30 -44.16 12.00
N ARG C 261 4.45 -42.85 11.80
CA ARG C 261 5.57 -42.31 11.05
C ARG C 261 6.45 -41.38 11.86
N LYS C 262 5.90 -40.66 12.83
CA LYS C 262 6.66 -39.76 13.68
C LYS C 262 6.78 -40.35 15.08
N PHE C 263 7.99 -40.25 15.64
CA PHE C 263 8.27 -40.81 16.95
C PHE C 263 8.98 -39.79 17.84
N THR C 264 9.43 -40.24 19.02
CA THR C 264 10.14 -39.39 19.98
C THR C 264 11.26 -40.24 20.57
N GLU C 265 12.46 -40.14 19.97
CA GLU C 265 13.58 -40.96 20.41
C GLU C 265 13.94 -40.67 21.86
N TRP C 266 13.99 -39.39 22.23
CA TRP C 266 14.29 -39.01 23.60
C TRP C 266 13.74 -37.61 23.86
N ALA C 267 13.10 -37.44 25.01
CA ALA C 267 12.61 -36.16 25.46
C ALA C 267 13.41 -35.72 26.69
N TYR C 268 13.80 -34.44 26.72
CA TYR C 268 14.61 -33.92 27.82
C TYR C 268 13.98 -32.58 28.22
N GLY C 269 13.30 -32.57 29.36
CA GLY C 269 12.76 -31.34 29.89
C GLY C 269 12.09 -30.50 28.83
N PRO C 270 12.65 -29.31 28.52
CA PRO C 270 12.10 -28.51 27.41
C PRO C 270 12.30 -29.17 26.05
N VAL C 271 13.53 -29.55 25.78
CA VAL C 271 13.91 -30.03 24.45
C VAL C 271 13.53 -31.50 24.30
N HIS C 272 12.98 -31.84 23.16
CA HIS C 272 12.63 -33.23 22.86
C HIS C 272 12.83 -33.47 21.38
N SER C 273 13.42 -34.61 21.04
CA SER C 273 13.81 -34.92 19.69
C SER C 273 12.80 -35.89 19.07
N SER C 274 12.34 -35.57 17.87
CA SER C 274 11.37 -36.39 17.15
C SER C 274 11.97 -36.88 15.84
N LEU C 275 11.57 -38.08 15.44
CA LEU C 275 12.07 -38.72 14.23
C LEU C 275 10.96 -38.78 13.19
N TYR C 276 11.32 -38.58 11.93
CA TYR C 276 10.38 -38.52 10.83
C TYR C 276 10.69 -39.59 9.80
N ASP C 277 9.64 -40.24 9.30
CA ASP C 277 9.79 -41.25 8.26
C ASP C 277 10.07 -40.57 6.92
N LEU C 278 11.25 -40.83 6.35
CA LEU C 278 11.62 -40.28 5.06
C LEU C 278 11.41 -41.25 3.92
N SER C 279 10.93 -42.46 4.20
CA SER C 279 10.63 -43.40 3.12
C SER C 279 9.57 -42.81 2.20
N CYS C 280 9.84 -42.87 0.90
CA CYS C 280 8.97 -42.32 -0.14
C CYS C 280 8.96 -40.79 -0.12
N ILE C 281 9.88 -40.16 0.58
CA ILE C 281 9.94 -38.70 0.69
C ILE C 281 11.14 -38.13 -0.08
N ASP C 282 12.36 -38.49 0.34
CA ASP C 282 13.54 -37.95 -0.30
C ASP C 282 13.83 -38.67 -1.61
N THR C 283 14.06 -39.98 -1.53
CA THR C 283 14.31 -40.81 -2.72
C THR C 283 13.38 -42.02 -2.65
N CYS C 284 12.15 -41.83 -3.13
CA CYS C 284 11.30 -42.97 -3.43
C CYS C 284 11.82 -43.75 -4.64
N GLU C 285 12.62 -43.08 -5.48
CA GLU C 285 13.21 -43.66 -6.68
C GLU C 285 12.16 -43.93 -7.75
N LYS C 286 10.88 -43.76 -7.42
CA LYS C 286 9.80 -43.99 -8.38
C LYS C 286 8.98 -42.73 -8.63
N ASN C 287 8.32 -42.19 -7.61
CA ASN C 287 7.49 -40.99 -7.74
C ASN C 287 7.59 -40.15 -6.48
N SER C 288 8.81 -39.94 -5.99
CA SER C 288 9.02 -39.25 -4.72
C SER C 288 8.13 -38.03 -4.58
N VAL C 289 7.65 -37.79 -3.36
CA VAL C 289 6.70 -36.71 -3.11
C VAL C 289 7.30 -35.37 -3.51
N LEU C 290 8.55 -35.12 -3.13
CA LEU C 290 9.20 -33.87 -3.50
C LEU C 290 9.23 -33.72 -5.02
N GLU C 291 9.60 -34.80 -5.71
CA GLU C 291 9.65 -34.79 -7.16
C GLU C 291 8.29 -34.47 -7.77
N VAL C 292 7.24 -35.11 -7.27
CA VAL C 292 5.90 -34.87 -7.80
C VAL C 292 5.47 -33.43 -7.56
N ILE C 293 5.74 -32.91 -6.36
CA ILE C 293 5.37 -31.53 -6.06
C ILE C 293 6.13 -30.58 -6.98
N ALA C 294 7.38 -30.89 -7.30
CA ALA C 294 8.19 -29.99 -8.12
C ALA C 294 7.82 -30.11 -9.60
N TYR C 295 7.89 -31.32 -10.16
CA TYR C 295 7.52 -31.50 -11.56
C TYR C 295 6.17 -30.91 -11.89
N SER C 296 5.15 -31.30 -11.13
CA SER C 296 3.76 -31.07 -11.50
C SER C 296 3.57 -29.68 -12.10
N SER C 297 2.90 -29.65 -13.26
CA SER C 297 2.65 -28.40 -13.97
C SER C 297 1.99 -27.37 -13.04
N SER C 298 2.02 -26.11 -13.44
CA SER C 298 1.77 -25.00 -12.52
C SER C 298 0.30 -24.78 -12.20
N GLU C 299 -0.60 -25.72 -12.48
CA GLU C 299 -2.02 -25.49 -12.22
C GLU C 299 -2.50 -26.04 -10.88
N THR C 300 -1.70 -26.84 -10.18
CA THR C 300 -2.14 -27.38 -8.91
C THR C 300 -2.34 -26.24 -7.91
N PRO C 301 -3.39 -26.29 -7.07
CA PRO C 301 -3.73 -25.10 -6.27
C PRO C 301 -2.63 -24.64 -5.34
N ASN C 302 -1.95 -25.55 -4.64
CA ASN C 302 -1.11 -25.20 -3.50
C ASN C 302 0.24 -25.91 -3.58
N ARG C 303 0.90 -25.84 -4.73
CA ARG C 303 2.24 -26.38 -4.83
C ARG C 303 3.20 -25.73 -3.84
N HIS C 304 3.08 -24.43 -3.63
CA HIS C 304 3.95 -23.76 -2.66
C HIS C 304 3.59 -24.16 -1.23
N ASP C 305 2.30 -24.16 -0.91
CA ASP C 305 1.87 -24.44 0.45
C ASP C 305 2.20 -25.86 0.89
N MET C 306 2.48 -26.76 -0.05
CA MET C 306 2.77 -28.16 0.27
C MET C 306 4.25 -28.44 0.49
N LEU C 307 5.11 -27.45 0.28
CA LEU C 307 6.54 -27.58 0.58
C LEU C 307 6.92 -26.94 1.91
N LEU C 308 5.94 -26.51 2.70
CA LEU C 308 6.19 -25.97 4.03
C LEU C 308 5.85 -26.96 5.13
N VAL C 309 5.29 -28.12 4.77
CA VAL C 309 5.03 -29.14 5.79
C VAL C 309 6.34 -29.46 6.51
N GLU C 310 6.23 -29.85 7.77
CA GLU C 310 7.35 -29.84 8.70
C GLU C 310 8.60 -30.51 8.15
N PRO C 311 8.57 -31.80 7.80
CA PRO C 311 9.82 -32.47 7.38
C PRO C 311 10.43 -31.90 6.10
N LEU C 312 9.60 -31.43 5.17
CA LEU C 312 10.08 -31.16 3.81
C LEU C 312 11.07 -30.00 3.77
N ASN C 313 10.71 -28.88 4.40
CA ASN C 313 11.60 -27.71 4.35
C ASN C 313 12.93 -28.00 5.01
N ARG C 314 12.91 -28.66 6.16
CA ARG C 314 14.15 -29.02 6.84
C ARG C 314 14.98 -29.98 5.99
N LEU C 315 14.31 -30.93 5.33
CA LEU C 315 15.02 -31.86 4.46
C LEU C 315 15.72 -31.12 3.32
N LEU C 316 15.01 -30.17 2.70
CA LEU C 316 15.60 -29.42 1.61
C LEU C 316 16.79 -28.59 2.09
N GLN C 317 16.66 -27.93 3.24
CA GLN C 317 17.76 -27.16 3.78
C GLN C 317 18.96 -28.04 4.09
N ASP C 318 18.71 -29.22 4.66
CA ASP C 318 19.80 -30.14 4.97
C ASP C 318 20.51 -30.59 3.70
N LYS C 319 19.75 -30.95 2.66
CA LYS C 319 20.37 -31.34 1.40
C LYS C 319 21.21 -30.20 0.84
N TRP C 320 20.67 -28.99 0.87
CA TRP C 320 21.37 -27.82 0.37
C TRP C 320 22.71 -27.70 1.07
N ASP C 321 22.67 -27.46 2.38
CA ASP C 321 23.88 -27.25 3.16
C ASP C 321 24.82 -28.44 3.11
N ARG C 322 24.30 -29.64 2.79
CA ARG C 322 25.16 -30.80 2.65
C ARG C 322 26.04 -30.67 1.40
N PHE C 323 25.40 -30.62 0.22
CA PHE C 323 26.20 -30.70 -1.00
C PHE C 323 25.82 -29.66 -2.06
N VAL C 324 24.57 -29.20 -2.05
CA VAL C 324 24.07 -28.49 -3.21
C VAL C 324 24.74 -27.13 -3.35
N LYS C 325 25.10 -26.50 -2.23
CA LYS C 325 25.85 -25.25 -2.31
C LYS C 325 27.12 -25.43 -3.12
N ARG C 326 27.89 -26.47 -2.81
CA ARG C 326 29.13 -26.73 -3.53
C ARG C 326 28.85 -27.06 -4.99
N ILE C 327 27.83 -27.88 -5.27
CA ILE C 327 27.54 -28.23 -6.66
C ILE C 327 27.21 -26.97 -7.45
N PHE C 328 26.36 -26.11 -6.88
CA PHE C 328 25.94 -24.89 -7.55
C PHE C 328 27.12 -23.96 -7.82
N TYR C 329 27.99 -23.79 -6.82
CA TYR C 329 29.14 -22.92 -7.00
C TYR C 329 30.09 -23.47 -8.05
N PHE C 330 30.29 -24.79 -8.05
CA PHE C 330 31.16 -25.40 -9.07
C PHE C 330 30.58 -25.19 -10.47
N ASN C 331 29.28 -25.36 -10.63
CA ASN C 331 28.65 -25.13 -11.93
C ASN C 331 28.82 -23.68 -12.36
N PHE C 332 28.61 -22.74 -11.43
CA PHE C 332 28.76 -21.33 -11.75
C PHE C 332 30.18 -21.01 -12.20
N PHE C 333 31.16 -21.54 -11.46
CA PHE C 333 32.56 -21.27 -11.80
C PHE C 333 32.92 -21.83 -13.17
N VAL C 334 32.51 -23.07 -13.44
CA VAL C 334 32.86 -23.68 -14.72
C VAL C 334 32.18 -22.95 -15.87
N TYR C 335 30.93 -22.50 -15.66
CA TYR C 335 30.26 -21.74 -16.71
C TYR C 335 30.97 -20.42 -16.97
N CYS C 336 31.39 -19.73 -15.92
CA CYS C 336 32.13 -18.49 -16.12
C CYS C 336 33.42 -18.74 -16.89
N LEU C 337 34.12 -19.83 -16.54
CA LEU C 337 35.35 -20.17 -17.25
C LEU C 337 35.08 -20.40 -18.73
N TYR C 338 34.02 -21.16 -19.03
CA TYR C 338 33.68 -21.45 -20.42
C TYR C 338 33.35 -20.17 -21.17
N MET C 339 32.60 -19.27 -20.55
CA MET C 339 32.23 -18.02 -21.21
C MET C 339 33.46 -17.16 -21.48
N ILE C 340 34.39 -17.10 -20.52
CA ILE C 340 35.61 -16.33 -20.74
C ILE C 340 36.40 -16.91 -21.90
N ILE C 341 36.51 -18.25 -21.95
CA ILE C 341 37.25 -18.88 -23.04
C ILE C 341 36.59 -18.57 -24.36
N PHE C 342 35.26 -18.67 -24.41
CA PHE C 342 34.54 -18.39 -25.66
C PHE C 342 34.75 -16.96 -26.11
N THR C 343 34.66 -16.00 -25.17
CA THR C 343 34.87 -14.61 -25.54
C THR C 343 36.28 -14.37 -26.06
N ALA C 344 37.28 -14.95 -25.39
CA ALA C 344 38.66 -14.77 -25.86
C ALA C 344 38.84 -15.36 -27.25
N ALA C 345 38.29 -16.55 -27.49
CA ALA C 345 38.42 -17.18 -28.80
C ALA C 345 37.73 -16.36 -29.88
N ALA C 346 36.54 -15.81 -29.56
CA ALA C 346 35.80 -15.05 -30.56
C ALA C 346 36.44 -13.70 -30.86
N TYR C 347 37.09 -13.10 -29.87
CA TYR C 347 37.73 -11.81 -30.08
C TYR C 347 38.80 -11.91 -31.18
N TYR C 348 39.59 -12.98 -31.15
CA TYR C 348 40.74 -13.12 -32.04
C TYR C 348 40.38 -13.77 -33.38
N ARG C 349 39.13 -13.65 -33.80
CA ARG C 349 38.73 -14.28 -35.06
C ARG C 349 39.57 -13.71 -36.21
N PRO C 350 40.11 -14.54 -37.09
CA PRO C 350 40.87 -14.02 -38.23
C PRO C 350 39.96 -13.38 -39.26
N VAL C 351 40.56 -12.50 -40.06
CA VAL C 351 39.83 -11.69 -41.04
C VAL C 351 40.25 -12.04 -42.47
N GLU C 352 40.91 -13.18 -42.68
CA GLU C 352 41.38 -13.53 -44.01
C GLU C 352 40.21 -13.71 -44.99
N GLY C 353 39.35 -14.70 -44.74
CA GLY C 353 38.21 -14.90 -45.60
C GLY C 353 37.77 -16.34 -45.79
N LEU C 354 36.45 -16.55 -45.78
CA LEU C 354 35.81 -17.79 -46.22
C LEU C 354 36.40 -19.01 -45.55
N PRO C 355 36.06 -19.27 -44.28
CA PRO C 355 36.56 -20.46 -43.58
C PRO C 355 36.31 -21.72 -44.40
N PRO C 356 36.87 -22.87 -43.98
CA PRO C 356 37.68 -23.05 -42.77
C PRO C 356 39.04 -22.35 -42.85
N TYR C 357 39.67 -22.14 -41.71
CA TYR C 357 40.92 -21.41 -41.62
C TYR C 357 42.07 -22.38 -41.37
N LYS C 358 43.09 -22.31 -42.22
CA LYS C 358 44.21 -23.24 -42.14
C LYS C 358 45.08 -22.94 -40.92
N LEU C 359 45.56 -23.99 -40.26
CA LEU C 359 46.34 -23.84 -39.05
C LEU C 359 47.76 -23.37 -39.39
N LYS C 360 48.18 -22.28 -38.75
CA LYS C 360 49.54 -21.78 -38.88
C LYS C 360 50.31 -22.11 -37.61
N ASN C 361 51.53 -22.65 -37.78
CA ASN C 361 52.31 -23.11 -36.64
C ASN C 361 52.68 -21.92 -35.76
N THR C 362 52.04 -21.81 -34.61
CA THR C 362 52.31 -20.76 -33.64
C THR C 362 51.49 -21.06 -32.39
N VAL C 363 51.96 -20.54 -31.26
CA VAL C 363 51.27 -20.77 -29.99
C VAL C 363 49.87 -20.17 -30.04
N GLY C 364 49.75 -18.96 -30.59
CA GLY C 364 48.44 -18.33 -30.66
C GLY C 364 47.44 -19.13 -31.45
N ASP C 365 47.86 -19.68 -32.58
CA ASP C 365 46.96 -20.49 -33.39
C ASP C 365 46.51 -21.74 -32.65
N TYR C 366 47.45 -22.40 -31.95
CA TYR C 366 47.09 -23.58 -31.19
C TYR C 366 46.07 -23.24 -30.11
N PHE C 367 46.29 -22.13 -29.40
CA PHE C 367 45.36 -21.71 -28.36
C PHE C 367 44.00 -21.39 -28.96
N ARG C 368 43.98 -20.72 -30.11
CA ARG C 368 42.72 -20.38 -30.76
C ARG C 368 41.94 -21.63 -31.15
N VAL C 369 42.63 -22.62 -31.72
CA VAL C 369 41.96 -23.86 -32.09
C VAL C 369 41.42 -24.56 -30.86
N THR C 370 42.22 -24.61 -29.79
CA THR C 370 41.75 -25.24 -28.56
C THR C 370 40.50 -24.56 -28.02
N GLY C 371 40.50 -23.22 -28.01
CA GLY C 371 39.34 -22.50 -27.52
C GLY C 371 38.11 -22.73 -28.37
N GLU C 372 38.28 -22.73 -29.69
CA GLU C 372 37.16 -22.99 -30.59
C GLU C 372 36.58 -24.38 -30.33
N ILE C 373 37.45 -25.38 -30.20
CA ILE C 373 36.97 -26.75 -29.94
C ILE C 373 36.21 -26.80 -28.63
N LEU C 374 36.75 -26.18 -27.58
CA LEU C 374 36.09 -26.21 -26.28
C LEU C 374 34.73 -25.54 -26.34
N SER C 375 34.63 -24.39 -27.02
CA SER C 375 33.36 -23.69 -27.12
C SER C 375 32.33 -24.52 -27.86
N VAL C 376 32.74 -25.15 -28.98
CA VAL C 376 31.81 -25.98 -29.73
C VAL C 376 31.35 -27.15 -28.88
N SER C 377 32.27 -27.77 -28.16
CA SER C 377 31.91 -28.90 -27.30
C SER C 377 30.91 -28.47 -26.23
N GLY C 378 31.13 -27.30 -25.62
CA GLY C 378 30.19 -26.82 -24.62
C GLY C 378 28.81 -26.56 -25.18
N GLY C 379 28.74 -25.94 -26.36
CA GLY C 379 27.45 -25.70 -26.99
C GLY C 379 26.73 -27.01 -27.30
N VAL C 380 27.48 -27.98 -27.80
CA VAL C 380 26.92 -29.29 -28.11
C VAL C 380 26.38 -29.95 -26.83
N TYR C 381 27.14 -29.87 -25.74
CA TYR C 381 26.68 -30.42 -24.47
C TYR C 381 25.39 -29.75 -24.01
N PHE C 382 25.30 -28.43 -24.15
CA PHE C 382 24.09 -27.74 -23.75
C PHE C 382 22.90 -28.19 -24.59
N PHE C 383 23.12 -28.35 -25.90
CA PHE C 383 22.04 -28.80 -26.78
C PHE C 383 21.52 -30.16 -26.33
N PHE C 384 22.43 -31.10 -26.07
CA PHE C 384 22.03 -32.44 -25.63
C PHE C 384 21.33 -32.41 -24.28
N ARG C 385 21.86 -31.63 -23.33
CA ARG C 385 21.23 -31.53 -22.02
C ARG C 385 19.81 -31.02 -22.15
N GLY C 386 19.60 -29.97 -22.96
CA GLY C 386 18.27 -29.42 -23.11
C GLY C 386 17.31 -30.38 -23.78
N ILE C 387 17.75 -31.04 -24.86
CA ILE C 387 16.85 -31.94 -25.57
C ILE C 387 16.43 -33.09 -24.67
N GLN C 388 17.36 -33.68 -23.93
CA GLN C 388 16.99 -34.80 -23.08
C GLN C 388 16.21 -34.34 -21.85
N TYR C 389 16.45 -33.11 -21.37
CA TYR C 389 15.58 -32.54 -20.35
C TYR C 389 14.13 -32.48 -20.84
N PHE C 390 13.94 -31.94 -22.05
CA PHE C 390 12.59 -31.88 -22.61
C PHE C 390 12.00 -33.27 -22.75
N LEU C 391 12.82 -34.23 -23.20
CA LEU C 391 12.32 -35.59 -23.38
C LEU C 391 11.84 -36.20 -22.07
N GLN C 392 12.62 -36.03 -21.00
CA GLN C 392 12.28 -36.72 -19.75
C GLN C 392 11.24 -35.98 -18.93
N ARG C 393 11.10 -34.67 -19.11
CA ARG C 393 10.08 -33.92 -18.37
C ARG C 393 8.76 -33.86 -19.14
N ARG C 394 8.82 -33.60 -20.44
CA ARG C 394 7.64 -33.49 -21.28
C ARG C 394 6.66 -32.46 -20.70
N PRO C 395 7.08 -31.21 -20.53
CA PRO C 395 6.18 -30.19 -19.98
C PRO C 395 5.13 -29.76 -20.99
N SER C 396 4.06 -29.16 -20.48
CA SER C 396 3.02 -28.61 -21.33
C SER C 396 3.54 -27.40 -22.10
N LEU C 397 3.04 -27.24 -23.33
CA LEU C 397 3.40 -26.07 -24.13
C LEU C 397 3.06 -24.78 -23.40
N LYS C 398 1.99 -24.78 -22.62
CA LYS C 398 1.62 -23.59 -21.86
C LYS C 398 2.62 -23.29 -20.76
N SER C 399 3.31 -24.31 -20.25
CA SER C 399 4.26 -24.14 -19.16
C SER C 399 5.68 -23.87 -19.65
N LEU C 400 5.92 -23.92 -20.96
CA LEU C 400 7.27 -23.68 -21.46
C LEU C 400 7.74 -22.26 -21.16
N PHE C 401 6.85 -21.28 -21.33
CA PHE C 401 7.22 -19.88 -21.14
C PHE C 401 6.97 -19.41 -19.71
N VAL C 402 5.84 -19.81 -19.11
CA VAL C 402 5.58 -19.43 -17.73
C VAL C 402 6.61 -20.05 -16.81
N ASP C 403 6.94 -21.32 -17.03
CA ASP C 403 7.93 -22.04 -16.24
C ASP C 403 9.04 -22.54 -17.16
N SER C 404 10.21 -22.77 -16.58
CA SER C 404 11.36 -23.26 -17.33
C SER C 404 11.69 -22.32 -18.48
N TYR C 405 11.62 -21.01 -18.22
CA TYR C 405 11.88 -20.01 -19.24
C TYR C 405 13.37 -19.72 -19.43
N SER C 406 14.24 -20.38 -18.66
CA SER C 406 15.69 -20.28 -18.82
C SER C 406 16.28 -21.43 -19.63
N GLU C 407 15.73 -22.63 -19.47
CA GLU C 407 16.20 -23.77 -20.25
C GLU C 407 15.98 -23.52 -21.74
N ILE C 408 14.87 -22.88 -22.10
CA ILE C 408 14.61 -22.56 -23.50
C ILE C 408 15.67 -21.61 -24.02
N LEU C 409 16.06 -20.62 -23.22
CA LEU C 409 17.10 -19.68 -23.63
C LEU C 409 18.43 -20.40 -23.84
N PHE C 410 18.80 -21.29 -22.91
CA PHE C 410 20.03 -22.05 -23.08
C PHE C 410 19.98 -22.90 -24.34
N PHE C 411 18.84 -23.54 -24.59
CA PHE C 411 18.71 -24.41 -25.76
C PHE C 411 18.84 -23.62 -27.05
N VAL C 412 18.21 -22.44 -27.13
CA VAL C 412 18.30 -21.64 -28.35
C VAL C 412 19.72 -21.09 -28.51
N GLN C 413 20.41 -20.78 -27.42
CA GLN C 413 21.81 -20.41 -27.52
C GLN C 413 22.64 -21.53 -28.13
N SER C 414 22.41 -22.76 -27.67
CA SER C 414 23.10 -23.91 -28.25
C SER C 414 22.76 -24.06 -29.73
N LEU C 415 21.50 -23.82 -30.09
CA LEU C 415 21.10 -23.85 -31.50
C LEU C 415 21.89 -22.84 -32.32
N PHE C 416 22.03 -21.62 -31.78
CA PHE C 416 22.81 -20.60 -32.48
C PHE C 416 24.24 -21.06 -32.69
N MET C 417 24.85 -21.65 -31.66
CA MET C 417 26.23 -22.12 -31.80
C MET C 417 26.34 -23.21 -32.86
N LEU C 418 25.40 -24.16 -32.85
CA LEU C 418 25.46 -25.24 -33.83
C LEU C 418 25.28 -24.70 -35.25
N VAL C 419 24.35 -23.77 -35.44
CA VAL C 419 24.18 -23.15 -36.75
C VAL C 419 25.45 -22.43 -37.16
N SER C 420 26.13 -21.79 -36.20
CA SER C 420 27.39 -21.14 -36.50
C SER C 420 28.40 -22.14 -37.03
N VAL C 421 28.50 -23.29 -36.38
CA VAL C 421 29.44 -24.32 -36.84
C VAL C 421 29.08 -24.76 -38.26
N VAL C 422 27.80 -25.02 -38.49
CA VAL C 422 27.36 -25.50 -39.80
C VAL C 422 27.74 -24.50 -40.88
N LEU C 423 27.45 -23.22 -40.65
CA LEU C 423 27.80 -22.20 -41.63
C LEU C 423 29.30 -22.03 -41.75
N TYR C 424 30.05 -22.30 -40.67
CA TYR C 424 31.50 -22.22 -40.72
C TYR C 424 32.07 -23.26 -41.68
N PHE C 425 31.53 -24.49 -41.64
CA PHE C 425 32.02 -25.55 -42.51
C PHE C 425 31.33 -25.56 -43.87
N SER C 426 30.80 -24.41 -44.31
CA SER C 426 30.15 -24.30 -45.62
C SER C 426 30.68 -23.10 -46.41
N GLN C 427 31.80 -22.52 -45.99
CA GLN C 427 32.44 -21.41 -46.70
C GLN C 427 31.50 -20.20 -46.79
N ARG C 428 31.02 -19.77 -45.63
CA ARG C 428 30.13 -18.62 -45.52
C ARG C 428 30.67 -17.67 -44.45
N LYS C 429 30.25 -16.42 -44.54
CA LYS C 429 30.74 -15.35 -43.68
C LYS C 429 29.77 -14.97 -42.59
N GLU C 430 28.68 -15.71 -42.42
CA GLU C 430 27.67 -15.46 -41.40
C GLU C 430 27.91 -16.28 -40.14
N TYR C 431 28.95 -17.10 -40.13
CA TYR C 431 29.35 -17.79 -38.92
C TYR C 431 29.69 -16.79 -37.82
N VAL C 432 30.27 -15.65 -38.20
CA VAL C 432 30.59 -14.61 -37.22
C VAL C 432 29.31 -14.05 -36.61
N ALA C 433 28.29 -13.80 -37.43
CA ALA C 433 27.03 -13.28 -36.92
C ALA C 433 26.41 -14.26 -35.93
N SER C 434 26.35 -15.54 -36.31
CA SER C 434 25.79 -16.54 -35.40
C SER C 434 26.60 -16.63 -34.11
N MET C 435 27.92 -16.58 -34.23
CA MET C 435 28.79 -16.68 -33.06
C MET C 435 28.57 -15.51 -32.11
N VAL C 436 28.46 -14.30 -32.63
CA VAL C 436 28.25 -13.14 -31.76
C VAL C 436 26.87 -13.22 -31.11
N PHE C 437 25.86 -13.69 -31.87
CA PHE C 437 24.55 -13.89 -31.26
C PHE C 437 24.64 -14.81 -30.07
N SER C 438 25.27 -15.97 -30.25
CA SER C 438 25.38 -16.95 -29.17
C SER C 438 26.16 -16.37 -27.99
N LEU C 439 27.25 -15.65 -28.28
CA LEU C 439 28.08 -15.08 -27.22
C LEU C 439 27.28 -14.09 -26.37
N ALA C 440 26.59 -13.15 -27.03
CA ALA C 440 25.79 -12.18 -26.30
C ALA C 440 24.71 -12.88 -25.49
N MET C 441 24.05 -13.88 -26.07
CA MET C 441 22.96 -14.54 -25.37
C MET C 441 23.46 -15.32 -24.16
N GLY C 442 24.65 -15.92 -24.26
CA GLY C 442 25.22 -16.58 -23.10
C GLY C 442 25.58 -15.59 -22.00
N TRP C 443 26.20 -14.47 -22.38
CA TRP C 443 26.49 -13.43 -21.39
C TRP C 443 25.22 -12.99 -20.69
N THR C 444 24.11 -12.91 -21.43
CA THR C 444 22.83 -12.57 -20.80
C THR C 444 22.36 -13.69 -19.89
N ASN C 445 22.43 -14.95 -20.35
CA ASN C 445 21.92 -16.08 -19.58
C ASN C 445 22.70 -16.28 -18.30
N MET C 446 23.91 -15.71 -18.19
CA MET C 446 24.65 -15.79 -16.94
C MET C 446 23.80 -15.40 -15.74
N LEU C 447 22.72 -14.64 -15.94
CA LEU C 447 21.89 -14.19 -14.84
C LEU C 447 21.22 -15.35 -14.10
N TYR C 448 21.16 -16.53 -14.69
CA TYR C 448 20.45 -17.64 -14.05
C TYR C 448 21.01 -17.94 -12.67
N TYR C 449 22.29 -17.64 -12.43
CA TYR C 449 22.93 -17.93 -11.17
C TYR C 449 22.74 -16.82 -10.15
N THR C 450 21.99 -15.77 -10.48
CA THR C 450 21.64 -14.76 -9.48
C THR C 450 20.92 -15.42 -8.31
N ARG C 451 20.09 -16.42 -8.57
CA ARG C 451 19.53 -17.23 -7.51
C ARG C 451 20.62 -18.06 -6.86
N GLY C 452 20.31 -18.61 -5.68
CA GLY C 452 21.33 -19.19 -4.85
C GLY C 452 22.17 -18.18 -4.12
N PHE C 453 21.90 -16.89 -4.29
CA PHE C 453 22.62 -15.80 -3.63
C PHE C 453 21.57 -14.83 -3.07
N GLN C 454 21.15 -15.08 -1.81
CA GLN C 454 20.26 -14.14 -1.12
C GLN C 454 20.65 -12.69 -1.39
N GLN C 455 21.94 -12.36 -1.32
CA GLN C 455 22.38 -10.97 -1.32
C GLN C 455 21.92 -10.24 -2.58
N MET C 456 21.87 -10.96 -3.71
CA MET C 456 21.52 -10.33 -4.98
C MET C 456 20.06 -9.91 -5.06
N GLY C 457 19.21 -10.39 -4.14
CA GLY C 457 17.82 -10.00 -4.15
C GLY C 457 16.88 -11.10 -3.70
N ILE C 458 15.95 -10.77 -2.81
CA ILE C 458 14.98 -11.73 -2.31
C ILE C 458 13.71 -11.72 -3.17
N TYR C 459 13.23 -10.53 -3.51
CA TYR C 459 12.05 -10.38 -4.35
C TYR C 459 12.47 -10.14 -5.80
N ALA C 460 12.92 -11.21 -6.44
CA ALA C 460 13.20 -11.21 -7.87
C ALA C 460 12.12 -11.93 -8.67
N VAL C 461 10.91 -12.00 -8.13
CA VAL C 461 9.79 -12.62 -8.83
C VAL C 461 9.13 -11.67 -9.81
N MET C 462 9.31 -10.36 -9.66
CA MET C 462 8.77 -9.41 -10.60
C MET C 462 9.33 -9.61 -12.01
N ILE C 463 10.46 -10.30 -12.14
CA ILE C 463 10.95 -10.67 -13.47
C ILE C 463 9.85 -11.35 -14.26
N GLU C 464 9.13 -12.29 -13.62
CA GLU C 464 8.09 -13.02 -14.33
C GLU C 464 6.84 -12.17 -14.51
N LYS C 465 6.51 -11.33 -13.54
CA LYS C 465 5.38 -10.43 -13.69
C LYS C 465 5.61 -9.44 -14.83
N MET C 466 6.86 -9.23 -15.27
CA MET C 466 7.18 -8.11 -16.20
C MET C 466 7.85 -8.46 -17.53
N ILE C 467 8.82 -9.36 -17.62
CA ILE C 467 9.58 -9.56 -18.85
C ILE C 467 8.68 -10.14 -19.92
N LEU C 468 7.61 -10.80 -19.51
CA LEU C 468 6.59 -11.29 -20.42
C LEU C 468 5.29 -10.54 -20.22
N ARG C 469 4.73 -10.60 -19.01
CA ARG C 469 3.35 -10.21 -18.77
C ARG C 469 3.07 -8.77 -19.19
N ASP C 470 4.09 -7.91 -19.16
CA ASP C 470 3.88 -6.51 -19.53
C ASP C 470 4.73 -6.10 -20.72
N LEU C 471 5.95 -6.60 -20.81
CA LEU C 471 6.81 -6.27 -21.94
C LEU C 471 6.17 -6.70 -23.25
N CYS C 472 5.68 -7.94 -23.33
CA CYS C 472 5.13 -8.42 -24.59
C CYS C 472 3.85 -7.66 -24.95
N ARG C 473 2.99 -7.43 -23.96
CA ARG C 473 1.77 -6.65 -24.20
C ARG C 473 2.11 -5.28 -24.76
N PHE C 474 3.02 -4.57 -24.09
CA PHE C 474 3.35 -3.21 -24.52
C PHE C 474 3.96 -3.22 -25.91
N MET C 475 4.86 -4.17 -26.19
CA MET C 475 5.47 -4.21 -27.50
C MET C 475 4.42 -4.43 -28.58
N PHE C 476 3.49 -5.37 -28.34
CA PHE C 476 2.44 -5.64 -29.31
C PHE C 476 1.61 -4.39 -29.60
N VAL C 477 1.10 -3.76 -28.53
CA VAL C 477 0.22 -2.61 -28.71
C VAL C 477 0.98 -1.47 -29.37
N TYR C 478 2.22 -1.21 -28.94
CA TYR C 478 3.00 -0.12 -29.51
C TYR C 478 3.28 -0.36 -30.97
N LEU C 479 3.56 -1.60 -31.36
CA LEU C 479 3.81 -1.89 -32.78
C LEU C 479 2.55 -1.67 -33.60
N VAL C 480 1.39 -2.05 -33.07
CA VAL C 480 0.14 -1.80 -33.79
C VAL C 480 -0.06 -0.30 -34.00
N PHE C 481 0.12 0.48 -32.93
CA PHE C 481 -0.01 1.94 -33.04
C PHE C 481 0.97 2.48 -34.06
N LEU C 482 2.21 2.02 -34.01
CA LEU C 482 3.25 2.46 -34.93
C LEU C 482 2.82 2.23 -36.36
N PHE C 483 2.38 1.00 -36.67
CA PHE C 483 1.99 0.69 -38.04
C PHE C 483 0.85 1.59 -38.50
N GLY C 484 -0.20 1.70 -37.68
CA GLY C 484 -1.36 2.48 -38.11
C GLY C 484 -1.02 3.94 -38.35
N PHE C 485 -0.35 4.57 -37.38
CA PHE C 485 -0.05 5.99 -37.52
C PHE C 485 0.97 6.23 -38.62
N SER C 486 1.94 5.32 -38.80
CA SER C 486 2.90 5.49 -39.88
C SER C 486 2.21 5.39 -41.24
N THR C 487 1.27 4.46 -41.39
CA THR C 487 0.51 4.39 -42.64
C THR C 487 -0.25 5.67 -42.88
N ALA C 488 -0.91 6.19 -41.86
CA ALA C 488 -1.65 7.45 -42.01
C ALA C 488 -0.72 8.57 -42.46
N VAL C 489 0.42 8.71 -41.78
CA VAL C 489 1.34 9.79 -42.07
C VAL C 489 1.89 9.68 -43.49
N VAL C 490 2.34 8.49 -43.87
CA VAL C 490 2.89 8.32 -45.21
C VAL C 490 1.83 8.56 -46.27
N THR C 491 0.57 8.20 -45.98
CA THR C 491 -0.51 8.53 -46.89
C THR C 491 -0.65 10.04 -47.04
N LEU C 492 -0.53 10.77 -45.93
CA LEU C 492 -0.63 12.22 -46.00
C LEU C 492 0.52 12.84 -46.79
N ILE C 493 1.71 12.24 -46.73
CA ILE C 493 2.87 12.83 -47.38
C ILE C 493 2.64 12.88 -48.90
N GLU C 494 3.21 13.91 -49.52
CA GLU C 494 3.04 14.13 -50.95
C GLU C 494 4.16 13.47 -51.77
N ASP C 495 5.40 13.88 -51.54
CA ASP C 495 6.56 13.34 -52.22
C ASP C 495 7.75 13.41 -51.28
N GLY C 496 8.94 13.12 -51.80
CA GLY C 496 10.16 13.26 -51.04
C GLY C 496 10.68 11.96 -50.46
N LYS C 497 11.45 12.06 -49.39
CA LYS C 497 12.05 10.88 -48.78
C LYS C 497 11.03 10.06 -47.99
N TYR C 498 9.98 10.71 -47.46
CA TYR C 498 9.07 10.09 -46.52
C TYR C 498 7.74 9.72 -47.15
N ASN C 499 7.69 9.56 -48.48
CA ASN C 499 6.53 8.94 -49.11
C ASN C 499 6.62 7.42 -49.12
N SER C 500 7.54 6.86 -48.33
CA SER C 500 7.69 5.43 -48.14
C SER C 500 7.44 5.08 -46.67
N LEU C 501 6.86 3.90 -46.46
CA LEU C 501 6.45 3.54 -45.10
C LEU C 501 7.64 3.42 -44.16
N TYR C 502 8.71 2.74 -44.60
CA TYR C 502 9.81 2.45 -43.68
C TYR C 502 10.46 3.75 -43.21
N SER C 503 10.70 4.68 -44.13
CA SER C 503 11.35 5.93 -43.74
C SER C 503 10.51 6.69 -42.72
N THR C 504 9.18 6.69 -42.89
CA THR C 504 8.31 7.38 -41.95
C THR C 504 8.25 6.69 -40.59
N CYS C 505 8.15 5.36 -40.56
CA CYS C 505 8.13 4.65 -39.29
C CYS C 505 9.44 4.78 -38.55
N LEU C 506 10.58 4.75 -39.25
CA LEU C 506 11.88 4.89 -38.61
C LEU C 506 12.05 6.23 -37.91
N GLU C 507 11.34 7.26 -38.34
CA GLU C 507 11.45 8.60 -37.80
C GLU C 507 10.36 8.90 -36.77
N LEU C 508 9.16 8.37 -37.00
CA LEU C 508 8.13 8.39 -35.98
C LEU C 508 8.55 7.58 -34.77
N PHE C 509 9.42 6.58 -34.96
CA PHE C 509 10.04 5.88 -33.85
C PHE C 509 11.02 6.78 -33.11
N LYS C 510 11.77 7.60 -33.85
CA LYS C 510 12.78 8.44 -33.24
C LYS C 510 12.16 9.57 -32.42
N PHE C 511 11.12 10.21 -32.95
CA PHE C 511 10.47 11.28 -32.19
C PHE C 511 10.06 10.81 -30.81
N THR C 512 9.50 9.60 -30.73
CA THR C 512 8.90 9.14 -29.48
C THR C 512 9.95 9.02 -28.37
N ILE C 513 11.14 8.52 -28.70
CA ILE C 513 12.11 8.15 -27.68
C ILE C 513 13.04 9.29 -27.30
N GLY C 514 12.86 10.48 -27.87
CA GLY C 514 13.69 11.61 -27.50
C GLY C 514 14.98 11.73 -28.27
N MET C 515 15.38 10.71 -29.02
CA MET C 515 16.42 10.92 -30.03
C MET C 515 16.03 12.05 -30.98
N GLY C 516 14.73 12.27 -31.16
CA GLY C 516 14.30 13.21 -32.17
C GLY C 516 14.91 12.83 -33.50
N ASP C 517 14.78 13.75 -34.45
CA ASP C 517 15.42 13.59 -35.74
C ASP C 517 15.40 14.93 -36.46
N LEU C 518 16.12 14.99 -37.57
CA LEU C 518 16.07 16.17 -38.42
C LEU C 518 14.63 16.54 -38.69
N GLU C 519 14.28 17.78 -38.39
CA GLU C 519 12.87 18.17 -38.36
C GLU C 519 12.31 18.13 -39.78
N PHE C 520 11.63 17.04 -40.11
CA PHE C 520 10.82 16.98 -41.32
C PHE C 520 9.39 17.41 -41.05
N THR C 521 9.14 18.02 -39.89
CA THR C 521 7.87 18.67 -39.64
C THR C 521 7.90 19.96 -40.46
N GLU C 522 7.87 19.83 -41.78
CA GLU C 522 8.07 20.94 -42.70
C GLU C 522 7.99 20.40 -44.12
N ASN C 523 7.85 21.31 -45.07
CA ASN C 523 7.94 21.00 -46.49
C ASN C 523 6.76 20.15 -46.98
N TYR C 524 5.55 20.52 -46.59
CA TYR C 524 4.36 19.87 -47.13
C TYR C 524 3.12 20.54 -46.56
N ASP C 525 2.00 20.32 -47.24
CA ASP C 525 0.73 20.92 -46.86
C ASP C 525 0.10 20.15 -45.70
N PHE C 526 -1.00 20.69 -45.18
CA PHE C 526 -1.69 20.12 -44.02
C PHE C 526 -0.73 20.03 -42.83
N LYS C 527 0.05 21.09 -42.62
CA LYS C 527 1.01 21.13 -41.53
C LYS C 527 0.35 20.81 -40.19
N ALA C 528 -0.75 21.49 -39.90
CA ALA C 528 -1.44 21.30 -38.62
C ALA C 528 -1.90 19.86 -38.47
N VAL C 529 -2.39 19.26 -39.56
CA VAL C 529 -2.85 17.87 -39.50
C VAL C 529 -1.71 16.95 -39.09
N PHE C 530 -0.55 17.13 -39.72
CA PHE C 530 0.60 16.29 -39.40
C PHE C 530 1.01 16.46 -37.94
N ILE C 531 1.11 17.71 -37.49
CA ILE C 531 1.53 17.96 -36.10
C ILE C 531 0.55 17.32 -35.14
N ILE C 532 -0.75 17.42 -35.45
CA ILE C 532 -1.78 16.84 -34.59
C ILE C 532 -1.62 15.33 -34.51
N LEU C 533 -1.41 14.68 -35.66
CA LEU C 533 -1.24 13.24 -35.68
C LEU C 533 -0.01 12.82 -34.89
N LEU C 534 1.10 13.56 -35.06
CA LEU C 534 2.33 13.24 -34.35
C LEU C 534 2.14 13.34 -32.84
N LEU C 535 1.51 14.42 -32.39
CA LEU C 535 1.23 14.60 -30.98
C LEU C 535 0.38 13.44 -30.45
N ALA C 536 -0.66 13.08 -31.20
CA ALA C 536 -1.54 12.00 -30.77
C ALA C 536 -0.75 10.70 -30.59
N TYR C 537 0.05 10.35 -31.58
CA TYR C 537 0.82 9.11 -31.51
C TYR C 537 1.73 9.09 -30.28
N VAL C 538 2.54 10.14 -30.13
CA VAL C 538 3.50 10.18 -29.04
C VAL C 538 2.79 10.09 -27.69
N ILE C 539 1.77 10.94 -27.50
CA ILE C 539 1.03 10.93 -26.26
C ILE C 539 0.51 9.53 -25.99
N LEU C 540 -0.31 8.99 -26.90
CA LEU C 540 -0.95 7.71 -26.66
C LEU C 540 0.05 6.64 -26.24
N THR C 541 1.18 6.54 -26.94
CA THR C 541 2.14 5.49 -26.59
C THR C 541 2.68 5.71 -25.17
N TYR C 542 2.99 6.94 -24.81
CA TYR C 542 3.52 7.16 -23.46
C TYR C 542 2.46 6.96 -22.39
N ILE C 543 1.20 7.28 -22.71
CA ILE C 543 0.09 6.98 -21.80
C ILE C 543 0.04 5.48 -21.52
N LEU C 544 0.16 4.68 -22.59
CA LEU C 544 0.12 3.23 -22.44
C LEU C 544 1.26 2.74 -21.54
N LEU C 545 2.47 3.24 -21.79
CA LEU C 545 3.60 2.86 -20.94
C LEU C 545 3.35 3.22 -19.48
N LEU C 546 2.86 4.44 -19.25
CA LEU C 546 2.57 4.89 -17.90
C LEU C 546 1.60 3.96 -17.21
N ASN C 547 0.59 3.47 -17.95
CA ASN C 547 -0.32 2.49 -17.36
C ASN C 547 0.35 1.18 -17.01
N MET C 548 1.18 0.65 -17.91
CA MET C 548 1.87 -0.60 -17.58
C MET C 548 2.63 -0.45 -16.26
N LEU C 549 3.31 0.67 -16.08
CA LEU C 549 4.10 0.86 -14.86
C LEU C 549 3.20 1.02 -13.63
N ILE C 550 2.10 1.75 -13.76
CA ILE C 550 1.18 1.90 -12.63
C ILE C 550 0.64 0.55 -12.20
N ALA C 551 0.26 -0.28 -13.17
CA ALA C 551 -0.24 -1.61 -12.85
C ALA C 551 0.83 -2.44 -12.15
N LEU C 552 2.06 -2.36 -12.64
CA LEU C 552 3.16 -3.06 -11.98
C LEU C 552 3.23 -2.71 -10.50
N MET C 553 3.28 -1.41 -10.19
CA MET C 553 3.44 -0.99 -8.80
C MET C 553 2.24 -1.41 -7.96
N GLY C 554 1.03 -1.20 -8.47
CA GLY C 554 -0.16 -1.54 -7.73
C GLY C 554 -0.28 -3.03 -7.45
N GLU C 555 0.22 -3.86 -8.36
CA GLU C 555 0.24 -5.30 -8.12
C GLU C 555 1.31 -5.67 -7.10
N THR C 556 2.50 -5.07 -7.22
CA THR C 556 3.60 -5.45 -6.35
C THR C 556 3.35 -5.07 -4.89
N VAL C 557 2.61 -4.00 -4.62
CA VAL C 557 2.44 -3.64 -3.20
C VAL C 557 1.78 -4.78 -2.43
N ASN C 558 0.67 -5.31 -2.93
CA ASN C 558 -0.02 -6.39 -2.22
C ASN C 558 0.52 -7.78 -2.53
N LYS C 559 1.16 -7.99 -3.69
CA LYS C 559 1.90 -9.24 -3.84
C LYS C 559 2.99 -9.37 -2.79
N ILE C 560 3.39 -8.26 -2.18
CA ILE C 560 4.46 -8.24 -1.20
C ILE C 560 3.95 -8.04 0.22
N ALA C 561 2.64 -7.85 0.38
CA ALA C 561 1.99 -7.70 1.69
C ALA C 561 1.05 -8.87 1.89
N GLN C 562 1.06 -9.86 0.98
CA GLN C 562 0.17 -11.04 1.05
C GLN C 562 0.98 -12.32 1.28
N GLU C 563 2.18 -12.42 0.69
CA GLU C 563 3.05 -13.61 0.79
C GLU C 563 4.51 -13.16 0.79
N LEU C 570 10.62 -20.50 -1.79
CA LEU C 570 10.34 -21.69 -2.64
C LEU C 570 11.21 -21.63 -3.90
N GLN C 571 11.82 -20.49 -4.23
CA GLN C 571 12.76 -20.39 -5.38
C GLN C 571 13.84 -21.46 -5.19
N ARG C 572 14.40 -21.58 -3.98
CA ARG C 572 15.41 -22.57 -3.63
C ARG C 572 14.86 -23.98 -3.57
N ALA C 573 13.57 -24.13 -3.26
CA ALA C 573 12.97 -25.47 -3.28
C ALA C 573 13.14 -26.11 -4.65
N ILE C 574 13.06 -25.33 -5.72
CA ILE C 574 13.29 -25.90 -7.05
C ILE C 574 14.78 -25.94 -7.39
N THR C 575 15.52 -24.90 -7.03
CA THR C 575 16.96 -24.89 -7.33
C THR C 575 17.64 -26.14 -6.78
N ILE C 576 17.31 -26.49 -5.53
CA ILE C 576 17.96 -27.60 -4.85
C ILE C 576 17.71 -28.90 -5.60
N LEU C 577 16.46 -29.15 -5.98
CA LEU C 577 16.13 -30.39 -6.68
C LEU C 577 16.82 -30.45 -8.03
N ASP C 578 16.80 -29.35 -8.78
CA ASP C 578 17.41 -29.36 -10.11
C ASP C 578 18.91 -29.63 -10.00
N THR C 579 19.58 -28.98 -9.05
CA THR C 579 21.02 -29.23 -8.89
C THR C 579 21.29 -30.65 -8.41
N GLU C 580 20.47 -31.16 -7.49
CA GLU C 580 20.60 -32.55 -7.08
C GLU C 580 20.58 -33.47 -8.29
N LYS C 581 19.69 -33.20 -9.22
CA LYS C 581 19.50 -34.00 -10.42
C LYS C 581 20.39 -33.62 -11.61
N SER C 582 21.26 -32.63 -11.47
CA SER C 582 22.34 -32.45 -12.43
C SER C 582 22.86 -33.78 -12.96
N ALA C 590 26.80 -39.37 -0.29
CA ALA C 590 26.55 -38.12 0.42
C ALA C 590 25.22 -37.51 -0.02
N PHE C 591 24.29 -38.36 -0.42
CA PHE C 591 22.97 -37.93 -0.90
C PHE C 591 21.88 -38.80 -0.33
N ARG C 592 21.96 -39.10 0.97
CA ARG C 592 21.01 -40.01 1.63
C ARG C 592 20.01 -39.27 2.50
N SER C 593 20.48 -38.39 3.40
CA SER C 593 19.64 -37.61 4.29
C SER C 593 18.95 -38.45 5.36
N GLY C 594 19.55 -39.57 5.75
CA GLY C 594 18.98 -40.40 6.80
C GLY C 594 19.99 -41.46 7.19
N LYS C 595 19.65 -42.20 8.26
CA LYS C 595 20.64 -43.11 8.85
C LYS C 595 20.09 -44.48 9.27
N LEU C 596 18.88 -44.86 8.88
CA LEU C 596 18.32 -46.18 9.19
C LEU C 596 18.29 -46.42 10.70
N LEU C 597 17.48 -45.61 11.38
CA LEU C 597 17.30 -45.79 12.81
C LEU C 597 16.39 -46.97 13.09
N GLN C 598 16.23 -47.29 14.37
CA GLN C 598 15.37 -48.37 14.82
C GLN C 598 14.21 -47.77 15.61
N VAL C 599 12.99 -48.20 15.28
CA VAL C 599 11.80 -47.60 15.85
C VAL C 599 10.90 -48.67 16.45
N GLY C 600 11.49 -49.81 16.82
CA GLY C 600 10.73 -50.89 17.43
C GLY C 600 10.68 -52.13 16.58
N PHE C 601 9.51 -52.75 16.47
CA PHE C 601 9.32 -53.94 15.66
C PHE C 601 7.95 -53.89 15.00
N THR C 602 7.71 -54.85 14.11
CA THR C 602 6.49 -54.98 13.34
C THR C 602 5.46 -55.74 14.18
N PRO C 603 4.27 -56.04 13.65
CA PRO C 603 3.39 -56.98 14.36
C PRO C 603 4.13 -58.28 14.67
N ASP C 604 5.03 -58.67 13.78
CA ASP C 604 5.99 -59.75 14.07
C ASP C 604 7.13 -59.16 14.90
N GLY C 605 8.13 -59.98 15.21
CA GLY C 605 9.20 -59.54 16.10
C GLY C 605 10.48 -59.15 15.38
N LYS C 606 10.35 -58.41 14.29
CA LYS C 606 11.49 -58.05 13.45
C LYS C 606 11.82 -56.58 13.57
N ASP C 607 13.11 -56.26 13.61
CA ASP C 607 13.56 -54.88 13.67
C ASP C 607 13.04 -54.11 12.45
N ASP C 608 12.57 -52.89 12.70
CA ASP C 608 11.98 -52.05 11.66
C ASP C 608 12.88 -50.86 11.38
N TYR C 609 13.18 -50.64 10.10
CA TYR C 609 14.12 -49.61 9.64
C TYR C 609 13.41 -48.75 8.61
N ARG C 610 13.39 -47.43 8.82
CA ARG C 610 12.57 -46.57 7.97
C ARG C 610 13.24 -45.22 7.68
N TRP C 611 14.57 -45.14 7.74
CA TRP C 611 15.29 -43.93 7.34
C TRP C 611 14.80 -42.71 8.11
N CYS C 612 14.94 -42.75 9.43
CA CYS C 612 14.47 -41.65 10.25
C CYS C 612 15.34 -40.40 10.04
N PHE C 613 14.70 -39.24 10.06
CA PHE C 613 15.39 -37.96 9.96
C PHE C 613 15.30 -37.28 11.32
N ARG C 614 16.43 -37.22 12.03
CA ARG C 614 16.43 -36.63 13.36
C ARG C 614 16.05 -35.16 13.31
N VAL C 615 15.12 -34.76 14.18
CA VAL C 615 14.70 -33.38 14.31
C VAL C 615 14.46 -33.09 15.78
N ASP C 616 14.95 -31.96 16.26
CA ASP C 616 14.81 -31.56 17.65
C ASP C 616 14.26 -30.14 17.70
N GLU C 617 13.21 -29.96 18.51
CA GLU C 617 12.56 -28.67 18.66
C GLU C 617 12.60 -28.25 20.12
N VAL C 618 12.87 -26.97 20.35
CA VAL C 618 12.95 -26.42 21.71
C VAL C 618 11.57 -25.87 22.07
N ASN C 619 10.94 -26.48 23.07
CA ASN C 619 9.61 -26.07 23.51
C ASN C 619 9.66 -25.83 25.02
N TRP C 620 8.81 -24.90 25.48
CA TRP C 620 8.87 -24.42 26.85
C TRP C 620 7.48 -24.37 27.49
N THR C 621 6.59 -25.27 27.10
CA THR C 621 5.26 -25.32 27.70
C THR C 621 4.70 -26.72 27.55
N THR C 622 3.58 -26.97 28.23
CA THR C 622 2.91 -28.28 28.22
C THR C 622 3.86 -29.37 28.69
N TRP C 623 4.28 -29.23 29.95
CA TRP C 623 5.18 -30.19 30.57
C TRP C 623 4.42 -31.14 31.49
N GLY D 95 -54.57 15.12 4.47
CA GLY D 95 -55.26 13.96 3.92
C GLY D 95 -55.27 12.77 4.86
N GLN D 96 -54.54 12.90 5.97
CA GLN D 96 -54.46 11.81 6.92
C GLN D 96 -55.80 11.59 7.61
N THR D 97 -56.10 10.33 7.91
CA THR D 97 -57.35 9.94 8.56
C THR D 97 -57.05 9.14 9.82
N ALA D 98 -58.04 9.08 10.71
CA ALA D 98 -57.84 8.51 12.03
C ALA D 98 -57.18 7.13 11.98
N LEU D 99 -57.60 6.30 11.01
CA LEU D 99 -57.03 4.97 10.91
C LEU D 99 -55.53 5.03 10.64
N HIS D 100 -55.10 6.01 9.85
CA HIS D 100 -53.67 6.16 9.58
C HIS D 100 -52.90 6.45 10.87
N ILE D 101 -53.42 7.37 11.69
CA ILE D 101 -52.76 7.69 12.95
C ILE D 101 -52.73 6.46 13.85
N ALA D 102 -53.86 5.74 13.93
CA ALA D 102 -53.91 4.56 14.78
C ALA D 102 -52.89 3.53 14.33
N ILE D 103 -52.74 3.34 13.02
CA ILE D 103 -51.69 2.46 12.51
C ILE D 103 -50.33 2.96 12.96
N GLU D 104 -50.12 4.29 12.91
CA GLU D 104 -48.87 4.85 13.39
C GLU D 104 -48.72 4.68 14.90
N ARG D 105 -49.79 4.91 15.66
CA ARG D 105 -49.72 4.76 17.10
C ARG D 105 -49.71 3.29 17.52
N ARG D 106 -50.29 2.42 16.71
CA ARG D 106 -50.30 0.97 16.95
C ARG D 106 -51.14 0.61 18.17
N ASN D 107 -52.28 1.30 18.34
CA ASN D 107 -53.22 0.93 19.38
C ASN D 107 -54.24 0.02 18.73
N MET D 108 -53.86 -1.24 18.66
CA MET D 108 -54.63 -2.26 17.97
C MET D 108 -56.02 -2.40 18.56
N THR D 109 -56.21 -2.00 19.83
CA THR D 109 -57.55 -1.85 20.39
C THR D 109 -58.33 -0.77 19.65
N LEU D 110 -57.71 0.40 19.45
CA LEU D 110 -58.40 1.49 18.75
C LEU D 110 -58.68 1.11 17.30
N VAL D 111 -57.72 0.45 16.64
CA VAL D 111 -57.96 0.02 15.27
C VAL D 111 -59.11 -0.96 15.20
N THR D 112 -59.15 -1.91 16.16
CA THR D 112 -60.26 -2.86 16.20
C THR D 112 -61.58 -2.16 16.46
N LEU D 113 -61.58 -1.09 17.26
CA LEU D 113 -62.82 -0.36 17.51
C LEU D 113 -63.25 0.44 16.27
N LEU D 114 -62.29 1.07 15.59
CA LEU D 114 -62.61 1.79 14.36
C LEU D 114 -63.17 0.84 13.31
N VAL D 115 -62.59 -0.35 13.19
CA VAL D 115 -63.06 -1.33 12.21
C VAL D 115 -64.33 -2.02 12.65
N GLU D 116 -64.61 -2.07 13.95
CA GLU D 116 -65.83 -2.71 14.44
C GLU D 116 -67.06 -2.00 13.90
N ASN D 117 -67.04 -0.66 13.92
CA ASN D 117 -68.09 0.10 13.26
C ASN D 117 -68.06 -0.07 11.75
N GLY D 118 -66.91 -0.45 11.19
CA GLY D 118 -66.78 -0.60 9.75
C GLY D 118 -66.52 0.72 9.07
N ALA D 119 -65.55 1.48 9.58
CA ALA D 119 -65.27 2.81 9.07
C ALA D 119 -64.84 2.77 7.61
N ASP D 120 -63.68 2.18 7.33
CA ASP D 120 -63.14 2.08 5.99
C ASP D 120 -61.82 1.33 6.07
N VAL D 121 -61.33 0.81 4.94
CA VAL D 121 -60.06 0.02 4.90
C VAL D 121 -59.23 0.38 3.66
N GLN D 122 -59.64 1.32 2.86
CA GLN D 122 -58.85 1.73 1.66
C GLN D 122 -58.71 3.25 1.63
N ALA D 123 -59.66 3.99 1.05
CA ALA D 123 -59.54 5.46 0.87
C ALA D 123 -58.15 5.74 0.28
N ALA D 124 -57.46 6.82 0.67
CA ALA D 124 -56.04 7.07 0.26
C ALA D 124 -55.60 8.35 0.98
N ALA D 125 -54.29 8.50 1.21
CA ALA D 125 -53.72 9.77 1.72
C ALA D 125 -53.28 10.51 0.45
N ASN D 126 -53.30 11.83 0.40
CA ASN D 126 -52.84 12.63 -0.73
C ASN D 126 -52.11 13.90 -0.26
N GLY D 127 -51.55 13.90 0.94
CA GLY D 127 -50.90 15.10 1.44
C GLY D 127 -49.61 15.39 0.70
N ASP D 128 -49.30 16.68 0.57
CA ASP D 128 -48.02 17.07 -0.02
C ASP D 128 -46.85 16.47 0.76
N PHE D 129 -46.98 16.38 2.09
CA PHE D 129 -45.98 15.69 2.89
C PHE D 129 -45.88 14.23 2.48
N PHE D 130 -47.02 13.59 2.24
CA PHE D 130 -47.06 12.17 1.92
C PHE D 130 -46.55 11.93 0.49
N PRO D 137 -39.19 17.82 3.85
CA PRO D 137 -39.85 16.96 4.83
C PRO D 137 -40.98 16.14 4.22
N GLY D 138 -40.91 14.82 4.38
CA GLY D 138 -41.95 13.95 3.84
C GLY D 138 -41.66 12.51 4.18
N PHE D 139 -42.60 11.65 3.78
CA PHE D 139 -42.47 10.21 3.99
C PHE D 139 -43.48 9.52 3.08
N TYR D 140 -43.01 8.58 2.26
CA TYR D 140 -43.86 7.87 1.32
C TYR D 140 -44.00 6.42 1.74
N PHE D 141 -45.24 5.93 1.71
CA PHE D 141 -45.53 4.55 2.08
C PHE D 141 -46.55 3.87 1.18
N GLY D 142 -47.11 4.57 0.19
CA GLY D 142 -48.17 4.03 -0.64
C GLY D 142 -49.54 4.60 -0.39
N GLU D 143 -49.66 5.60 0.48
CA GLU D 143 -50.92 6.28 0.76
C GLU D 143 -52.09 5.30 0.89
N LEU D 144 -51.92 4.36 1.82
CA LEU D 144 -52.97 3.42 2.16
C LEU D 144 -52.71 2.90 3.56
N PRO D 145 -53.74 2.42 4.26
CA PRO D 145 -53.49 1.80 5.57
C PRO D 145 -52.85 0.43 5.44
N LEU D 146 -53.17 -0.32 4.39
CA LEU D 146 -52.53 -1.61 4.15
C LEU D 146 -51.03 -1.43 3.99
N SER D 147 -50.61 -0.54 3.10
CA SER D 147 -49.18 -0.30 2.88
C SER D 147 -48.54 0.30 4.12
N LEU D 148 -49.23 1.23 4.78
CA LEU D 148 -48.69 1.83 6.00
C LEU D 148 -48.41 0.76 7.05
N ALA D 149 -49.35 -0.16 7.25
CA ALA D 149 -49.13 -1.24 8.21
C ALA D 149 -47.99 -2.14 7.76
N ALA D 150 -47.95 -2.50 6.47
CA ALA D 150 -46.91 -3.40 6.00
C ALA D 150 -45.53 -2.79 6.12
N CYS D 151 -45.42 -1.46 6.10
CA CYS D 151 -44.14 -0.79 6.01
C CYS D 151 -43.56 -0.37 7.36
N THR D 152 -44.28 -0.54 8.46
CA THR D 152 -43.90 0.08 9.72
C THR D 152 -44.07 -0.89 10.90
N ASN D 153 -43.67 -2.15 10.73
CA ASN D 153 -43.74 -3.14 11.81
C ASN D 153 -45.18 -3.34 12.29
N GLN D 154 -46.02 -3.83 11.39
CA GLN D 154 -47.39 -4.24 11.73
C GLN D 154 -47.71 -5.53 10.99
N LEU D 155 -47.63 -6.65 11.70
CA LEU D 155 -48.15 -7.92 11.19
C LEU D 155 -49.59 -8.15 11.63
N ALA D 156 -49.89 -7.89 12.90
CA ALA D 156 -51.24 -8.09 13.41
C ALA D 156 -52.23 -7.17 12.70
N ILE D 157 -51.87 -5.89 12.56
CA ILE D 157 -52.79 -4.93 11.96
C ILE D 157 -53.02 -5.25 10.50
N VAL D 158 -51.97 -5.64 9.77
CA VAL D 158 -52.14 -5.97 8.35
C VAL D 158 -52.97 -7.24 8.21
N LYS D 159 -52.76 -8.22 9.09
CA LYS D 159 -53.58 -9.43 9.03
C LYS D 159 -55.04 -9.11 9.29
N PHE D 160 -55.31 -8.24 10.26
CA PHE D 160 -56.68 -7.84 10.53
C PHE D 160 -57.28 -7.04 9.36
N LEU D 161 -56.47 -6.20 8.72
CA LEU D 161 -56.98 -5.33 7.66
C LEU D 161 -57.30 -6.12 6.40
N LEU D 162 -56.41 -7.04 6.00
CA LEU D 162 -56.59 -7.72 4.72
C LEU D 162 -57.93 -8.43 4.64
N GLN D 163 -58.40 -8.98 5.75
CA GLN D 163 -59.69 -9.64 5.79
C GLN D 163 -60.40 -9.29 7.09
N ASN D 164 -61.69 -8.98 7.00
CA ASN D 164 -62.52 -8.69 8.15
C ASN D 164 -63.97 -8.64 7.69
N SER D 165 -64.88 -8.92 8.62
CA SER D 165 -66.30 -9.01 8.29
C SER D 165 -66.82 -7.70 7.73
N TRP D 166 -66.46 -6.58 8.35
CA TRP D 166 -67.08 -5.31 8.00
C TRP D 166 -66.65 -4.84 6.61
N GLN D 167 -65.35 -4.86 6.33
CA GLN D 167 -64.85 -4.40 5.05
C GLN D 167 -63.47 -4.98 4.76
N PRO D 168 -63.39 -6.14 4.10
CA PRO D 168 -62.07 -6.68 3.75
C PRO D 168 -61.28 -5.70 2.90
N ALA D 169 -59.98 -5.63 3.17
CA ALA D 169 -59.08 -4.70 2.48
C ALA D 169 -58.55 -5.36 1.22
N ASP D 170 -58.91 -4.82 0.07
CA ASP D 170 -58.43 -5.35 -1.20
C ASP D 170 -56.91 -5.21 -1.29
N ILE D 171 -56.23 -6.33 -1.49
CA ILE D 171 -54.77 -6.31 -1.58
C ILE D 171 -54.27 -5.93 -2.96
N SER D 172 -55.14 -5.93 -3.96
CA SER D 172 -54.76 -5.62 -5.34
C SER D 172 -54.94 -4.14 -5.68
N ALA D 173 -55.31 -3.31 -4.70
CA ALA D 173 -55.53 -1.90 -4.96
C ALA D 173 -54.28 -1.25 -5.52
N ARG D 174 -54.47 -0.41 -6.54
CA ARG D 174 -53.39 0.34 -7.17
C ARG D 174 -53.61 1.82 -6.91
N ASP D 175 -52.54 2.50 -6.50
CA ASP D 175 -52.61 3.89 -6.08
C ASP D 175 -52.39 4.81 -7.29
N SER D 176 -52.16 6.09 -7.04
CA SER D 176 -51.92 7.04 -8.12
C SER D 176 -50.74 6.60 -8.97
N VAL D 177 -49.63 6.25 -8.32
CA VAL D 177 -48.48 5.68 -9.03
C VAL D 177 -48.67 4.20 -9.32
N GLY D 178 -49.77 3.61 -8.86
CA GLY D 178 -49.95 2.18 -8.96
C GLY D 178 -49.20 1.39 -7.92
N ASN D 179 -48.83 2.01 -6.82
CA ASN D 179 -47.95 1.38 -5.83
C ASN D 179 -48.74 0.35 -5.04
N THR D 180 -48.63 -0.91 -5.44
CA THR D 180 -49.15 -2.02 -4.67
C THR D 180 -48.35 -2.17 -3.38
N VAL D 181 -48.93 -2.92 -2.43
CA VAL D 181 -48.27 -3.12 -1.15
C VAL D 181 -46.89 -3.76 -1.34
N LEU D 182 -46.79 -4.71 -2.27
CA LEU D 182 -45.49 -5.32 -2.56
C LEU D 182 -44.54 -4.30 -3.19
N HIS D 183 -45.03 -3.55 -4.17
CA HIS D 183 -44.20 -2.54 -4.82
C HIS D 183 -43.80 -1.45 -3.83
N ALA D 184 -44.71 -1.07 -2.94
CA ALA D 184 -44.37 -0.11 -1.89
C ALA D 184 -43.30 -0.68 -0.96
N LEU D 185 -43.44 -1.95 -0.58
CA LEU D 185 -42.43 -2.58 0.28
C LEU D 185 -41.07 -2.55 -0.40
N VAL D 186 -41.03 -2.81 -1.70
CA VAL D 186 -39.77 -2.71 -2.45
C VAL D 186 -39.26 -1.28 -2.39
N GLU D 187 -40.14 -0.30 -2.57
CA GLU D 187 -39.72 1.09 -2.60
C GLU D 187 -39.14 1.54 -1.25
N VAL D 188 -39.63 0.97 -0.15
CA VAL D 188 -39.21 1.43 1.18
C VAL D 188 -37.86 0.86 1.59
N ALA D 189 -37.39 -0.20 0.93
CA ALA D 189 -36.14 -0.83 1.34
C ALA D 189 -34.99 0.17 1.29
N ASP D 190 -34.11 0.08 2.29
CA ASP D 190 -32.99 1.01 2.43
C ASP D 190 -31.63 0.32 2.49
N ASN D 191 -31.58 -1.00 2.30
CA ASN D 191 -30.32 -1.75 2.24
C ASN D 191 -29.56 -1.65 3.57
N THR D 192 -30.22 -2.15 4.62
CA THR D 192 -29.60 -2.32 5.92
C THR D 192 -29.90 -3.73 6.43
N VAL D 193 -28.99 -4.27 7.25
CA VAL D 193 -29.13 -5.66 7.66
C VAL D 193 -30.47 -5.89 8.35
N ASP D 194 -30.78 -5.05 9.34
CA ASP D 194 -32.05 -5.21 10.05
C ASP D 194 -33.23 -4.83 9.15
N ASN D 195 -33.11 -3.70 8.45
CA ASN D 195 -34.17 -3.29 7.53
C ASN D 195 -34.37 -4.32 6.43
N THR D 196 -33.27 -4.84 5.87
CA THR D 196 -33.39 -5.85 4.82
C THR D 196 -34.07 -7.10 5.35
N LYS D 197 -33.63 -7.58 6.52
CA LYS D 197 -34.24 -8.76 7.11
C LYS D 197 -35.75 -8.55 7.29
N PHE D 198 -36.12 -7.41 7.88
CA PHE D 198 -37.52 -7.18 8.17
C PHE D 198 -38.35 -7.07 6.89
N VAL D 199 -37.84 -6.36 5.89
CA VAL D 199 -38.62 -6.15 4.68
C VAL D 199 -38.78 -7.47 3.92
N THR D 200 -37.74 -8.30 3.90
CA THR D 200 -37.87 -9.61 3.28
C THR D 200 -38.89 -10.47 4.02
N SER D 201 -38.86 -10.45 5.35
CA SER D 201 -39.84 -11.22 6.11
C SER D 201 -41.25 -10.74 5.84
N MET D 202 -41.44 -9.42 5.79
CA MET D 202 -42.76 -8.86 5.51
C MET D 202 -43.23 -9.26 4.12
N TYR D 203 -42.34 -9.20 3.13
CA TYR D 203 -42.70 -9.60 1.77
C TYR D 203 -43.15 -11.05 1.75
N ASN D 204 -42.38 -11.93 2.41
CA ASN D 204 -42.75 -13.35 2.44
C ASN D 204 -44.12 -13.54 3.08
N GLU D 205 -44.32 -12.93 4.25
CA GLU D 205 -45.57 -13.14 4.98
C GLU D 205 -46.76 -12.62 4.19
N ILE D 206 -46.63 -11.41 3.63
CA ILE D 206 -47.75 -10.83 2.89
C ILE D 206 -48.05 -11.66 1.64
N LEU D 207 -47.02 -12.13 0.94
CA LEU D 207 -47.26 -12.93 -0.26
C LEU D 207 -48.00 -14.21 0.10
N ILE D 208 -47.52 -14.93 1.12
CA ILE D 208 -48.17 -16.19 1.48
C ILE D 208 -49.60 -15.96 1.95
N LEU D 209 -49.83 -14.92 2.75
CA LEU D 209 -51.18 -14.65 3.24
C LEU D 209 -52.11 -14.29 2.09
N GLY D 210 -51.66 -13.44 1.17
CA GLY D 210 -52.49 -13.08 0.03
C GLY D 210 -52.81 -14.28 -0.83
N ALA D 211 -51.84 -15.16 -1.04
CA ALA D 211 -52.10 -16.38 -1.81
C ALA D 211 -53.12 -17.25 -1.10
N LYS D 212 -52.98 -17.43 0.22
CA LYS D 212 -53.91 -18.29 0.94
C LYS D 212 -55.32 -17.74 0.89
N LEU D 213 -55.48 -16.42 1.09
CA LEU D 213 -56.81 -15.83 1.04
C LEU D 213 -57.37 -15.82 -0.37
N HIS D 214 -56.54 -15.44 -1.35
CA HIS D 214 -56.95 -15.36 -2.75
C HIS D 214 -55.94 -16.14 -3.58
N PRO D 215 -56.13 -17.45 -3.76
CA PRO D 215 -55.13 -18.25 -4.46
C PRO D 215 -55.13 -18.04 -5.98
N THR D 216 -56.30 -17.72 -6.54
CA THR D 216 -56.39 -17.52 -7.98
C THR D 216 -55.54 -16.33 -8.42
N LEU D 217 -55.57 -15.24 -7.68
CA LEU D 217 -54.85 -14.04 -8.05
C LEU D 217 -53.35 -14.22 -7.85
N LYS D 218 -52.57 -13.54 -8.69
CA LYS D 218 -51.11 -13.56 -8.62
C LYS D 218 -50.63 -12.12 -8.56
N LEU D 219 -50.16 -11.69 -7.39
CA LEU D 219 -49.76 -10.31 -7.18
C LEU D 219 -48.40 -9.98 -7.80
N GLU D 220 -47.58 -11.00 -8.09
CA GLU D 220 -46.24 -10.73 -8.60
C GLU D 220 -46.29 -10.02 -9.95
N GLU D 221 -47.17 -10.47 -10.85
CA GLU D 221 -47.24 -9.87 -12.18
C GLU D 221 -47.79 -8.45 -12.15
N ILE D 222 -48.37 -8.01 -11.04
CA ILE D 222 -48.92 -6.66 -10.97
C ILE D 222 -47.82 -5.65 -11.27
N THR D 223 -48.17 -4.63 -12.05
CA THR D 223 -47.22 -3.62 -12.48
C THR D 223 -47.79 -2.24 -12.23
N ASN D 224 -46.89 -1.28 -12.05
CA ASN D 224 -47.28 0.10 -11.78
C ASN D 224 -47.72 0.79 -13.07
N ARG D 225 -48.07 2.07 -12.96
CA ARG D 225 -48.45 2.84 -14.14
C ARG D 225 -47.29 2.96 -15.12
N LYS D 226 -46.08 3.14 -14.60
CA LYS D 226 -44.90 3.20 -15.46
C LYS D 226 -44.69 1.91 -16.23
N GLY D 227 -45.26 0.79 -15.76
CA GLY D 227 -45.13 -0.47 -16.45
C GLY D 227 -43.97 -1.31 -15.95
N LEU D 228 -43.78 -1.37 -14.64
CA LEU D 228 -42.69 -2.12 -14.03
C LEU D 228 -43.23 -3.04 -12.94
N THR D 229 -42.71 -4.25 -12.92
CA THR D 229 -43.00 -5.18 -11.83
C THR D 229 -42.14 -4.84 -10.61
N PRO D 230 -42.56 -5.28 -9.41
CA PRO D 230 -41.78 -4.93 -8.21
C PRO D 230 -40.31 -5.33 -8.30
N LEU D 231 -40.03 -6.50 -8.86
CA LEU D 231 -38.63 -6.91 -9.06
C LEU D 231 -37.92 -5.95 -10.00
N ALA D 232 -38.61 -5.49 -11.05
CA ALA D 232 -38.01 -4.56 -11.99
C ALA D 232 -37.58 -3.28 -11.28
N LEU D 233 -38.43 -2.74 -10.41
CA LEU D 233 -38.05 -1.53 -9.68
C LEU D 233 -36.95 -1.83 -8.67
N ALA D 234 -37.02 -2.99 -8.00
CA ALA D 234 -35.95 -3.34 -7.07
C ALA D 234 -34.60 -3.33 -7.78
N ALA D 235 -34.58 -3.79 -9.04
CA ALA D 235 -33.33 -3.77 -9.79
C ALA D 235 -32.98 -2.35 -10.26
N SER D 236 -33.98 -1.59 -10.71
CA SER D 236 -33.70 -0.26 -11.25
C SER D 236 -33.17 0.67 -10.17
N SER D 237 -33.80 0.66 -8.99
CA SER D 237 -33.44 1.59 -7.92
C SER D 237 -32.23 1.15 -7.11
N GLY D 238 -31.71 -0.05 -7.36
CA GLY D 238 -30.53 -0.50 -6.65
C GLY D 238 -30.79 -1.14 -5.31
N LYS D 239 -31.93 -1.81 -5.13
CA LYS D 239 -32.25 -2.47 -3.87
C LYS D 239 -31.69 -3.88 -3.91
N ILE D 240 -30.48 -4.04 -3.37
CA ILE D 240 -29.78 -5.32 -3.47
C ILE D 240 -30.44 -6.38 -2.60
N GLY D 241 -30.82 -6.02 -1.37
CA GLY D 241 -31.32 -7.04 -0.44
C GLY D 241 -32.61 -7.67 -0.91
N VAL D 242 -33.56 -6.84 -1.35
CA VAL D 242 -34.84 -7.35 -1.82
C VAL D 242 -34.65 -8.24 -3.04
N LEU D 243 -33.82 -7.79 -3.98
CA LEU D 243 -33.54 -8.59 -5.16
C LEU D 243 -32.92 -9.92 -4.78
N ALA D 244 -31.94 -9.91 -3.88
CA ALA D 244 -31.28 -11.13 -3.47
C ALA D 244 -32.28 -12.09 -2.84
N TYR D 245 -33.16 -11.58 -1.99
CA TYR D 245 -34.18 -12.45 -1.39
C TYR D 245 -35.10 -13.04 -2.44
N ILE D 246 -35.56 -12.22 -3.39
CA ILE D 246 -36.55 -12.69 -4.35
C ILE D 246 -35.95 -13.72 -5.30
N LEU D 247 -34.74 -13.46 -5.79
CA LEU D 247 -34.19 -14.30 -6.86
C LEU D 247 -34.01 -15.75 -6.41
N GLN D 248 -33.78 -15.97 -5.12
CA GLN D 248 -33.62 -17.31 -4.56
C GLN D 248 -34.66 -17.57 -3.48
N ARG D 249 -35.91 -17.18 -3.75
CA ARG D 249 -36.99 -17.37 -2.80
C ARG D 249 -37.48 -18.81 -2.83
N GLU D 250 -37.99 -19.27 -1.68
CA GLU D 250 -38.49 -20.63 -1.57
C GLU D 250 -39.55 -20.68 -0.48
N ILE D 251 -40.59 -21.51 -0.70
CA ILE D 251 -41.68 -21.70 0.24
C ILE D 251 -41.85 -23.19 0.50
N HIS D 252 -41.84 -23.56 1.79
CA HIS D 252 -41.93 -24.93 2.30
C HIS D 252 -43.31 -25.25 2.88
N GLU D 253 -44.38 -24.74 2.28
CA GLU D 253 -45.73 -24.99 2.80
C GLU D 253 -46.64 -25.44 1.66
N PRO D 254 -47.37 -26.54 1.81
CA PRO D 254 -48.33 -26.93 0.77
C PRO D 254 -49.38 -25.86 0.54
N GLU D 255 -49.99 -25.91 -0.65
CA GLU D 255 -51.02 -25.01 -1.14
C GLU D 255 -50.44 -23.66 -1.58
N CYS D 256 -49.15 -23.40 -1.35
CA CYS D 256 -48.52 -22.19 -1.85
C CYS D 256 -47.11 -22.46 -2.37
N ARG D 257 -46.76 -23.73 -2.61
CA ARG D 257 -45.43 -24.06 -3.11
C ARG D 257 -45.17 -23.43 -4.46
N HIS D 258 -46.21 -23.19 -5.26
CA HIS D 258 -46.03 -22.63 -6.59
C HIS D 258 -45.34 -21.28 -6.54
N LEU D 259 -45.53 -20.52 -5.46
CA LEU D 259 -44.94 -19.19 -5.36
C LEU D 259 -43.43 -19.22 -5.25
N SER D 260 -42.85 -20.38 -4.94
CA SER D 260 -41.41 -20.48 -4.82
C SER D 260 -40.74 -20.33 -6.18
N ARG D 261 -39.45 -19.99 -6.14
CA ARG D 261 -38.65 -19.84 -7.35
C ARG D 261 -37.48 -20.80 -7.43
N LYS D 262 -36.90 -21.20 -6.30
CA LYS D 262 -35.79 -22.14 -6.27
C LYS D 262 -36.26 -23.48 -5.75
N PHE D 263 -35.81 -24.55 -6.40
CA PHE D 263 -36.22 -25.90 -6.03
C PHE D 263 -35.01 -26.82 -5.92
N THR D 264 -35.26 -28.12 -5.75
CA THR D 264 -34.20 -29.13 -5.63
C THR D 264 -34.68 -30.36 -6.40
N GLU D 265 -34.29 -30.45 -7.66
CA GLU D 265 -34.74 -31.55 -8.51
C GLU D 265 -34.30 -32.89 -7.95
N TRP D 266 -33.04 -32.98 -7.53
CA TRP D 266 -32.53 -34.22 -6.95
C TRP D 266 -31.33 -33.89 -6.07
N ALA D 267 -31.29 -34.50 -4.89
CA ALA D 267 -30.17 -34.40 -3.98
C ALA D 267 -29.49 -35.75 -3.87
N TYR D 268 -28.15 -35.75 -3.91
CA TYR D 268 -27.38 -36.99 -3.86
C TYR D 268 -26.25 -36.75 -2.85
N GLY D 269 -26.37 -37.36 -1.68
CA GLY D 269 -25.32 -37.31 -0.69
C GLY D 269 -24.74 -35.91 -0.54
N PRO D 270 -23.46 -35.72 -0.93
CA PRO D 270 -22.89 -34.36 -0.91
C PRO D 270 -23.52 -33.45 -1.94
N VAL D 271 -23.56 -33.92 -3.18
CA VAL D 271 -23.98 -33.09 -4.30
C VAL D 271 -25.50 -33.05 -4.37
N HIS D 272 -26.04 -31.86 -4.63
CA HIS D 272 -27.47 -31.69 -4.78
C HIS D 272 -27.71 -30.59 -5.81
N SER D 273 -28.66 -30.82 -6.72
CA SER D 273 -28.91 -29.94 -7.83
C SER D 273 -30.14 -29.10 -7.54
N SER D 274 -30.03 -27.79 -7.76
CA SER D 274 -31.10 -26.84 -7.53
C SER D 274 -31.47 -26.14 -8.83
N LEU D 275 -32.74 -25.81 -8.96
CA LEU D 275 -33.27 -25.17 -10.16
C LEU D 275 -33.68 -23.74 -9.83
N TYR D 276 -33.44 -22.83 -10.77
CA TYR D 276 -33.70 -21.42 -10.59
C TYR D 276 -34.69 -20.91 -11.62
N ASP D 277 -35.62 -20.07 -11.18
CA ASP D 277 -36.59 -19.46 -12.08
C ASP D 277 -35.92 -18.36 -12.89
N LEU D 278 -35.87 -18.53 -14.20
CA LEU D 278 -35.30 -17.54 -15.10
C LEU D 278 -36.34 -16.65 -15.75
N SER D 279 -37.62 -16.86 -15.46
CA SER D 279 -38.65 -15.98 -15.99
C SER D 279 -38.41 -14.56 -15.51
N CYS D 280 -38.46 -13.61 -16.44
CA CYS D 280 -38.21 -12.19 -16.19
C CYS D 280 -36.75 -11.91 -15.84
N ILE D 281 -35.84 -12.87 -16.08
CA ILE D 281 -34.43 -12.71 -15.77
C ILE D 281 -33.59 -12.58 -17.04
N ASP D 282 -33.58 -13.62 -17.88
CA ASP D 282 -32.76 -13.60 -19.09
C ASP D 282 -33.43 -12.78 -20.18
N THR D 283 -34.63 -13.20 -20.60
CA THR D 283 -35.40 -12.49 -21.62
C THR D 283 -36.82 -12.28 -21.08
N CYS D 284 -36.99 -11.23 -20.29
CA CYS D 284 -38.34 -10.74 -20.00
C CYS D 284 -38.99 -10.15 -21.24
N GLU D 285 -38.17 -9.72 -22.21
CA GLU D 285 -38.61 -9.13 -23.47
C GLU D 285 -39.22 -7.74 -23.24
N LYS D 286 -39.39 -7.34 -21.99
CA LYS D 286 -39.94 -6.02 -21.68
C LYS D 286 -38.96 -5.15 -20.88
N ASN D 287 -38.59 -5.56 -19.67
CA ASN D 287 -37.67 -4.81 -18.83
C ASN D 287 -36.77 -5.76 -18.04
N SER D 288 -36.21 -6.77 -18.73
CA SER D 288 -35.45 -7.82 -18.07
C SER D 288 -34.51 -7.24 -17.01
N VAL D 289 -34.36 -7.99 -15.91
CA VAL D 289 -33.57 -7.50 -14.78
C VAL D 289 -32.14 -7.22 -15.20
N LEU D 290 -31.54 -8.14 -15.96
CA LEU D 290 -30.18 -7.92 -16.43
C LEU D 290 -30.09 -6.65 -17.25
N GLU D 291 -31.05 -6.45 -18.15
CA GLU D 291 -31.09 -5.26 -18.98
C GLU D 291 -31.18 -3.99 -18.13
N VAL D 292 -32.07 -3.99 -17.14
CA VAL D 292 -32.23 -2.82 -16.29
C VAL D 292 -30.95 -2.54 -15.51
N ILE D 293 -30.33 -3.58 -14.96
CA ILE D 293 -29.09 -3.40 -14.22
C ILE D 293 -28.01 -2.83 -15.13
N ALA D 294 -27.98 -3.27 -16.38
CA ALA D 294 -26.93 -2.82 -17.30
C ALA D 294 -27.20 -1.42 -17.83
N TYR D 295 -28.38 -1.20 -18.44
CA TYR D 295 -28.72 0.12 -18.94
C TYR D 295 -28.52 1.21 -17.90
N SER D 296 -29.15 1.02 -16.74
CA SER D 296 -29.32 2.08 -15.76
C SER D 296 -28.07 2.94 -15.65
N SER D 297 -28.27 4.26 -15.70
CA SER D 297 -27.18 5.22 -15.63
C SER D 297 -26.33 4.96 -14.39
N SER D 298 -25.12 5.52 -14.36
CA SER D 298 -24.10 5.08 -13.43
C SER D 298 -24.27 5.60 -12.00
N GLU D 299 -25.43 6.12 -11.62
CA GLU D 299 -25.59 6.67 -10.29
C GLU D 299 -26.19 5.69 -9.29
N THR D 300 -26.71 4.55 -9.72
CA THR D 300 -27.29 3.61 -8.78
C THR D 300 -26.21 3.08 -7.83
N PRO D 301 -26.51 2.90 -6.55
CA PRO D 301 -25.43 2.62 -5.59
C PRO D 301 -24.63 1.36 -5.88
N ASN D 302 -25.30 0.27 -6.24
CA ASN D 302 -24.68 -1.06 -6.23
C ASN D 302 -25.00 -1.81 -7.52
N ARG D 303 -24.79 -1.17 -8.67
CA ARG D 303 -24.95 -1.87 -9.93
C ARG D 303 -24.03 -3.07 -10.03
N HIS D 304 -22.79 -2.96 -9.55
CA HIS D 304 -21.87 -4.08 -9.60
C HIS D 304 -22.28 -5.17 -8.61
N ASP D 305 -22.64 -4.77 -7.39
CA ASP D 305 -22.96 -5.76 -6.36
C ASP D 305 -24.22 -6.56 -6.68
N MET D 306 -25.05 -6.08 -7.61
CA MET D 306 -26.29 -6.75 -7.95
C MET D 306 -26.14 -7.74 -9.10
N LEU D 307 -24.97 -7.83 -9.72
CA LEU D 307 -24.69 -8.83 -10.75
C LEU D 307 -23.91 -10.02 -10.20
N LEU D 308 -23.73 -10.10 -8.88
CA LEU D 308 -23.09 -11.25 -8.25
C LEU D 308 -24.09 -12.18 -7.58
N VAL D 309 -25.38 -11.82 -7.57
CA VAL D 309 -26.38 -12.72 -7.01
C VAL D 309 -26.29 -14.05 -7.76
N GLU D 310 -26.65 -15.12 -7.06
CA GLU D 310 -26.29 -16.48 -7.47
C GLU D 310 -26.60 -16.78 -8.93
N PRO D 311 -27.87 -16.71 -9.36
CA PRO D 311 -28.18 -17.12 -10.74
C PRO D 311 -27.54 -16.25 -11.81
N LEU D 312 -27.35 -14.96 -11.55
CA LEU D 312 -27.02 -14.02 -12.62
C LEU D 312 -25.63 -14.27 -13.19
N ASN D 313 -24.62 -14.42 -12.34
CA ASN D 313 -23.26 -14.61 -12.84
C ASN D 313 -23.14 -15.90 -13.64
N ARG D 314 -23.73 -16.98 -13.13
CA ARG D 314 -23.70 -18.25 -13.85
C ARG D 314 -24.43 -18.14 -15.17
N LEU D 315 -25.56 -17.42 -15.19
CA LEU D 315 -26.30 -17.22 -16.44
C LEU D 315 -25.45 -16.49 -17.46
N LEU D 316 -24.75 -15.43 -17.03
CA LEU D 316 -23.91 -14.67 -17.94
C LEU D 316 -22.77 -15.54 -18.48
N GLN D 317 -22.13 -16.31 -17.60
CA GLN D 317 -21.05 -17.18 -18.05
C GLN D 317 -21.56 -18.23 -19.04
N ASP D 318 -22.75 -18.79 -18.78
CA ASP D 318 -23.31 -19.77 -19.69
C ASP D 318 -23.59 -19.15 -21.05
N LYS D 319 -24.19 -17.96 -21.06
CA LYS D 319 -24.46 -17.30 -22.34
C LYS D 319 -23.16 -17.05 -23.09
N TRP D 320 -22.13 -16.56 -22.38
CA TRP D 320 -20.85 -16.29 -22.98
C TRP D 320 -20.34 -17.55 -23.66
N ASP D 321 -20.05 -18.58 -22.86
CA ASP D 321 -19.49 -19.81 -23.38
C ASP D 321 -20.38 -20.46 -24.43
N ARG D 322 -21.68 -20.15 -24.43
CA ARG D 322 -22.56 -20.69 -25.45
C ARG D 322 -22.26 -20.07 -26.81
N PHE D 323 -22.43 -18.75 -26.92
CA PHE D 323 -22.34 -18.14 -28.24
C PHE D 323 -21.50 -16.87 -28.30
N VAL D 324 -21.40 -16.16 -27.18
CA VAL D 324 -20.91 -14.79 -27.25
C VAL D 324 -19.42 -14.77 -27.59
N LYS D 325 -18.67 -15.77 -27.14
CA LYS D 325 -17.26 -15.86 -27.54
C LYS D 325 -17.13 -15.86 -29.06
N ARG D 326 -17.90 -16.71 -29.72
CA ARG D 326 -17.84 -16.79 -31.18
C ARG D 326 -18.30 -15.49 -31.82
N ILE D 327 -19.37 -14.88 -31.31
CA ILE D 327 -19.85 -13.63 -31.90
C ILE D 327 -18.76 -12.56 -31.79
N PHE D 328 -18.15 -12.45 -30.62
CA PHE D 328 -17.12 -11.45 -30.38
C PHE D 328 -15.92 -11.66 -31.30
N TYR D 329 -15.47 -12.91 -31.42
CA TYR D 329 -14.32 -13.19 -32.27
C TYR D 329 -14.64 -12.89 -33.74
N PHE D 330 -15.85 -13.22 -34.18
CA PHE D 330 -16.24 -12.92 -35.55
C PHE D 330 -16.25 -11.43 -35.80
N ASN D 331 -16.80 -10.65 -34.87
CA ASN D 331 -16.80 -9.20 -35.01
C ASN D 331 -15.37 -8.66 -35.08
N PHE D 332 -14.49 -9.16 -34.21
CA PHE D 332 -13.10 -8.71 -34.21
C PHE D 332 -12.43 -9.00 -35.54
N PHE D 333 -12.63 -10.22 -36.05
CA PHE D 333 -12.01 -10.60 -37.31
C PHE D 333 -12.51 -9.74 -38.47
N VAL D 334 -13.82 -9.53 -38.54
CA VAL D 334 -14.36 -8.75 -39.65
C VAL D 334 -13.90 -7.30 -39.56
N TYR D 335 -13.81 -6.75 -38.35
CA TYR D 335 -13.31 -5.39 -38.21
C TYR D 335 -11.86 -5.28 -38.65
N CYS D 336 -11.03 -6.26 -38.27
CA CYS D 336 -9.64 -6.25 -38.73
C CYS D 336 -9.56 -6.31 -40.25
N LEU D 337 -10.39 -7.15 -40.86
CA LEU D 337 -10.41 -7.25 -42.32
C LEU D 337 -10.78 -5.91 -42.95
N TYR D 338 -11.82 -5.26 -42.40
CA TYR D 338 -12.25 -3.97 -42.94
C TYR D 338 -11.15 -2.94 -42.81
N MET D 339 -10.46 -2.91 -41.66
CA MET D 339 -9.39 -1.94 -41.48
C MET D 339 -8.24 -2.18 -42.45
N ILE D 340 -7.87 -3.45 -42.66
CA ILE D 340 -6.81 -3.75 -43.62
C ILE D 340 -7.20 -3.28 -45.01
N ILE D 341 -8.45 -3.56 -45.41
CA ILE D 341 -8.91 -3.14 -46.72
C ILE D 341 -8.86 -1.62 -46.85
N PHE D 342 -9.31 -0.92 -45.81
CA PHE D 342 -9.30 0.54 -45.84
C PHE D 342 -7.89 1.08 -45.96
N THR D 343 -6.95 0.51 -45.19
CA THR D 343 -5.56 0.97 -45.25
C THR D 343 -4.98 0.74 -46.63
N ALA D 344 -5.22 -0.45 -47.21
CA ALA D 344 -4.71 -0.72 -48.55
C ALA D 344 -5.28 0.23 -49.58
N ALA D 345 -6.59 0.50 -49.50
CA ALA D 345 -7.19 1.42 -50.46
C ALA D 345 -6.64 2.84 -50.30
N ALA D 346 -6.43 3.27 -49.06
CA ALA D 346 -5.96 4.64 -48.83
C ALA D 346 -4.50 4.80 -49.24
N TYR D 347 -3.69 3.74 -49.10
CA TYR D 347 -2.29 3.84 -49.47
C TYR D 347 -2.13 4.20 -50.95
N TYR D 348 -2.95 3.57 -51.81
CA TYR D 348 -2.82 3.70 -53.25
C TYR D 348 -3.59 4.88 -53.81
N ARG D 349 -3.84 5.91 -53.01
CA ARG D 349 -4.61 7.05 -53.50
C ARG D 349 -3.88 7.69 -54.68
N PRO D 350 -4.56 8.00 -55.78
CA PRO D 350 -3.91 8.66 -56.90
C PRO D 350 -3.58 10.11 -56.59
N VAL D 351 -2.61 10.64 -57.33
CA VAL D 351 -2.08 11.97 -57.10
C VAL D 351 -2.36 12.91 -58.29
N GLU D 352 -3.28 12.53 -59.17
CA GLU D 352 -3.54 13.34 -60.35
C GLU D 352 -4.08 14.72 -59.97
N GLY D 353 -5.26 14.77 -59.34
CA GLY D 353 -5.81 16.04 -58.91
C GLY D 353 -7.32 16.16 -58.96
N LEU D 354 -7.88 16.79 -57.92
CA LEU D 354 -9.27 17.26 -57.90
C LEU D 354 -10.25 16.16 -58.27
N PRO D 355 -10.54 15.24 -57.36
CA PRO D 355 -11.51 14.18 -57.64
C PRO D 355 -12.83 14.74 -58.14
N PRO D 356 -13.75 13.89 -58.60
CA PRO D 356 -13.65 12.43 -58.66
C PRO D 356 -12.61 11.94 -59.66
N TYR D 357 -12.19 10.69 -59.51
CA TYR D 357 -11.13 10.11 -60.32
C TYR D 357 -11.75 9.14 -61.32
N LYS D 358 -11.44 9.33 -62.60
CA LYS D 358 -12.02 8.53 -63.66
C LYS D 358 -11.43 7.12 -63.64
N LEU D 359 -12.28 6.13 -63.90
CA LEU D 359 -11.87 4.74 -63.86
C LEU D 359 -11.05 4.38 -65.08
N LYS D 360 -9.85 3.83 -64.86
CA LYS D 360 -9.00 3.34 -65.93
C LYS D 360 -9.06 1.81 -65.94
N ASN D 361 -9.24 1.24 -67.12
CA ASN D 361 -9.42 -0.21 -67.25
C ASN D 361 -8.14 -0.91 -66.83
N THR D 362 -8.16 -1.53 -65.65
CA THR D 362 -7.03 -2.29 -65.13
C THR D 362 -7.49 -2.98 -63.85
N VAL D 363 -6.81 -4.08 -63.50
CA VAL D 363 -7.18 -4.82 -62.30
C VAL D 363 -6.99 -3.95 -61.06
N GLY D 364 -5.88 -3.21 -61.01
CA GLY D 364 -5.62 -2.37 -59.86
C GLY D 364 -6.71 -1.33 -59.63
N ASP D 365 -7.18 -0.70 -60.71
CA ASP D 365 -8.23 0.29 -60.58
C ASP D 365 -9.52 -0.34 -60.09
N TYR D 366 -9.87 -1.52 -60.60
CA TYR D 366 -11.07 -2.20 -60.14
C TYR D 366 -10.97 -2.51 -58.65
N PHE D 367 -9.82 -3.03 -58.22
CA PHE D 367 -9.63 -3.33 -56.80
C PHE D 367 -9.71 -2.08 -55.95
N ARG D 368 -9.14 -0.98 -56.43
CA ARG D 368 -9.18 0.27 -55.68
C ARG D 368 -10.62 0.76 -55.52
N VAL D 369 -11.41 0.71 -56.60
CA VAL D 369 -12.79 1.15 -56.51
C VAL D 369 -13.56 0.25 -55.55
N THR D 370 -13.34 -1.06 -55.62
CA THR D 370 -14.02 -1.98 -54.71
C THR D 370 -13.69 -1.66 -53.27
N GLY D 371 -12.41 -1.42 -52.98
CA GLY D 371 -12.01 -1.10 -51.62
C GLY D 371 -12.60 0.20 -51.12
N GLU D 372 -12.61 1.22 -51.99
CA GLU D 372 -13.22 2.49 -51.61
C GLU D 372 -14.69 2.32 -51.28
N ILE D 373 -15.41 1.57 -52.13
CA ILE D 373 -16.84 1.36 -51.90
C ILE D 373 -17.05 0.63 -50.57
N LEU D 374 -16.25 -0.41 -50.32
CA LEU D 374 -16.40 -1.16 -49.07
C LEU D 374 -16.14 -0.29 -47.85
N SER D 375 -15.09 0.53 -47.92
CA SER D 375 -14.78 1.40 -46.78
C SER D 375 -15.90 2.40 -46.52
N VAL D 376 -16.42 3.01 -47.59
CA VAL D 376 -17.51 3.97 -47.41
C VAL D 376 -18.73 3.27 -46.82
N SER D 377 -19.05 2.06 -47.31
CA SER D 377 -20.19 1.33 -46.78
C SER D 377 -20.01 1.03 -45.30
N GLY D 378 -18.80 0.62 -44.90
CA GLY D 378 -18.55 0.34 -43.49
C GLY D 378 -18.70 1.58 -42.62
N GLY D 379 -18.17 2.71 -43.08
CA GLY D 379 -18.33 3.94 -42.31
C GLY D 379 -19.79 4.33 -42.18
N VAL D 380 -20.55 4.18 -43.27
CA VAL D 380 -21.97 4.48 -43.25
C VAL D 380 -22.69 3.58 -42.25
N TYR D 381 -22.36 2.29 -42.26
CA TYR D 381 -22.95 1.35 -41.31
C TYR D 381 -22.66 1.75 -39.88
N PHE D 382 -21.41 2.15 -39.61
CA PHE D 382 -21.07 2.57 -38.25
C PHE D 382 -21.87 3.80 -37.84
N PHE D 383 -22.02 4.76 -38.75
CA PHE D 383 -22.79 5.96 -38.45
C PHE D 383 -24.21 5.61 -38.06
N PHE D 384 -24.86 4.75 -38.86
CA PHE D 384 -26.23 4.33 -38.57
C PHE D 384 -26.32 3.56 -37.26
N ARG D 385 -25.40 2.63 -37.03
CA ARG D 385 -25.43 1.88 -35.77
C ARG D 385 -25.33 2.82 -34.58
N GLY D 386 -24.42 3.78 -34.64
CA GLY D 386 -24.25 4.70 -33.52
C GLY D 386 -25.47 5.59 -33.30
N ILE D 387 -26.02 6.13 -34.39
CA ILE D 387 -27.16 7.02 -34.23
C ILE D 387 -28.36 6.28 -33.63
N GLN D 388 -28.63 5.06 -34.12
CA GLN D 388 -29.77 4.33 -33.58
C GLN D 388 -29.49 3.78 -32.18
N TYR D 389 -28.24 3.49 -31.86
CA TYR D 389 -27.87 3.19 -30.48
C TYR D 389 -28.23 4.35 -29.57
N PHE D 390 -27.82 5.56 -29.95
CA PHE D 390 -28.16 6.73 -29.14
C PHE D 390 -29.66 6.90 -29.03
N LEU D 391 -30.38 6.67 -30.14
CA LEU D 391 -31.83 6.84 -30.12
C LEU D 391 -32.49 5.87 -29.14
N GLN D 392 -32.07 4.60 -29.15
CA GLN D 392 -32.78 3.60 -28.35
C GLN D 392 -32.31 3.58 -26.90
N ARG D 393 -31.09 4.05 -26.62
CA ARG D 393 -30.63 4.09 -25.22
C ARG D 393 -30.97 5.41 -24.55
N ARG D 394 -30.75 6.53 -25.26
CA ARG D 394 -31.00 7.86 -24.73
C ARG D 394 -30.26 8.06 -23.39
N PRO D 395 -28.94 7.93 -23.39
CA PRO D 395 -28.19 8.12 -22.15
C PRO D 395 -28.11 9.58 -21.75
N SER D 396 -27.80 9.81 -20.47
CA SER D 396 -27.60 11.16 -19.98
C SER D 396 -26.33 11.76 -20.56
N LEU D 397 -26.37 13.08 -20.79
CA LEU D 397 -25.18 13.78 -21.28
C LEU D 397 -24.00 13.58 -20.33
N LYS D 398 -24.26 13.48 -19.03
CA LYS D 398 -23.18 13.26 -18.07
C LYS D 398 -22.57 11.86 -18.23
N SER D 399 -23.34 10.90 -18.72
CA SER D 399 -22.87 9.53 -18.87
C SER D 399 -22.24 9.26 -20.23
N LEU D 400 -22.28 10.23 -21.15
CA LEU D 400 -21.70 10.01 -22.48
C LEU D 400 -20.19 9.77 -22.39
N PHE D 401 -19.50 10.55 -21.56
CA PHE D 401 -18.05 10.47 -21.47
C PHE D 401 -17.60 9.47 -20.40
N VAL D 402 -18.26 9.48 -19.23
CA VAL D 402 -17.92 8.52 -18.19
C VAL D 402 -18.19 7.10 -18.66
N ASP D 403 -19.33 6.89 -19.31
CA ASP D 403 -19.71 5.59 -19.84
C ASP D 403 -19.93 5.71 -21.34
N SER D 404 -19.81 4.57 -22.03
CA SER D 404 -19.99 4.52 -23.48
C SER D 404 -19.04 5.49 -24.17
N TYR D 405 -17.80 5.55 -23.71
CA TYR D 405 -16.81 6.45 -24.27
C TYR D 405 -16.14 5.90 -25.52
N SER D 406 -16.50 4.70 -25.95
CA SER D 406 -16.00 4.11 -27.19
C SER D 406 -16.97 4.27 -28.34
N GLU D 407 -18.28 4.19 -28.06
CA GLU D 407 -19.27 4.41 -29.11
C GLU D 407 -19.16 5.81 -29.68
N ILE D 408 -18.86 6.79 -28.83
CA ILE D 408 -18.69 8.16 -29.32
C ILE D 408 -17.51 8.23 -30.28
N LEU D 409 -16.41 7.55 -29.95
CA LEU D 409 -15.25 7.54 -30.82
C LEU D 409 -15.58 6.90 -32.17
N PHE D 410 -16.29 5.77 -32.14
CA PHE D 410 -16.69 5.13 -33.40
C PHE D 410 -17.58 6.06 -34.22
N PHE D 411 -18.52 6.73 -33.56
CA PHE D 411 -19.44 7.63 -34.27
C PHE D 411 -18.69 8.79 -34.91
N VAL D 412 -17.75 9.39 -34.20
CA VAL D 412 -17.00 10.50 -34.77
C VAL D 412 -16.09 10.03 -35.89
N GLN D 413 -15.56 8.81 -35.80
CA GLN D 413 -14.81 8.25 -36.91
C GLN D 413 -15.70 8.13 -38.16
N SER D 414 -16.92 7.64 -37.97
CA SER D 414 -17.85 7.56 -39.09
C SER D 414 -18.16 8.95 -39.65
N LEU D 415 -18.29 9.94 -38.76
CA LEU D 415 -18.50 11.31 -39.21
C LEU D 415 -17.35 11.79 -40.08
N PHE D 416 -16.11 11.49 -39.66
CA PHE D 416 -14.95 11.86 -40.45
C PHE D 416 -15.01 11.22 -41.83
N MET D 417 -15.36 9.94 -41.89
CA MET D 417 -15.43 9.27 -43.18
C MET D 417 -16.49 9.90 -44.08
N LEU D 418 -17.66 10.20 -43.51
CA LEU D 418 -18.73 10.78 -44.32
C LEU D 418 -18.32 12.16 -44.83
N VAL D 419 -17.69 12.97 -43.98
CA VAL D 419 -17.20 14.28 -44.41
C VAL D 419 -16.18 14.10 -45.52
N SER D 420 -15.33 13.07 -45.42
CA SER D 420 -14.38 12.80 -46.48
C SER D 420 -15.08 12.53 -47.80
N VAL D 421 -16.13 11.73 -47.77
CA VAL D 421 -16.88 11.45 -48.99
C VAL D 421 -17.46 12.73 -49.56
N VAL D 422 -18.08 13.54 -48.69
CA VAL D 422 -18.72 14.78 -49.15
C VAL D 422 -17.70 15.68 -49.83
N LEU D 423 -16.53 15.86 -49.21
CA LEU D 423 -15.51 16.70 -49.81
C LEU D 423 -14.93 16.06 -51.07
N TYR D 424 -14.94 14.72 -51.14
CA TYR D 424 -14.46 14.04 -52.34
C TYR D 424 -15.35 14.35 -53.54
N PHE D 425 -16.67 14.38 -53.33
CA PHE D 425 -17.60 14.65 -54.42
C PHE D 425 -17.86 16.15 -54.60
N SER D 426 -16.92 17.00 -54.17
CA SER D 426 -17.05 18.44 -54.33
C SER D 426 -15.78 19.06 -54.93
N GLN D 427 -14.91 18.24 -55.51
CA GLN D 427 -13.69 18.72 -56.17
C GLN D 427 -12.79 19.50 -55.20
N ARG D 428 -12.46 18.84 -54.10
CA ARG D 428 -11.59 19.41 -53.08
C ARG D 428 -10.49 18.42 -52.73
N LYS D 429 -9.40 18.95 -52.18
CA LYS D 429 -8.21 18.17 -51.90
C LYS D 429 -8.06 17.82 -50.42
N GLU D 430 -9.07 18.10 -49.60
CA GLU D 430 -9.05 17.81 -48.18
C GLU D 430 -9.73 16.48 -47.85
N TYR D 431 -10.23 15.79 -48.87
CA TYR D 431 -10.72 14.43 -48.69
C TYR D 431 -9.62 13.53 -48.15
N VAL D 432 -8.38 13.75 -48.60
CA VAL D 432 -7.26 12.97 -48.11
C VAL D 432 -7.05 13.21 -46.62
N ALA D 433 -7.12 14.47 -46.19
CA ALA D 433 -6.95 14.78 -44.77
C ALA D 433 -8.01 14.09 -43.93
N SER D 434 -9.28 14.20 -44.36
CA SER D 434 -10.34 13.54 -43.61
C SER D 434 -10.16 12.03 -43.60
N MET D 435 -9.75 11.45 -44.73
CA MET D 435 -9.56 10.02 -44.82
C MET D 435 -8.45 9.54 -43.88
N VAL D 436 -7.34 10.27 -43.83
CA VAL D 436 -6.26 9.86 -42.93
C VAL D 436 -6.68 10.01 -41.49
N PHE D 437 -7.44 11.06 -41.17
CA PHE D 437 -7.96 11.19 -39.81
C PHE D 437 -8.79 9.97 -39.43
N SER D 438 -9.73 9.59 -40.29
CA SER D 438 -10.58 8.44 -39.99
C SER D 438 -9.77 7.16 -39.88
N LEU D 439 -8.78 6.98 -40.76
CA LEU D 439 -7.96 5.78 -40.74
C LEU D 439 -7.20 5.66 -39.43
N ALA D 440 -6.52 6.73 -39.02
CA ALA D 440 -5.77 6.71 -37.77
C ALA D 440 -6.71 6.45 -36.60
N MET D 441 -7.87 7.10 -36.59
CA MET D 441 -8.77 6.95 -35.46
C MET D 441 -9.32 5.53 -35.38
N GLY D 442 -9.58 4.89 -36.53
CA GLY D 442 -10.01 3.50 -36.50
C GLY D 442 -8.92 2.58 -35.99
N TRP D 443 -7.68 2.79 -36.45
CA TRP D 443 -6.57 1.99 -35.95
C TRP D 443 -6.46 2.14 -34.43
N THR D 444 -6.72 3.34 -33.92
CA THR D 444 -6.73 3.54 -32.47
C THR D 444 -7.89 2.80 -31.82
N ASN D 445 -9.09 2.93 -32.38
CA ASN D 445 -10.28 2.33 -31.80
C ASN D 445 -10.21 0.82 -31.78
N MET D 446 -9.32 0.22 -32.59
CA MET D 446 -9.15 -1.23 -32.53
C MET D 446 -8.94 -1.73 -31.10
N LEU D 447 -8.52 -0.86 -30.17
CA LEU D 447 -8.27 -1.28 -28.80
C LEU D 447 -9.53 -1.78 -28.10
N TYR D 448 -10.73 -1.47 -28.62
CA TYR D 448 -11.95 -1.84 -27.92
C TYR D 448 -12.02 -3.35 -27.69
N TYR D 449 -11.38 -4.14 -28.55
CA TYR D 449 -11.42 -5.59 -28.44
C TYR D 449 -10.36 -6.14 -27.50
N THR D 450 -9.57 -5.27 -26.85
CA THR D 450 -8.66 -5.75 -25.81
C THR D 450 -9.43 -6.50 -24.73
N ARG D 451 -10.64 -6.03 -24.40
CA ARG D 451 -11.53 -6.77 -23.54
C ARG D 451 -12.00 -8.04 -24.25
N GLY D 452 -12.56 -8.97 -23.47
CA GLY D 452 -12.80 -10.30 -23.97
C GLY D 452 -11.56 -11.17 -24.05
N PHE D 453 -10.40 -10.63 -23.64
CA PHE D 453 -9.13 -11.36 -23.65
C PHE D 453 -8.47 -11.12 -22.29
N GLN D 454 -8.76 -12.00 -21.33
CA GLN D 454 -8.08 -11.95 -20.04
C GLN D 454 -6.60 -11.65 -20.19
N GLN D 455 -5.92 -12.32 -21.14
CA GLN D 455 -4.46 -12.28 -21.20
C GLN D 455 -3.95 -10.86 -21.35
N MET D 456 -4.69 -10.01 -22.08
CA MET D 456 -4.25 -8.65 -22.35
C MET D 456 -4.25 -7.77 -21.11
N GLY D 457 -4.90 -8.19 -20.03
CA GLY D 457 -4.90 -7.40 -18.82
C GLY D 457 -6.20 -7.50 -18.04
N ILE D 458 -6.10 -7.70 -16.73
CA ILE D 458 -7.27 -7.80 -15.88
C ILE D 458 -7.64 -6.44 -15.30
N TYR D 459 -6.65 -5.68 -14.86
CA TYR D 459 -6.86 -4.34 -14.31
C TYR D 459 -6.58 -3.30 -15.39
N ALA D 460 -7.52 -3.19 -16.33
CA ALA D 460 -7.50 -2.13 -17.33
C ALA D 460 -8.52 -1.05 -17.04
N VAL D 461 -8.90 -0.89 -15.76
CA VAL D 461 -9.83 0.15 -15.36
C VAL D 461 -9.15 1.50 -15.16
N MET D 462 -7.83 1.51 -14.97
CA MET D 462 -7.10 2.76 -14.83
C MET D 462 -7.20 3.62 -16.09
N ILE D 463 -7.56 3.02 -17.23
CA ILE D 463 -7.84 3.81 -18.42
C ILE D 463 -8.83 4.91 -18.10
N GLU D 464 -9.90 4.58 -17.37
CA GLU D 464 -10.92 5.57 -17.05
C GLU D 464 -10.47 6.51 -15.96
N LYS D 465 -9.71 6.02 -14.98
CA LYS D 465 -9.14 6.90 -13.96
C LYS D 465 -8.19 7.91 -14.56
N MET D 466 -7.67 7.69 -15.77
CA MET D 466 -6.54 8.50 -16.30
C MET D 466 -6.75 9.21 -17.64
N ILE D 467 -7.35 8.62 -18.67
CA ILE D 467 -7.39 9.23 -19.99
C ILE D 467 -8.24 10.49 -19.96
N LEU D 468 -9.15 10.57 -19.01
CA LEU D 468 -9.94 11.76 -18.78
C LEU D 468 -9.57 12.41 -17.45
N ARG D 469 -9.73 11.66 -16.35
CA ARG D 469 -9.72 12.25 -15.01
C ARG D 469 -8.44 13.00 -14.72
N ASP D 470 -7.33 12.61 -15.35
CA ASP D 470 -6.06 13.29 -15.09
C ASP D 470 -5.47 13.93 -16.33
N LEU D 471 -5.63 13.29 -17.49
CA LEU D 471 -5.11 13.86 -18.73
C LEU D 471 -5.77 15.20 -19.01
N CYS D 472 -7.10 15.29 -18.91
CA CYS D 472 -7.76 16.54 -19.24
C CYS D 472 -7.40 17.63 -18.24
N ARG D 473 -7.38 17.30 -16.96
CA ARG D 473 -6.98 18.27 -15.93
C ARG D 473 -5.59 18.82 -16.23
N PHE D 474 -4.62 17.92 -16.45
CA PHE D 474 -3.26 18.35 -16.67
C PHE D 474 -3.15 19.21 -17.92
N MET D 475 -3.83 18.81 -19.01
CA MET D 475 -3.75 19.59 -20.23
C MET D 475 -4.31 20.99 -20.00
N PHE D 476 -5.44 21.10 -19.32
CA PHE D 476 -6.04 22.40 -19.04
C PHE D 476 -5.08 23.28 -18.25
N VAL D 477 -4.57 22.77 -17.14
CA VAL D 477 -3.71 23.58 -16.27
C VAL D 477 -2.43 23.97 -17.01
N TYR D 478 -1.84 23.02 -17.74
CA TYR D 478 -0.59 23.29 -18.45
C TYR D 478 -0.81 24.34 -19.53
N LEU D 479 -1.94 24.29 -20.22
CA LEU D 479 -2.21 25.29 -21.25
C LEU D 479 -2.38 26.67 -20.63
N VAL D 480 -3.04 26.75 -19.47
CA VAL D 480 -3.18 28.04 -18.79
C VAL D 480 -1.80 28.59 -18.43
N PHE D 481 -0.96 27.75 -17.82
CA PHE D 481 0.39 28.17 -17.49
C PHE D 481 1.15 28.63 -18.73
N LEU D 482 1.05 27.85 -19.81
CA LEU D 482 1.71 28.18 -21.05
C LEU D 482 1.32 29.56 -21.54
N PHE D 483 0.01 29.83 -21.59
CA PHE D 483 -0.47 31.11 -22.08
C PHE D 483 0.06 32.24 -21.22
N GLY D 484 -0.08 32.12 -19.90
CA GLY D 484 0.33 33.21 -19.03
C GLY D 484 1.82 33.52 -19.14
N PHE D 485 2.65 32.48 -19.02
CA PHE D 485 4.09 32.70 -19.05
C PHE D 485 4.56 33.14 -20.42
N SER D 486 3.95 32.64 -21.49
CA SER D 486 4.32 33.08 -22.83
C SER D 486 3.98 34.56 -23.03
N THR D 487 2.81 34.99 -22.53
CA THR D 487 2.48 36.40 -22.61
C THR D 487 3.49 37.25 -21.85
N ALA D 488 3.86 36.82 -20.64
CA ALA D 488 4.86 37.56 -19.87
C ALA D 488 6.17 37.66 -20.64
N VAL D 489 6.65 36.53 -21.17
CA VAL D 489 7.93 36.51 -21.85
C VAL D 489 7.91 37.39 -23.08
N VAL D 490 6.87 37.27 -23.91
CA VAL D 490 6.80 38.08 -25.12
C VAL D 490 6.69 39.55 -24.78
N THR D 491 6.01 39.88 -23.68
CA THR D 491 5.99 41.26 -23.22
C THR D 491 7.41 41.73 -22.87
N LEU D 492 8.18 40.87 -22.22
CA LEU D 492 9.55 41.26 -21.86
C LEU D 492 10.42 41.46 -23.10
N ILE D 493 10.17 40.68 -24.16
CA ILE D 493 11.03 40.75 -25.34
C ILE D 493 10.95 42.14 -25.96
N GLU D 494 12.06 42.56 -26.56
CA GLU D 494 12.18 43.89 -27.15
C GLU D 494 11.81 43.88 -28.63
N ASP D 495 12.56 43.13 -29.43
CA ASP D 495 12.33 43.01 -30.86
C ASP D 495 12.77 41.61 -31.30
N GLY D 496 12.79 41.39 -32.61
CA GLY D 496 13.29 40.16 -33.16
C GLY D 496 12.21 39.17 -33.55
N LYS D 497 12.57 37.89 -33.57
CA LYS D 497 11.63 36.85 -33.96
C LYS D 497 10.58 36.57 -32.88
N TYR D 498 10.95 36.78 -31.62
CA TYR D 498 10.14 36.34 -30.49
C TYR D 498 9.39 37.48 -29.82
N ASN D 499 9.17 38.59 -30.53
CA ASN D 499 8.23 39.60 -30.06
C ASN D 499 6.80 39.28 -30.46
N SER D 500 6.55 38.04 -30.89
CA SER D 500 5.22 37.55 -31.21
C SER D 500 4.88 36.38 -30.30
N LEU D 501 3.60 36.27 -29.95
CA LEU D 501 3.19 35.28 -28.95
C LEU D 501 3.44 33.86 -29.44
N TYR D 502 3.07 33.55 -30.68
CA TYR D 502 3.14 32.17 -31.15
C TYR D 502 4.58 31.68 -31.15
N SER D 503 5.51 32.50 -31.63
CA SER D 503 6.90 32.08 -31.70
C SER D 503 7.44 31.79 -30.31
N THR D 504 7.07 32.61 -29.32
CA THR D 504 7.52 32.39 -27.96
C THR D 504 6.91 31.16 -27.32
N CYS D 505 5.60 30.94 -27.49
CA CYS D 505 4.98 29.75 -26.94
C CYS D 505 5.49 28.48 -27.58
N LEU D 506 5.75 28.49 -28.88
CA LEU D 506 6.27 27.31 -29.57
C LEU D 506 7.62 26.87 -29.06
N GLU D 507 8.41 27.80 -28.49
CA GLU D 507 9.75 27.53 -28.01
C GLU D 507 9.78 27.27 -26.50
N LEU D 508 8.93 27.98 -25.76
CA LEU D 508 8.71 27.67 -24.36
C LEU D 508 8.10 26.28 -24.21
N PHE D 509 7.37 25.82 -25.23
CA PHE D 509 6.92 24.44 -25.29
C PHE D 509 8.09 23.48 -25.49
N LYS D 510 9.05 23.88 -26.32
CA LYS D 510 10.16 22.99 -26.65
C LYS D 510 11.10 22.82 -25.46
N PHE D 511 11.41 23.92 -24.76
CA PHE D 511 12.30 23.82 -23.61
C PHE D 511 11.79 22.77 -22.63
N THR D 512 10.48 22.77 -22.38
CA THR D 512 9.92 21.95 -21.31
C THR D 512 10.15 20.46 -21.58
N ILE D 513 9.98 20.04 -22.84
CA ILE D 513 9.93 18.62 -23.14
C ILE D 513 11.30 18.03 -23.47
N GLY D 514 12.36 18.81 -23.38
CA GLY D 514 13.70 18.30 -23.61
C GLY D 514 14.14 18.31 -25.05
N MET D 515 13.24 18.55 -26.01
CA MET D 515 13.67 18.90 -27.35
C MET D 515 14.61 20.10 -27.31
N GLY D 516 14.45 20.96 -26.32
CA GLY D 516 15.21 22.19 -26.30
C GLY D 516 14.95 22.94 -27.61
N ASP D 517 15.76 23.96 -27.83
CA ASP D 517 15.72 24.69 -29.08
C ASP D 517 16.97 25.55 -29.18
N LEU D 518 17.18 26.12 -30.35
CA LEU D 518 18.26 27.08 -30.54
C LEU D 518 18.20 28.11 -29.42
N GLU D 519 19.32 28.28 -28.71
CA GLU D 519 19.31 29.04 -27.47
C GLU D 519 19.05 30.51 -27.79
N PHE D 520 17.80 30.93 -27.65
CA PHE D 520 17.47 32.35 -27.66
C PHE D 520 17.51 32.93 -26.26
N THR D 521 18.06 32.20 -25.29
CA THR D 521 18.36 32.77 -23.99
C THR D 521 19.56 33.67 -24.19
N GLU D 522 19.37 34.78 -24.90
CA GLU D 522 20.46 35.64 -25.34
C GLU D 522 19.85 36.79 -26.15
N ASN D 523 20.65 37.82 -26.36
CA ASN D 523 20.31 38.91 -27.28
C ASN D 523 19.16 39.76 -26.76
N TYR D 524 19.18 40.12 -25.48
CA TYR D 524 18.21 41.07 -24.94
C TYR D 524 18.55 41.35 -23.48
N ASP D 525 18.00 42.45 -22.99
CA ASP D 525 18.23 42.90 -21.62
C ASP D 525 17.38 42.10 -20.64
N PHE D 526 17.62 42.33 -19.36
CA PHE D 526 16.93 41.59 -18.29
C PHE D 526 17.15 40.09 -18.44
N LYS D 527 18.40 39.71 -18.74
CA LYS D 527 18.74 38.31 -18.93
C LYS D 527 18.32 37.47 -17.72
N ALA D 528 18.69 37.91 -16.52
CA ALA D 528 18.36 37.16 -15.32
C ALA D 528 16.87 37.00 -15.15
N VAL D 529 16.10 38.05 -15.47
CA VAL D 529 14.65 37.99 -15.35
C VAL D 529 14.10 36.90 -16.25
N PHE D 530 14.56 36.86 -17.51
CA PHE D 530 14.08 35.84 -18.44
C PHE D 530 14.42 34.44 -17.95
N ILE D 531 15.67 34.24 -17.52
CA ILE D 531 16.07 32.91 -17.07
C ILE D 531 15.24 32.49 -15.87
N ILE D 532 14.96 33.43 -14.96
CA ILE D 532 14.16 33.13 -13.78
C ILE D 532 12.75 32.69 -14.19
N LEU D 533 12.15 33.44 -15.11
CA LEU D 533 10.80 33.10 -15.57
C LEU D 533 10.78 31.73 -16.22
N LEU D 534 11.78 31.45 -17.06
CA LEU D 534 11.84 30.16 -17.75
C LEU D 534 11.95 29.01 -16.76
N LEU D 535 12.84 29.16 -15.77
CA LEU D 535 12.99 28.14 -14.74
C LEU D 535 11.68 27.92 -14.01
N ALA D 536 11.00 29.02 -13.63
CA ALA D 536 9.74 28.91 -12.91
C ALA D 536 8.72 28.12 -13.73
N TYR D 537 8.55 28.47 -15.00
CA TYR D 537 7.58 27.79 -15.84
C TYR D 537 7.86 26.30 -15.91
N VAL D 538 9.10 25.94 -16.27
CA VAL D 538 9.45 24.54 -16.46
C VAL D 538 9.24 23.75 -15.17
N ILE D 539 9.79 24.27 -14.07
CA ILE D 539 9.62 23.61 -12.78
C ILE D 539 8.14 23.39 -12.51
N LEU D 540 7.36 24.47 -12.44
CA LEU D 540 5.96 24.37 -12.06
C LEU D 540 5.23 23.30 -12.87
N THR D 541 5.42 23.30 -14.19
CA THR D 541 4.68 22.31 -14.99
C THR D 541 5.10 20.89 -14.63
N TYR D 542 6.39 20.66 -14.43
CA TYR D 542 6.80 19.29 -14.09
C TYR D 542 6.36 18.90 -12.67
N ILE D 543 6.31 19.87 -11.75
CA ILE D 543 5.76 19.62 -10.43
C ILE D 543 4.31 19.14 -10.54
N LEU D 544 3.53 19.83 -11.37
CA LEU D 544 2.14 19.44 -11.58
C LEU D 544 2.02 18.02 -12.13
N LEU D 545 2.83 17.70 -13.13
CA LEU D 545 2.81 16.34 -13.67
C LEU D 545 3.15 15.32 -12.60
N LEU D 546 4.18 15.60 -11.82
CA LEU D 546 4.61 14.69 -10.76
C LEU D 546 3.46 14.44 -9.79
N ASN D 547 2.69 15.48 -9.48
CA ASN D 547 1.52 15.29 -8.62
C ASN D 547 0.47 14.40 -9.25
N MET D 548 0.14 14.63 -10.52
CA MET D 548 -0.84 13.76 -11.16
C MET D 548 -0.44 12.31 -11.03
N LEU D 549 0.84 12.01 -11.25
CA LEU D 549 1.29 10.62 -11.20
C LEU D 549 1.24 10.08 -9.77
N ILE D 550 1.64 10.88 -8.79
CA ILE D 550 1.58 10.44 -7.40
C ILE D 550 0.16 10.09 -7.01
N ALA D 551 -0.80 10.96 -7.39
CA ALA D 551 -2.20 10.69 -7.09
C ALA D 551 -2.66 9.41 -7.76
N LEU D 552 -2.27 9.20 -9.01
CA LEU D 552 -2.62 7.95 -9.69
C LEU D 552 -2.19 6.74 -8.88
N MET D 553 -0.92 6.71 -8.47
CA MET D 553 -0.41 5.53 -7.76
C MET D 553 -1.11 5.35 -6.42
N GLY D 554 -1.26 6.46 -5.67
CA GLY D 554 -1.88 6.37 -4.36
C GLY D 554 -3.33 5.93 -4.43
N GLU D 555 -4.03 6.28 -5.51
CA GLU D 555 -5.40 5.79 -5.68
C GLU D 555 -5.41 4.32 -6.08
N THR D 556 -4.51 3.93 -6.98
CA THR D 556 -4.53 2.56 -7.49
C THR D 556 -4.19 1.54 -6.42
N VAL D 557 -3.34 1.88 -5.44
CA VAL D 557 -2.98 0.84 -4.47
C VAL D 557 -4.22 0.33 -3.74
N ASN D 558 -5.08 1.22 -3.22
CA ASN D 558 -6.26 0.79 -2.50
C ASN D 558 -7.47 0.52 -3.40
N LYS D 559 -7.53 1.11 -4.60
CA LYS D 559 -8.55 0.63 -5.53
C LYS D 559 -8.32 -0.83 -5.88
N ILE D 560 -7.11 -1.34 -5.64
CA ILE D 560 -6.77 -2.71 -5.99
C ILE D 560 -6.65 -3.60 -4.75
N ALA D 561 -6.82 -3.02 -3.56
CA ALA D 561 -6.79 -3.77 -2.29
C ALA D 561 -8.18 -3.67 -1.66
N GLN D 562 -9.16 -3.10 -2.36
CA GLN D 562 -10.54 -2.92 -1.86
C GLN D 562 -11.53 -3.76 -2.65
N GLU D 563 -11.32 -3.89 -3.97
CA GLU D 563 -12.23 -4.64 -4.87
C GLU D 563 -11.39 -5.32 -5.97
N LEU D 570 -16.87 -7.62 -13.87
CA LEU D 570 -18.12 -6.98 -14.35
C LEU D 570 -17.88 -6.36 -15.73
N GLN D 571 -16.64 -6.19 -16.16
CA GLN D 571 -16.34 -5.70 -17.53
C GLN D 571 -17.05 -6.61 -18.53
N ARG D 572 -16.96 -7.92 -18.36
CA ARG D 572 -17.62 -8.92 -19.21
C ARG D 572 -19.13 -8.94 -19.01
N ALA D 573 -19.61 -8.57 -17.82
CA ALA D 573 -21.06 -8.50 -17.63
C ALA D 573 -21.70 -7.56 -18.65
N ILE D 574 -21.02 -6.47 -18.99
CA ILE D 574 -21.55 -5.58 -20.02
C ILE D 574 -21.19 -6.05 -21.43
N THR D 575 -19.97 -6.55 -21.63
CA THR D 575 -19.58 -7.02 -22.95
C THR D 575 -20.57 -8.07 -23.46
N ILE D 576 -20.94 -9.02 -22.59
CA ILE D 576 -21.80 -10.12 -22.99
C ILE D 576 -23.15 -9.61 -23.46
N LEU D 577 -23.75 -8.70 -22.69
CA LEU D 577 -25.05 -8.17 -23.07
C LEU D 577 -24.99 -7.40 -24.38
N ASP D 578 -23.97 -6.55 -24.53
CA ASP D 578 -23.87 -5.76 -25.76
C ASP D 578 -23.72 -6.67 -26.98
N THR D 579 -22.86 -7.69 -26.88
CA THR D 579 -22.69 -8.60 -28.01
C THR D 579 -23.96 -9.41 -28.27
N GLU D 580 -24.64 -9.85 -27.20
CA GLU D 580 -25.92 -10.52 -27.38
C GLU D 580 -26.87 -9.67 -28.21
N LYS D 581 -26.89 -8.38 -27.92
CA LYS D 581 -27.76 -7.41 -28.60
C LYS D 581 -27.20 -6.81 -29.88
N SER D 582 -26.01 -7.19 -30.31
CA SER D 582 -25.58 -6.90 -31.68
C SER D 582 -26.74 -6.97 -32.66
N ALA D 590 -30.47 -20.65 -30.16
CA ALA D 590 -29.31 -20.88 -29.31
C ALA D 590 -29.11 -19.72 -28.34
N PHE D 591 -30.21 -19.07 -27.97
CA PHE D 591 -30.17 -17.92 -27.08
C PHE D 591 -31.30 -17.99 -26.05
N ARG D 592 -31.50 -19.17 -25.48
CA ARG D 592 -32.60 -19.41 -24.54
C ARG D 592 -32.12 -19.50 -23.10
N SER D 593 -31.12 -20.33 -22.82
CA SER D 593 -30.55 -20.50 -21.48
C SER D 593 -31.51 -21.20 -20.52
N GLY D 594 -32.40 -22.04 -21.03
CA GLY D 594 -33.31 -22.79 -20.17
C GLY D 594 -34.03 -23.84 -20.99
N LYS D 595 -34.79 -24.69 -20.30
CA LYS D 595 -35.37 -25.85 -20.97
C LYS D 595 -36.81 -26.18 -20.60
N LEU D 596 -37.53 -25.29 -19.89
CA LEU D 596 -38.94 -25.52 -19.54
C LEU D 596 -39.11 -26.82 -18.75
N LEU D 597 -38.53 -26.82 -17.55
CA LEU D 597 -38.68 -27.96 -16.66
C LEU D 597 -40.06 -27.95 -16.02
N GLN D 598 -40.36 -29.00 -15.25
CA GLN D 598 -41.61 -29.14 -14.53
C GLN D 598 -41.33 -29.09 -13.05
N VAL D 599 -42.08 -28.28 -12.32
CA VAL D 599 -41.80 -28.04 -10.90
C VAL D 599 -43.06 -28.27 -10.08
N GLY D 600 -43.98 -29.10 -10.59
CA GLY D 600 -45.19 -29.43 -9.87
C GLY D 600 -46.43 -28.91 -10.56
N PHE D 601 -47.36 -28.33 -9.79
CA PHE D 601 -48.59 -27.78 -10.32
C PHE D 601 -48.94 -26.51 -9.55
N THR D 602 -49.97 -25.82 -10.04
CA THR D 602 -50.46 -24.57 -9.49
C THR D 602 -51.44 -24.89 -8.36
N PRO D 603 -52.08 -23.89 -7.74
CA PRO D 603 -53.20 -24.21 -6.84
C PRO D 603 -54.23 -25.09 -7.54
N ASP D 604 -54.40 -24.88 -8.85
CA ASP D 604 -55.15 -25.80 -9.68
C ASP D 604 -54.24 -26.97 -10.05
N GLY D 605 -54.73 -27.90 -10.86
CA GLY D 605 -53.98 -29.11 -11.16
C GLY D 605 -53.28 -29.09 -12.50
N LYS D 606 -52.65 -27.98 -12.84
CA LYS D 606 -52.03 -27.78 -14.15
C LYS D 606 -50.52 -27.78 -14.04
N ASP D 607 -49.87 -28.42 -15.00
CA ASP D 607 -48.41 -28.43 -15.06
C ASP D 607 -47.86 -27.02 -15.12
N ASP D 608 -46.81 -26.75 -14.36
CA ASP D 608 -46.21 -25.43 -14.26
C ASP D 608 -44.84 -25.43 -14.90
N TYR D 609 -44.59 -24.47 -15.80
CA TYR D 609 -43.37 -24.38 -16.59
C TYR D 609 -42.78 -22.99 -16.40
N ARG D 610 -41.52 -22.92 -15.98
CA ARG D 610 -40.94 -21.63 -15.61
C ARG D 610 -39.48 -21.47 -16.03
N TRP D 611 -39.03 -22.18 -17.06
CA TRP D 611 -37.69 -21.99 -17.61
C TRP D 611 -36.62 -22.16 -16.54
N CYS D 612 -36.57 -23.35 -15.94
CA CYS D 612 -35.59 -23.59 -14.89
C CYS D 612 -34.18 -23.64 -15.45
N PHE D 613 -33.23 -23.11 -14.68
CA PHE D 613 -31.81 -23.15 -15.02
C PHE D 613 -31.13 -24.12 -14.07
N ARG D 614 -30.73 -25.28 -14.58
CA ARG D 614 -30.11 -26.30 -13.75
C ARG D 614 -28.80 -25.77 -13.16
N VAL D 615 -28.64 -25.97 -11.86
CA VAL D 615 -27.42 -25.59 -11.14
C VAL D 615 -27.15 -26.65 -10.09
N ASP D 616 -25.90 -27.10 -10.00
CA ASP D 616 -25.50 -28.13 -9.05
C ASP D 616 -24.28 -27.64 -8.27
N GLU D 617 -24.35 -27.72 -6.94
CA GLU D 617 -23.29 -27.29 -6.07
C GLU D 617 -22.82 -28.45 -5.22
N VAL D 618 -21.50 -28.56 -5.04
CA VAL D 618 -20.89 -29.63 -4.26
C VAL D 618 -20.73 -29.12 -2.83
N ASN D 619 -21.45 -29.75 -1.90
CA ASN D 619 -21.40 -29.37 -0.49
C ASN D 619 -21.09 -30.61 0.34
N TRP D 620 -20.41 -30.39 1.47
CA TRP D 620 -19.88 -31.49 2.27
C TRP D 620 -20.17 -31.30 3.76
N THR D 621 -21.30 -30.68 4.09
CA THR D 621 -21.69 -30.53 5.47
C THR D 621 -23.21 -30.37 5.56
N THR D 622 -23.72 -30.41 6.79
CA THR D 622 -25.15 -30.30 7.05
C THR D 622 -25.93 -31.38 6.31
N TRP D 623 -25.62 -32.63 6.67
CA TRP D 623 -26.27 -33.79 6.08
C TRP D 623 -27.34 -34.33 7.01
#